data_7BCQ
#
_entry.id   7BCQ
#
_cell.length_a   1.00
_cell.length_b   1.00
_cell.length_c   1.00
_cell.angle_alpha   90.00
_cell.angle_beta   90.00
_cell.angle_gamma   90.00
#
_symmetry.space_group_name_H-M   'P 1'
#
loop_
_entity.id
_entity.type
_entity.pdbx_description
1 polymer 'Neutral amino acid transporter B(0)'
2 non-polymer '4-(4-phenylphenyl)carbonyloxypyrrolidine-2-carboxylic acid'
#
_entity_poly.entity_id   1
_entity_poly.type   'polypeptide(L)'
_entity_poly.pdbx_seq_one_letter_code
;MVADPPRDSKGLAAAEPTANGGLALASIEDQGAAAGGYCGSRDQVRRCLRANLLVLLTVVAVVAGVALGLGVSGAGGALA
LGPERLSAFVFPGELLLRLLRMIILPLVVCSLIGGAASLDPGALGRLGAWALLFFLVTTLLASALGVGLALALQPGAASA
AINASVGAAGSAENAPSKEVLDSFLDLARNIFPSNLVSAAFRSYSTTYEERNITGTRVKVPVGQEVEGMNILGLVVFAIV
FGVALRKLGPEGELLIRFFNSFNEATMVLVSWIMWYAPVGIMFLVAGKIVEMEDVGLLFARLGKYILCCLLGHAIHGLLV
LPLIYFLFTRKNPYRFLWGIVTPLATAFGTSSSSATLPLMMKCVEENNGVAKHISRFILPIGATVNMDGAALFQCVAAVF
IAQLSQQSLDFVKIITILVTATASSVGAAGIPAGGVLTLAIILEAVNLPVDHISLILAVDWLVDRSCTVLNVEGDALGAG
LLQNYVDRTESRSTEPELIQVKSELPLDPLPVPTEEGNPLLKHYRGPAGDATVASEKESVM
;
_entity_poly.pdbx_strand_id   A,B,C
#
loop_
_chem_comp.id
_chem_comp.type
_chem_comp.name
_chem_comp.formula
TG2 non-polymer '4-(4-phenylphenyl)carbonyloxypyrrolidine-2-carboxylic acid' 'C18 H17 N O4'
#
# COMPACT_ATOMS: atom_id res chain seq x y z
N ARG A 47 -31.47 31.88 -9.91
CA ARG A 47 -32.34 30.75 -9.61
C ARG A 47 -32.20 30.36 -8.13
N CYS A 48 -32.90 31.09 -7.26
CA CYS A 48 -32.76 30.87 -5.82
C CYS A 48 -33.28 29.49 -5.42
N LEU A 49 -34.40 29.06 -5.99
CA LEU A 49 -35.05 27.81 -5.59
C LEU A 49 -34.14 26.61 -5.83
N ARG A 50 -33.47 26.58 -6.99
CA ARG A 50 -32.54 25.49 -7.29
C ARG A 50 -31.17 25.70 -6.66
N ALA A 51 -30.74 26.95 -6.51
CA ALA A 51 -29.42 27.22 -5.95
C ALA A 51 -29.35 26.80 -4.48
N ASN A 52 -30.40 27.11 -3.73
CA ASN A 52 -30.38 26.94 -2.27
C ASN A 52 -30.94 25.60 -1.82
N LEU A 53 -31.26 24.71 -2.76
CA LEU A 53 -31.85 23.42 -2.43
C LEU A 53 -30.91 22.60 -1.57
N LEU A 54 -29.62 22.60 -1.91
CA LEU A 54 -28.65 21.80 -1.18
C LEU A 54 -28.48 22.29 0.25
N VAL A 55 -28.41 23.61 0.44
CA VAL A 55 -28.25 24.18 1.76
C VAL A 55 -29.47 23.84 2.62
N LEU A 56 -30.66 24.00 2.04
CA LEU A 56 -31.88 23.59 2.73
C LEU A 56 -31.84 22.12 3.08
N LEU A 57 -31.34 21.29 2.16
CA LEU A 57 -31.40 19.86 2.35
C LEU A 57 -30.46 19.41 3.45
N THR A 58 -29.26 19.98 3.51
CA THR A 58 -28.33 19.55 4.55
C THR A 58 -28.69 20.12 5.91
N VAL A 59 -29.25 21.33 5.98
CA VAL A 59 -29.71 21.83 7.27
C VAL A 59 -30.88 20.99 7.77
N VAL A 60 -31.81 20.65 6.88
CA VAL A 60 -32.91 19.77 7.23
C VAL A 60 -32.39 18.40 7.63
N ALA A 61 -31.32 17.95 6.99
CA ALA A 61 -30.75 16.65 7.34
C ALA A 61 -30.20 16.66 8.75
N VAL A 62 -29.47 17.71 9.12
CA VAL A 62 -28.92 17.80 10.47
C VAL A 62 -30.04 17.87 11.50
N VAL A 63 -31.04 18.72 11.24
CA VAL A 63 -32.14 18.89 12.19
C VAL A 63 -32.94 17.61 12.33
N ALA A 64 -33.27 16.96 11.21
CA ALA A 64 -34.03 15.74 11.25
C ALA A 64 -33.23 14.61 11.85
N GLY A 65 -31.91 14.59 11.67
CA GLY A 65 -31.10 13.59 12.31
C GLY A 65 -31.08 13.75 13.81
N VAL A 66 -30.99 14.99 14.28
CA VAL A 66 -31.09 15.26 15.71
C VAL A 66 -32.43 14.81 16.25
N ALA A 67 -33.51 15.14 15.55
CA ALA A 67 -34.84 14.76 15.99
C ALA A 67 -35.01 13.25 16.01
N LEU A 68 -34.52 12.57 14.97
CA LEU A 68 -34.62 11.12 14.88
C LEU A 68 -33.86 10.45 16.01
N GLY A 69 -32.64 10.91 16.27
CA GLY A 69 -31.85 10.30 17.33
C GLY A 69 -32.43 10.53 18.70
N LEU A 70 -32.91 11.76 18.97
CA LEU A 70 -33.52 12.03 20.26
C LEU A 70 -34.80 11.22 20.44
N GLY A 71 -35.61 11.11 19.39
CA GLY A 71 -36.83 10.33 19.49
C GLY A 71 -36.54 8.86 19.70
N VAL A 72 -35.52 8.33 19.03
CA VAL A 72 -35.17 6.93 19.20
C VAL A 72 -34.63 6.67 20.60
N SER A 73 -33.78 7.57 21.10
CA SER A 73 -33.22 7.39 22.44
C SER A 73 -34.30 7.51 23.50
N GLY A 74 -35.23 8.44 23.33
CA GLY A 74 -36.33 8.56 24.28
C GLY A 74 -37.28 7.38 24.23
N ALA A 75 -37.56 6.88 23.02
CA ALA A 75 -38.49 5.77 22.84
C ALA A 75 -37.89 4.41 23.21
N GLY A 76 -36.61 4.36 23.60
CA GLY A 76 -35.96 3.13 24.03
C GLY A 76 -34.53 3.02 23.55
N GLY A 77 -34.28 3.57 22.36
CA GLY A 77 -32.92 3.59 21.84
C GLY A 77 -32.36 2.19 21.62
N ALA A 78 -31.19 1.95 22.22
CA ALA A 78 -30.48 0.68 22.05
C ALA A 78 -31.33 -0.51 22.44
N LEU A 79 -32.16 -0.35 23.48
CA LEU A 79 -33.04 -1.42 23.93
C LEU A 79 -33.98 -1.87 22.82
N ALA A 80 -34.50 -0.93 22.04
CA ALA A 80 -35.34 -1.25 20.89
C ALA A 80 -34.54 -1.51 19.62
N LEU A 81 -33.24 -1.20 19.61
CA LEU A 81 -32.43 -1.20 18.39
C LEU A 81 -31.56 -2.44 18.29
N GLY A 82 -30.67 -2.64 19.26
CA GLY A 82 -29.68 -3.70 19.21
C GLY A 82 -28.43 -3.22 18.49
N PRO A 83 -27.28 -3.85 18.74
CA PRO A 83 -26.04 -3.40 18.07
C PRO A 83 -26.07 -3.58 16.56
N GLU A 84 -26.74 -4.64 16.08
CA GLU A 84 -26.77 -4.88 14.64
C GLU A 84 -27.53 -3.77 13.91
N ARG A 85 -28.68 -3.38 14.45
CA ARG A 85 -29.43 -2.28 13.84
C ARG A 85 -28.74 -0.95 14.10
N LEU A 86 -27.98 -0.83 15.20
CA LEU A 86 -27.16 0.36 15.38
C LEU A 86 -26.13 0.49 14.27
N SER A 87 -25.47 -0.63 13.93
CA SER A 87 -24.50 -0.61 12.86
C SER A 87 -25.16 -0.27 11.53
N ALA A 88 -26.33 -0.85 11.26
CA ALA A 88 -27.03 -0.51 10.01
C ALA A 88 -27.54 0.92 10.00
N PHE A 89 -27.81 1.50 11.18
CA PHE A 89 -28.31 2.86 11.28
C PHE A 89 -27.19 3.88 11.11
N VAL A 90 -26.01 3.57 11.65
CA VAL A 90 -24.85 4.43 11.47
C VAL A 90 -24.20 4.23 10.10
N PHE A 91 -24.45 3.09 9.44
CA PHE A 91 -23.70 2.73 8.24
C PHE A 91 -23.75 3.74 7.11
N PRO A 92 -24.88 4.42 6.83
CA PRO A 92 -24.81 5.52 5.86
C PRO A 92 -23.81 6.61 6.21
N GLY A 93 -23.64 6.90 7.50
CA GLY A 93 -22.61 7.84 7.89
C GLY A 93 -21.22 7.34 7.57
N GLU A 94 -20.96 6.08 7.93
CA GLU A 94 -19.68 5.45 7.59
C GLU A 94 -19.48 5.39 6.09
N LEU A 95 -20.57 5.28 5.34
CA LEU A 95 -20.46 5.18 3.89
C LEU A 95 -20.10 6.53 3.30
N LEU A 96 -20.68 7.60 3.84
CA LEU A 96 -20.32 8.92 3.38
C LEU A 96 -18.87 9.23 3.71
N LEU A 97 -18.43 8.85 4.90
CA LEU A 97 -17.04 9.07 5.26
C LEU A 97 -16.10 8.20 4.45
N ARG A 98 -16.55 7.03 4.02
CA ARG A 98 -15.74 6.20 3.15
C ARG A 98 -15.66 6.80 1.75
N LEU A 99 -16.75 7.41 1.29
CA LEU A 99 -16.74 8.06 -0.01
C LEU A 99 -15.84 9.29 -0.01
N LEU A 100 -15.89 10.09 1.04
CA LEU A 100 -15.15 11.34 1.06
C LEU A 100 -13.68 11.16 1.41
N ARG A 101 -13.31 10.05 2.05
CA ARG A 101 -11.92 9.70 2.25
C ARG A 101 -11.32 8.98 1.05
N MET A 102 -12.14 8.55 0.10
CA MET A 102 -11.63 7.92 -1.11
C MET A 102 -10.99 8.91 -2.05
N ILE A 103 -11.48 10.15 -2.05
CA ILE A 103 -11.15 11.14 -3.07
C ILE A 103 -10.26 12.24 -2.56
N ILE A 104 -10.00 12.32 -1.25
CA ILE A 104 -9.13 13.39 -0.78
C ILE A 104 -7.72 13.18 -1.28
N LEU A 105 -7.30 11.94 -1.45
CA LEU A 105 -5.97 11.69 -2.00
C LEU A 105 -5.87 12.17 -3.44
N PRO A 106 -6.72 11.73 -4.38
CA PRO A 106 -6.70 12.30 -5.74
C PRO A 106 -6.84 13.79 -5.78
N LEU A 107 -7.77 14.32 -5.01
CA LEU A 107 -8.12 15.72 -5.13
C LEU A 107 -6.99 16.58 -4.58
N VAL A 108 -6.45 16.21 -3.42
CA VAL A 108 -5.37 16.97 -2.81
C VAL A 108 -4.13 16.93 -3.70
N VAL A 109 -3.72 15.72 -4.10
CA VAL A 109 -2.47 15.56 -4.84
C VAL A 109 -2.57 16.28 -6.17
N CYS A 110 -3.62 16.01 -6.94
CA CYS A 110 -3.73 16.58 -8.26
C CYS A 110 -4.07 18.06 -8.22
N SER A 111 -4.78 18.52 -7.19
CA SER A 111 -5.07 19.94 -7.10
C SER A 111 -3.82 20.73 -6.77
N LEU A 112 -2.99 20.22 -5.86
CA LEU A 112 -1.78 20.94 -5.52
C LEU A 112 -0.80 20.92 -6.69
N ILE A 113 -0.76 19.83 -7.44
CA ILE A 113 0.12 19.79 -8.61
C ILE A 113 -0.40 20.73 -9.69
N GLY A 114 -1.72 20.85 -9.84
CA GLY A 114 -2.28 21.76 -10.82
C GLY A 114 -2.33 23.21 -10.40
N GLY A 115 -2.13 23.49 -9.12
CA GLY A 115 -2.20 24.84 -8.59
C GLY A 115 -0.82 25.44 -8.38
N ALA A 116 0.11 24.61 -7.92
CA ALA A 116 1.47 25.10 -7.71
C ALA A 116 2.13 25.48 -9.02
N ALA A 117 1.87 24.72 -10.08
CA ALA A 117 2.45 24.96 -11.40
C ALA A 117 1.57 25.84 -12.28
N SER A 118 0.80 26.73 -11.67
CA SER A 118 0.04 27.75 -12.38
C SER A 118 0.60 29.15 -12.16
N LEU A 119 1.48 29.35 -11.18
CA LEU A 119 2.13 30.62 -10.93
C LEU A 119 3.59 30.34 -10.65
N ASP A 120 4.43 31.35 -10.94
CA ASP A 120 5.87 31.14 -10.87
C ASP A 120 6.31 30.94 -9.43
N PRO A 121 7.46 30.29 -9.20
CA PRO A 121 7.86 29.97 -7.82
C PRO A 121 8.06 31.17 -6.92
N GLY A 122 8.39 32.34 -7.44
CA GLY A 122 8.51 33.51 -6.58
C GLY A 122 7.17 33.90 -5.98
N ALA A 123 6.16 34.04 -6.82
CA ALA A 123 4.82 34.34 -6.32
C ALA A 123 4.28 33.20 -5.48
N LEU A 124 4.64 31.97 -5.81
CA LEU A 124 4.22 30.84 -5.00
C LEU A 124 4.83 30.90 -3.62
N GLY A 125 6.11 31.25 -3.53
CA GLY A 125 6.76 31.34 -2.24
C GLY A 125 6.16 32.43 -1.40
N ARG A 126 5.88 33.58 -2.02
CA ARG A 126 5.23 34.65 -1.28
C ARG A 126 3.84 34.23 -0.82
N LEU A 127 3.04 33.62 -1.70
CA LEU A 127 1.70 33.19 -1.34
C LEU A 127 1.73 32.16 -0.21
N GLY A 128 2.63 31.19 -0.30
CA GLY A 128 2.74 30.20 0.76
C GLY A 128 3.17 30.81 2.08
N ALA A 129 4.10 31.77 2.05
CA ALA A 129 4.54 32.39 3.28
C ALA A 129 3.43 33.21 3.92
N TRP A 130 2.74 34.04 3.13
CA TRP A 130 1.65 34.82 3.70
C TRP A 130 0.51 33.93 4.15
N ALA A 131 0.30 32.78 3.49
CA ALA A 131 -0.72 31.85 3.93
C ALA A 131 -0.36 31.22 5.27
N LEU A 132 0.89 30.78 5.42
CA LEU A 132 1.31 30.19 6.69
C LEU A 132 1.25 31.21 7.80
N LEU A 133 1.64 32.45 7.50
CA LEU A 133 1.53 33.52 8.49
C LEU A 133 0.08 33.74 8.89
N PHE A 134 -0.83 33.73 7.93
CA PHE A 134 -2.24 33.91 8.22
C PHE A 134 -2.76 32.77 9.09
N PHE A 135 -2.42 31.53 8.74
CA PHE A 135 -2.89 30.39 9.51
C PHE A 135 -2.35 30.43 10.93
N LEU A 136 -1.08 30.77 11.07
CA LEU A 136 -0.45 30.87 12.38
C LEU A 136 -1.13 31.93 13.23
N VAL A 137 -1.40 33.09 12.64
CA VAL A 137 -2.00 34.19 13.38
C VAL A 137 -3.43 33.84 13.78
N THR A 138 -4.19 33.21 12.89
CA THR A 138 -5.56 32.86 13.21
C THR A 138 -5.63 31.80 14.30
N THR A 139 -4.76 30.79 14.22
CA THR A 139 -4.71 29.77 15.26
C THR A 139 -4.32 30.37 16.60
N LEU A 140 -3.35 31.29 16.59
CA LEU A 140 -2.92 31.94 17.82
C LEU A 140 -4.03 32.79 18.41
N LEU A 141 -4.73 33.55 17.58
CA LEU A 141 -5.86 34.33 18.05
C LEU A 141 -6.95 33.45 18.63
N ALA A 142 -7.17 32.29 18.00
CA ALA A 142 -8.15 31.35 18.53
C ALA A 142 -7.76 30.86 19.91
N SER A 143 -6.49 30.50 20.08
CA SER A 143 -6.04 30.02 21.39
C SER A 143 -6.13 31.11 22.45
N ALA A 144 -5.77 32.34 22.09
CA ALA A 144 -5.88 33.44 23.04
C ALA A 144 -7.33 33.70 23.41
N LEU A 145 -8.23 33.57 22.44
CA LEU A 145 -9.65 33.70 22.73
C LEU A 145 -10.12 32.62 23.68
N GLY A 146 -9.59 31.40 23.50
CA GLY A 146 -9.91 30.31 24.42
C GLY A 146 -9.47 30.61 25.84
N VAL A 147 -8.26 31.15 25.99
CA VAL A 147 -7.77 31.54 27.31
C VAL A 147 -8.68 32.62 27.91
N GLY A 148 -9.01 33.62 27.09
CA GLY A 148 -9.79 34.75 27.59
C GLY A 148 -11.17 34.34 28.03
N LEU A 149 -11.76 33.35 27.35
CA LEU A 149 -13.09 32.88 27.72
C LEU A 149 -13.02 31.97 28.94
N ALA A 150 -12.15 30.96 28.91
CA ALA A 150 -12.11 30.01 30.00
C ALA A 150 -11.64 30.64 31.31
N LEU A 151 -10.82 31.68 31.21
CA LEU A 151 -10.40 32.41 32.41
C LEU A 151 -11.56 33.18 33.01
N ALA A 152 -12.43 33.73 32.16
CA ALA A 152 -13.52 34.58 32.64
C ALA A 152 -14.71 33.76 33.12
N LEU A 153 -15.24 32.91 32.25
CA LEU A 153 -16.43 32.13 32.62
C LEU A 153 -16.13 31.14 33.73
N GLN A 154 -14.88 30.69 33.86
CA GLN A 154 -14.41 29.78 34.89
C GLN A 154 -15.20 28.47 34.85
N PRO A 155 -15.09 27.68 33.78
CA PRO A 155 -15.83 26.41 33.75
C PRO A 155 -15.34 25.40 34.76
N GLY A 156 -14.13 25.56 35.30
CA GLY A 156 -13.59 24.67 36.31
C GLY A 156 -13.96 25.04 37.73
N ALA A 157 -15.08 25.74 37.91
CA ALA A 157 -15.59 26.01 39.24
C ALA A 157 -16.04 24.72 39.90
N ALA A 158 -16.22 24.78 41.22
CA ALA A 158 -16.63 23.60 41.98
C ALA A 158 -18.03 23.17 41.56
N SER A 159 -18.13 21.96 41.02
CA SER A 159 -19.39 21.43 40.52
C SER A 159 -19.25 19.91 40.39
N ALA A 160 -20.24 19.29 39.73
CA ALA A 160 -20.21 17.85 39.50
C ALA A 160 -18.96 17.43 38.75
N ALA A 161 -18.46 18.28 37.84
CA ALA A 161 -17.24 18.00 37.09
C ALA A 161 -16.00 17.84 37.98
N ILE A 162 -16.07 18.19 39.26
CA ILE A 162 -14.95 17.94 40.16
C ILE A 162 -14.68 16.43 40.27
N ASN A 163 -15.74 15.59 40.23
CA ASN A 163 -15.50 14.16 40.37
C ASN A 163 -14.94 13.60 39.06
N ALA A 164 -13.99 12.67 39.19
CA ALA A 164 -13.35 12.07 38.02
C ALA A 164 -13.05 10.58 38.20
N SER A 165 -13.48 9.95 39.31
CA SER A 165 -13.23 8.53 39.48
C SER A 165 -13.95 7.71 38.41
N VAL A 166 -15.21 8.08 38.11
CA VAL A 166 -15.99 7.34 37.13
C VAL A 166 -15.37 7.47 35.75
N GLY A 167 -14.94 8.68 35.38
CA GLY A 167 -14.35 8.91 34.08
C GLY A 167 -12.99 8.28 33.92
N ALA A 168 -12.08 8.51 34.88
CA ALA A 168 -10.72 8.03 34.75
C ALA A 168 -10.62 6.56 35.14
N ALA A 169 -10.91 6.24 36.41
CA ALA A 169 -10.81 4.89 36.94
C ALA A 169 -9.40 4.31 36.77
N GLY A 170 -8.37 5.16 36.84
CA GLY A 170 -7.00 4.73 36.76
C GLY A 170 -6.45 4.53 35.35
N SER A 171 -7.30 4.52 34.33
CA SER A 171 -6.85 4.31 32.96
C SER A 171 -6.31 5.57 32.30
N ALA A 172 -6.55 6.75 32.88
CA ALA A 172 -6.08 8.00 32.27
C ALA A 172 -4.57 8.08 32.25
N GLU A 173 -3.91 7.74 33.35
CA GLU A 173 -2.46 7.84 33.44
C GLU A 173 -1.78 6.88 32.46
N ASN A 174 -2.30 5.66 32.34
CA ASN A 174 -1.76 4.68 31.41
C ASN A 174 -1.98 5.16 29.98
N ALA A 175 -0.91 5.48 29.28
CA ALA A 175 -0.98 5.96 27.91
C ALA A 175 0.40 5.83 27.29
N PRO A 176 0.52 6.01 25.96
CA PRO A 176 1.87 6.02 25.36
C PRO A 176 2.76 7.13 25.89
N SER A 177 2.18 8.29 26.24
CA SER A 177 2.90 9.44 26.80
C SER A 177 4.01 9.89 25.85
N LYS A 178 3.60 10.20 24.62
CA LYS A 178 4.57 10.59 23.60
C LYS A 178 5.24 11.90 23.95
N GLU A 179 6.56 11.93 23.82
CA GLU A 179 7.30 13.15 24.11
C GLU A 179 7.03 14.20 23.04
N VAL A 180 7.28 15.46 23.40
CA VAL A 180 7.06 16.55 22.47
C VAL A 180 8.10 16.50 21.35
N LEU A 181 9.35 16.22 21.70
CA LEU A 181 10.39 16.10 20.68
C LEU A 181 10.08 14.96 19.73
N ASP A 182 9.62 13.83 20.26
CA ASP A 182 9.31 12.70 19.41
C ASP A 182 8.11 13.01 18.53
N SER A 183 7.15 13.79 19.04
CA SER A 183 6.04 14.20 18.20
C SER A 183 6.49 15.09 17.07
N PHE A 184 7.39 16.04 17.35
CA PHE A 184 7.88 16.91 16.29
C PHE A 184 8.72 16.14 15.28
N LEU A 185 9.47 15.14 15.75
CA LEU A 185 10.24 14.33 14.82
C LEU A 185 9.32 13.49 13.94
N ASP A 186 8.26 12.92 14.51
CA ASP A 186 7.31 12.19 13.70
C ASP A 186 6.59 13.12 12.73
N LEU A 187 6.39 14.37 13.11
CA LEU A 187 5.83 15.35 12.18
C LEU A 187 6.77 15.57 11.00
N ALA A 188 8.05 15.78 11.28
CA ALA A 188 9.01 16.04 10.22
C ALA A 188 9.43 14.78 9.47
N ARG A 189 9.03 13.61 9.93
CA ARG A 189 9.21 12.37 9.19
C ARG A 189 7.97 11.97 8.40
N ASN A 190 6.79 12.44 8.80
CA ASN A 190 5.61 12.34 7.96
C ASN A 190 5.67 13.37 6.85
N ILE A 191 6.23 14.54 7.13
CA ILE A 191 6.80 15.37 6.08
C ILE A 191 8.03 14.62 5.57
N PHE A 192 8.25 14.67 4.27
CA PHE A 192 9.32 13.96 3.62
C PHE A 192 9.16 12.46 3.88
N PRO A 193 8.12 11.84 3.35
CA PRO A 193 7.88 10.43 3.63
C PRO A 193 8.95 9.53 3.03
N SER A 194 9.03 8.32 3.57
CA SER A 194 9.97 7.34 3.06
C SER A 194 9.49 6.74 1.77
N ASN A 195 8.18 6.53 1.66
CA ASN A 195 7.56 6.00 0.46
C ASN A 195 6.23 6.68 0.25
N LEU A 196 5.98 7.03 -1.01
CA LEU A 196 4.78 7.78 -1.34
C LEU A 196 3.54 6.90 -1.26
N VAL A 197 3.65 5.67 -1.76
CA VAL A 197 2.53 4.75 -1.77
C VAL A 197 2.09 4.42 -0.35
N SER A 198 3.06 4.09 0.52
CA SER A 198 2.74 3.84 1.91
C SER A 198 2.18 5.08 2.57
N ALA A 199 2.70 6.24 2.20
CA ALA A 199 2.17 7.50 2.68
C ALA A 199 0.75 7.77 2.23
N ALA A 200 0.26 7.06 1.22
CA ALA A 200 -1.13 7.19 0.85
C ALA A 200 -2.06 6.52 1.82
N PHE A 201 -1.56 5.65 2.70
CA PHE A 201 -2.42 5.16 3.78
C PHE A 201 -1.69 4.87 5.09
N ARG A 202 -0.45 5.32 5.28
CA ARG A 202 0.29 5.05 6.50
C ARG A 202 1.09 6.27 6.90
N SER A 203 1.31 6.38 8.20
CA SER A 203 2.04 7.47 8.81
C SER A 203 2.95 6.91 9.87
N TYR A 204 3.97 7.68 10.20
CA TYR A 204 5.03 7.25 11.12
C TYR A 204 4.63 7.61 12.54
N SER A 205 4.62 6.63 13.42
CA SER A 205 4.31 6.82 14.83
C SER A 205 5.41 6.15 15.63
N THR A 206 6.02 6.92 16.53
CA THR A 206 7.12 6.43 17.35
C THR A 206 6.57 5.81 18.62
N THR A 207 6.47 4.49 18.64
CA THR A 207 6.14 3.80 19.87
C THR A 207 7.38 3.75 20.76
N TYR A 208 7.20 3.23 21.97
CA TYR A 208 8.26 3.20 22.98
C TYR A 208 8.39 1.80 23.54
N GLU A 209 9.57 1.20 23.34
CA GLU A 209 9.89 -0.12 23.88
C GLU A 209 10.71 0.07 25.14
N GLU A 210 11.14 -1.04 25.75
CA GLU A 210 11.87 -1.06 27.01
C GLU A 210 13.22 -1.73 26.82
N ARG A 211 13.92 -1.35 25.74
CA ARG A 211 15.20 -1.95 25.41
C ARG A 211 16.36 -1.32 26.18
N ASN A 212 16.26 -1.29 27.50
CA ASN A 212 17.30 -0.79 28.39
C ASN A 212 17.42 -1.72 29.61
N ILE A 213 17.47 -3.03 29.35
CA ILE A 213 17.54 -4.02 30.41
C ILE A 213 18.89 -3.98 31.14
N THR A 214 19.91 -3.32 30.58
CA THR A 214 21.22 -3.25 31.21
C THR A 214 21.17 -2.59 32.59
N GLY A 215 20.22 -1.67 32.80
CA GLY A 215 20.05 -1.06 34.11
C GLY A 215 19.28 0.25 34.02
N THR A 216 18.39 0.49 34.99
CA THR A 216 17.57 1.70 35.03
C THR A 216 16.70 1.79 33.76
N ARG A 217 15.74 0.87 33.69
CA ARG A 217 14.86 0.72 32.54
C ARG A 217 14.20 2.03 32.14
N VAL A 218 14.56 2.52 30.97
CA VAL A 218 14.06 3.76 30.39
C VAL A 218 13.45 3.41 29.04
N LYS A 219 12.25 3.94 28.79
CA LYS A 219 11.60 3.64 27.53
C LYS A 219 12.31 4.34 26.39
N VAL A 220 12.62 3.58 25.33
CA VAL A 220 13.38 4.08 24.18
C VAL A 220 12.47 4.14 22.97
N PRO A 221 12.63 5.10 22.04
CA PRO A 221 11.73 5.15 20.89
C PRO A 221 12.08 4.08 19.87
N VAL A 222 11.05 3.54 19.23
CA VAL A 222 11.17 2.77 18.00
C VAL A 222 10.14 3.31 17.03
N GLY A 223 10.49 3.32 15.75
CA GLY A 223 9.60 3.72 14.69
C GLY A 223 8.94 2.51 14.05
N GLN A 224 7.63 2.59 13.90
CA GLN A 224 6.89 1.61 13.13
C GLN A 224 5.71 2.30 12.48
N GLU A 225 5.61 2.19 11.17
CA GLU A 225 4.52 2.80 10.44
C GLU A 225 3.19 2.21 10.85
N VAL A 226 2.20 3.09 11.03
CA VAL A 226 0.86 2.73 11.48
C VAL A 226 -0.13 3.18 10.42
N GLU A 227 -1.41 3.01 10.69
CA GLU A 227 -2.45 3.34 9.74
C GLU A 227 -2.87 4.79 9.90
N GLY A 228 -3.36 5.36 8.79
CA GLY A 228 -3.67 6.76 8.69
C GLY A 228 -2.91 7.40 7.55
N MET A 229 -3.59 8.24 6.78
CA MET A 229 -2.94 8.88 5.65
C MET A 229 -1.88 9.87 6.09
N ASN A 230 -0.84 9.97 5.29
CA ASN A 230 0.22 10.96 5.46
C ASN A 230 -0.03 12.14 4.53
N ILE A 231 -1.15 12.80 4.80
CA ILE A 231 -1.63 13.85 3.90
C ILE A 231 -0.69 15.03 3.90
N LEU A 232 0.00 15.28 5.02
CA LEU A 232 0.99 16.36 5.04
C LEU A 232 2.16 16.04 4.12
N GLY A 233 2.64 14.80 4.15
CA GLY A 233 3.73 14.41 3.28
C GLY A 233 3.33 14.46 1.82
N LEU A 234 2.11 14.03 1.52
CA LEU A 234 1.64 14.09 0.14
C LEU A 234 1.46 15.51 -0.32
N VAL A 235 1.02 16.39 0.57
CA VAL A 235 0.88 17.80 0.24
C VAL A 235 2.24 18.39 -0.12
N VAL A 236 3.25 18.12 0.70
CA VAL A 236 4.57 18.70 0.45
C VAL A 236 5.16 18.14 -0.83
N PHE A 237 5.06 16.83 -1.02
CA PHE A 237 5.56 16.21 -2.25
C PHE A 237 4.85 16.77 -3.46
N ALA A 238 3.54 16.98 -3.38
CA ALA A 238 2.78 17.48 -4.51
C ALA A 238 3.16 18.91 -4.85
N ILE A 239 3.32 19.76 -3.83
CA ILE A 239 3.72 21.15 -4.07
C ILE A 239 5.08 21.18 -4.72
N VAL A 240 6.01 20.39 -4.20
CA VAL A 240 7.37 20.34 -4.72
C VAL A 240 7.35 19.83 -6.16
N PHE A 241 6.47 18.87 -6.44
CA PHE A 241 6.36 18.34 -7.79
C PHE A 241 5.86 19.42 -8.74
N GLY A 242 4.83 20.15 -8.34
CA GLY A 242 4.31 21.19 -9.21
C GLY A 242 5.31 22.29 -9.46
N VAL A 243 6.12 22.60 -8.46
CA VAL A 243 7.21 23.56 -8.67
C VAL A 243 8.20 23.00 -9.66
N ALA A 244 8.47 21.69 -9.61
CA ALA A 244 9.39 21.11 -10.57
C ALA A 244 8.84 21.17 -11.98
N LEU A 245 7.54 20.96 -12.13
CA LEU A 245 6.95 21.01 -13.48
C LEU A 245 6.94 22.43 -14.01
N ARG A 246 6.73 23.43 -13.15
CA ARG A 246 6.86 24.80 -13.60
C ARG A 246 8.30 25.15 -13.93
N LYS A 247 9.25 24.53 -13.23
CA LYS A 247 10.66 24.71 -13.59
C LYS A 247 10.91 24.17 -14.98
N LEU A 248 10.36 23.01 -15.29
CA LEU A 248 10.31 22.56 -16.68
C LEU A 248 9.31 23.42 -17.46
N GLY A 249 9.34 23.27 -18.78
CA GLY A 249 8.45 23.98 -19.68
C GLY A 249 7.59 23.05 -20.50
N PRO A 250 7.88 22.87 -21.81
CA PRO A 250 7.00 22.01 -22.62
C PRO A 250 6.94 20.55 -22.16
N GLU A 251 7.95 20.07 -21.46
CA GLU A 251 7.92 18.68 -21.00
C GLU A 251 6.80 18.43 -19.99
N GLY A 252 6.43 19.47 -19.24
CA GLY A 252 5.44 19.32 -18.19
C GLY A 252 4.01 19.66 -18.56
N GLU A 253 3.77 20.17 -19.76
CA GLU A 253 2.42 20.56 -20.14
C GLU A 253 1.49 19.37 -20.18
N LEU A 254 1.98 18.23 -20.69
CA LEU A 254 1.22 17.00 -20.71
C LEU A 254 0.80 16.61 -19.31
N LEU A 255 1.74 16.65 -18.38
CA LEU A 255 1.50 16.12 -17.06
C LEU A 255 0.60 17.05 -16.25
N ILE A 256 0.71 18.36 -16.48
CA ILE A 256 -0.23 19.29 -15.88
C ILE A 256 -1.63 19.06 -16.43
N ARG A 257 -1.74 18.83 -17.74
CA ARG A 257 -3.04 18.56 -18.33
C ARG A 257 -3.65 17.28 -17.77
N PHE A 258 -2.80 16.28 -17.54
CA PHE A 258 -3.22 15.03 -16.91
C PHE A 258 -3.81 15.30 -15.54
N PHE A 259 -3.07 16.02 -14.70
CA PHE A 259 -3.50 16.16 -13.32
C PHE A 259 -4.72 17.08 -13.20
N ASN A 260 -4.79 18.13 -14.02
CA ASN A 260 -5.99 18.96 -14.03
C ASN A 260 -7.22 18.17 -14.48
N SER A 261 -7.07 17.34 -15.52
CA SER A 261 -8.19 16.51 -15.96
C SER A 261 -8.60 15.54 -14.87
N PHE A 262 -7.63 14.98 -14.16
CA PHE A 262 -7.91 14.01 -13.13
C PHE A 262 -8.66 14.64 -11.97
N ASN A 263 -8.25 15.85 -11.59
CA ASN A 263 -8.94 16.57 -10.53
C ASN A 263 -10.34 16.97 -10.96
N GLU A 264 -10.53 17.36 -12.22
CA GLU A 264 -11.86 17.71 -12.67
C GLU A 264 -12.79 16.50 -12.65
N ALA A 265 -12.27 15.33 -13.03
CA ALA A 265 -13.04 14.11 -12.89
C ALA A 265 -13.42 13.83 -11.45
N THR A 266 -12.46 14.01 -10.53
CA THR A 266 -12.76 13.81 -9.12
C THR A 266 -13.78 14.83 -8.61
N MET A 267 -13.76 16.04 -9.14
CA MET A 267 -14.77 17.04 -8.79
C MET A 267 -16.15 16.60 -9.27
N VAL A 268 -16.19 15.99 -10.44
CA VAL A 268 -17.45 15.49 -10.96
C VAL A 268 -17.98 14.38 -10.07
N LEU A 269 -17.09 13.56 -9.50
CA LEU A 269 -17.53 12.62 -8.48
C LEU A 269 -18.04 13.33 -7.25
N VAL A 270 -17.39 14.44 -6.89
CA VAL A 270 -17.74 15.18 -5.69
C VAL A 270 -19.15 15.71 -5.78
N SER A 271 -19.60 16.08 -6.98
CA SER A 271 -20.96 16.57 -7.13
C SER A 271 -21.98 15.52 -6.68
N TRP A 272 -21.76 14.28 -7.06
CA TRP A 272 -22.71 13.24 -6.75
C TRP A 272 -22.61 12.82 -5.30
N ILE A 273 -21.39 12.81 -4.76
CA ILE A 273 -21.21 12.60 -3.33
C ILE A 273 -21.92 13.69 -2.54
N MET A 274 -21.88 14.92 -3.05
CA MET A 274 -22.55 16.03 -2.40
C MET A 274 -24.06 15.81 -2.38
N TRP A 275 -24.60 15.32 -3.50
CA TRP A 275 -26.04 15.08 -3.53
C TRP A 275 -26.44 13.94 -2.62
N TYR A 276 -25.54 12.98 -2.37
CA TYR A 276 -25.82 11.93 -1.40
C TYR A 276 -25.70 12.42 0.04
N ALA A 277 -24.81 13.38 0.29
CA ALA A 277 -24.36 13.72 1.65
C ALA A 277 -25.42 13.97 2.70
N PRO A 278 -26.58 14.61 2.43
CA PRO A 278 -27.55 14.85 3.51
C PRO A 278 -28.05 13.60 4.21
N VAL A 279 -28.24 12.51 3.46
CA VAL A 279 -28.69 11.26 4.08
C VAL A 279 -27.64 10.75 5.04
N GLY A 280 -26.38 10.77 4.61
CA GLY A 280 -25.30 10.34 5.47
C GLY A 280 -25.18 11.19 6.71
N ILE A 281 -25.34 12.50 6.56
CA ILE A 281 -25.25 13.40 7.71
C ILE A 281 -26.38 13.12 8.68
N MET A 282 -27.59 12.93 8.17
CA MET A 282 -28.74 12.66 9.02
C MET A 282 -28.55 11.39 9.83
N PHE A 283 -28.20 10.30 9.15
CA PHE A 283 -28.04 9.03 9.85
C PHE A 283 -26.84 9.07 10.78
N LEU A 284 -25.78 9.79 10.41
CA LEU A 284 -24.60 9.86 11.25
C LEU A 284 -24.89 10.61 12.54
N VAL A 285 -25.57 11.75 12.44
CA VAL A 285 -25.90 12.53 13.62
C VAL A 285 -26.86 11.76 14.53
N ALA A 286 -27.87 11.11 13.92
CA ALA A 286 -28.78 10.29 14.70
C ALA A 286 -28.05 9.17 15.42
N GLY A 287 -27.12 8.52 14.73
CA GLY A 287 -26.36 7.46 15.35
C GLY A 287 -25.47 7.95 16.47
N LYS A 288 -24.88 9.13 16.31
CA LYS A 288 -23.92 9.61 17.29
C LYS A 288 -24.56 10.27 18.49
N ILE A 289 -25.86 10.58 18.43
CA ILE A 289 -26.62 10.91 19.65
C ILE A 289 -27.43 9.73 20.19
N VAL A 290 -27.57 8.65 19.42
CA VAL A 290 -28.13 7.42 19.97
C VAL A 290 -27.05 6.61 20.68
N GLU A 291 -25.79 6.74 20.26
CA GLU A 291 -24.70 6.02 20.89
C GLU A 291 -24.46 6.45 22.33
N MET A 292 -24.89 7.66 22.71
CA MET A 292 -24.91 8.06 24.11
C MET A 292 -26.11 8.95 24.35
N GLU A 293 -26.71 8.78 25.53
CA GLU A 293 -27.85 9.57 25.94
C GLU A 293 -27.45 11.04 26.09
N ASP A 294 -28.29 11.93 25.56
CA ASP A 294 -28.06 13.37 25.56
C ASP A 294 -29.32 14.11 25.97
N VAL A 295 -30.02 13.58 26.98
CA VAL A 295 -31.14 14.29 27.56
C VAL A 295 -30.69 15.59 28.23
N GLY A 296 -29.42 15.65 28.66
CA GLY A 296 -28.87 16.81 29.35
C GLY A 296 -27.96 16.47 30.51
N LEU A 297 -27.69 15.18 30.74
CA LEU A 297 -26.83 14.80 31.86
C LEU A 297 -25.41 15.31 31.67
N LEU A 298 -24.80 15.03 30.52
CA LEU A 298 -23.44 15.52 30.29
C LEU A 298 -23.43 17.01 30.03
N PHE A 299 -24.50 17.55 29.43
CA PHE A 299 -24.61 18.99 29.32
C PHE A 299 -24.74 19.63 30.70
N ALA A 300 -25.56 19.05 31.58
CA ALA A 300 -25.64 19.56 32.94
C ALA A 300 -24.31 19.42 33.68
N ARG A 301 -23.47 18.47 33.29
CA ARG A 301 -22.17 18.30 33.91
C ARG A 301 -21.16 19.34 33.44
N LEU A 302 -21.08 19.57 32.12
CA LEU A 302 -20.03 20.35 31.50
C LEU A 302 -20.59 21.48 30.64
N GLY A 303 -21.68 22.09 31.11
CA GLY A 303 -22.31 23.15 30.34
C GLY A 303 -21.43 24.37 30.16
N LYS A 304 -20.70 24.75 31.21
CA LYS A 304 -19.82 25.91 31.10
C LYS A 304 -18.69 25.66 30.12
N TYR A 305 -18.09 24.47 30.17
CA TYR A 305 -16.99 24.16 29.27
C TYR A 305 -17.46 24.09 27.82
N ILE A 306 -18.57 23.41 27.56
CA ILE A 306 -19.08 23.31 26.19
C ILE A 306 -19.54 24.66 25.69
N LEU A 307 -20.18 25.47 26.54
CA LEU A 307 -20.58 26.80 26.13
C LEU A 307 -19.37 27.66 25.81
N CYS A 308 -18.31 27.51 26.60
CA CYS A 308 -17.08 28.26 26.34
C CYS A 308 -16.49 27.88 25.00
N CYS A 309 -16.46 26.58 24.69
CA CYS A 309 -15.89 26.15 23.42
C CYS A 309 -16.74 26.61 22.24
N LEU A 310 -18.06 26.44 22.32
CA LEU A 310 -18.92 26.84 21.21
C LEU A 310 -18.91 28.36 21.03
N LEU A 311 -18.90 29.11 22.13
CA LEU A 311 -18.85 30.56 22.03
C LEU A 311 -17.52 31.02 21.45
N GLY A 312 -16.42 30.37 21.84
CA GLY A 312 -15.15 30.68 21.24
C GLY A 312 -15.13 30.40 19.75
N HIS A 313 -15.72 29.28 19.34
CA HIS A 313 -15.75 28.94 17.93
C HIS A 313 -16.60 29.94 17.15
N ALA A 314 -17.75 30.31 17.69
CA ALA A 314 -18.62 31.26 16.98
C ALA A 314 -17.98 32.64 16.92
N ILE A 315 -17.33 33.07 17.99
CA ILE A 315 -16.69 34.39 17.99
C ILE A 315 -15.52 34.39 17.03
N HIS A 316 -14.77 33.29 16.96
CA HIS A 316 -13.70 33.20 15.98
C HIS A 316 -14.26 33.18 14.56
N GLY A 317 -15.35 32.45 14.35
CA GLY A 317 -15.91 32.26 13.03
C GLY A 317 -16.87 33.32 12.56
N LEU A 318 -17.34 34.22 13.45
CA LEU A 318 -18.34 35.23 13.11
C LEU A 318 -17.94 36.65 13.44
N LEU A 319 -16.87 36.87 14.22
CA LEU A 319 -16.33 38.20 14.47
C LEU A 319 -14.91 38.36 13.95
N VAL A 320 -13.98 37.49 14.36
CA VAL A 320 -12.56 37.73 14.13
C VAL A 320 -12.23 37.61 12.64
N LEU A 321 -12.50 36.45 12.07
CA LEU A 321 -12.13 36.20 10.68
C LEU A 321 -13.01 36.99 9.70
N PRO A 322 -14.32 37.15 9.93
CA PRO A 322 -15.06 38.10 9.10
C PRO A 322 -14.53 39.52 9.20
N LEU A 323 -14.09 39.94 10.37
CA LEU A 323 -13.49 41.27 10.52
C LEU A 323 -12.23 41.38 9.69
N ILE A 324 -11.40 40.33 9.71
CA ILE A 324 -10.15 40.35 8.95
C ILE A 324 -10.46 40.40 7.45
N TYR A 325 -11.44 39.60 7.01
CA TYR A 325 -11.83 39.60 5.59
C TYR A 325 -12.33 40.96 5.15
N PHE A 326 -13.22 41.57 5.96
CA PHE A 326 -13.74 42.88 5.61
C PHE A 326 -12.63 43.91 5.56
N LEU A 327 -11.72 43.87 6.54
CA LEU A 327 -10.59 44.79 6.60
C LEU A 327 -9.73 44.69 5.35
N PHE A 328 -9.44 43.47 4.90
CA PHE A 328 -8.49 43.29 3.82
C PHE A 328 -9.14 43.41 2.45
N THR A 329 -10.12 42.56 2.13
CA THR A 329 -10.72 42.55 0.80
C THR A 329 -11.92 43.49 0.66
N ARG A 330 -12.56 43.89 1.77
CA ARG A 330 -13.66 44.86 1.73
C ARG A 330 -14.85 44.31 0.94
N LYS A 331 -15.26 43.09 1.30
CA LYS A 331 -16.35 42.40 0.63
C LYS A 331 -17.11 41.64 1.72
N ASN A 332 -18.43 41.46 1.52
CA ASN A 332 -19.34 40.96 2.55
C ASN A 332 -18.93 39.59 3.07
N PRO A 333 -18.32 39.52 4.26
CA PRO A 333 -17.84 38.21 4.72
C PRO A 333 -18.96 37.28 5.11
N TYR A 334 -20.05 37.82 5.66
CA TYR A 334 -21.16 36.96 6.02
C TYR A 334 -21.88 36.46 4.78
N ARG A 335 -21.85 37.23 3.68
CA ARG A 335 -22.41 36.71 2.45
C ARG A 335 -21.59 35.48 2.04
N PHE A 336 -20.27 35.63 2.10
CA PHE A 336 -19.37 34.55 1.73
C PHE A 336 -19.57 33.34 2.62
N LEU A 337 -19.79 33.57 3.92
CA LEU A 337 -20.05 32.48 4.85
C LEU A 337 -21.32 31.73 4.47
N TRP A 338 -22.34 32.46 4.00
CA TRP A 338 -23.53 31.76 3.54
C TRP A 338 -23.25 30.97 2.28
N GLY A 339 -22.26 31.40 1.49
CA GLY A 339 -21.93 30.65 0.29
C GLY A 339 -21.42 29.23 0.51
N ILE A 340 -21.02 28.89 1.75
CA ILE A 340 -20.33 27.64 2.05
C ILE A 340 -21.02 26.87 3.18
N VAL A 341 -22.34 27.02 3.31
CA VAL A 341 -23.03 26.41 4.44
C VAL A 341 -23.00 24.89 4.33
N THR A 342 -23.07 24.36 3.12
CA THR A 342 -23.13 22.90 2.98
C THR A 342 -21.85 22.22 3.46
N PRO A 343 -20.64 22.66 3.09
CA PRO A 343 -19.45 22.10 3.74
C PRO A 343 -19.38 22.31 5.24
N LEU A 344 -19.89 23.43 5.76
CA LEU A 344 -19.87 23.63 7.20
C LEU A 344 -20.79 22.63 7.91
N ALA A 345 -21.98 22.42 7.37
CA ALA A 345 -22.88 21.42 7.92
C ALA A 345 -22.29 20.03 7.80
N THR A 346 -21.61 19.76 6.68
CA THR A 346 -20.96 18.47 6.52
C THR A 346 -19.84 18.30 7.54
N ALA A 347 -19.13 19.37 7.86
CA ALA A 347 -18.09 19.30 8.88
C ALA A 347 -18.69 19.03 10.24
N PHE A 348 -19.81 19.68 10.55
CA PHE A 348 -20.49 19.42 11.82
C PHE A 348 -20.95 17.96 11.90
N GLY A 349 -21.54 17.46 10.82
CA GLY A 349 -21.99 16.08 10.82
C GLY A 349 -20.87 15.06 10.86
N THR A 350 -19.79 15.31 10.13
CA THR A 350 -18.73 14.32 9.95
C THR A 350 -17.69 14.35 11.06
N SER A 351 -17.37 15.52 11.60
CA SER A 351 -16.28 15.71 12.54
C SER A 351 -14.96 15.28 11.90
N SER A 352 -14.73 15.77 10.70
CA SER A 352 -13.51 15.45 9.96
C SER A 352 -13.27 16.54 8.93
N SER A 353 -12.15 17.26 9.09
CA SER A 353 -11.87 18.38 8.20
C SER A 353 -11.47 17.91 6.82
N SER A 354 -10.65 16.87 6.75
CA SER A 354 -10.18 16.37 5.46
C SER A 354 -11.33 15.82 4.63
N ALA A 355 -12.32 15.20 5.28
CA ALA A 355 -13.41 14.59 4.54
C ALA A 355 -14.34 15.61 3.91
N THR A 356 -14.58 16.73 4.59
CA THR A 356 -15.42 17.78 4.02
C THR A 356 -14.74 18.59 2.92
N LEU A 357 -13.43 18.42 2.75
CA LEU A 357 -12.67 19.29 1.86
C LEU A 357 -13.08 19.21 0.40
N PRO A 358 -13.33 18.03 -0.19
CA PRO A 358 -13.81 18.01 -1.57
C PRO A 358 -15.08 18.81 -1.80
N LEU A 359 -16.06 18.66 -0.90
CA LEU A 359 -17.28 19.45 -0.97
C LEU A 359 -16.97 20.93 -0.85
N MET A 360 -16.04 21.30 0.03
CA MET A 360 -15.67 22.70 0.19
C MET A 360 -15.02 23.26 -1.06
N MET A 361 -14.07 22.53 -1.65
CA MET A 361 -13.39 23.07 -2.81
C MET A 361 -14.34 23.19 -3.99
N LYS A 362 -15.26 22.24 -4.13
CA LYS A 362 -16.31 22.36 -5.13
C LYS A 362 -17.14 23.61 -4.90
N CYS A 363 -17.62 23.81 -3.66
CA CYS A 363 -18.51 24.93 -3.41
C CYS A 363 -17.80 26.27 -3.54
N VAL A 364 -16.54 26.35 -3.12
CA VAL A 364 -15.82 27.61 -3.17
C VAL A 364 -15.50 27.97 -4.61
N GLU A 365 -15.02 27.01 -5.41
CA GLU A 365 -14.73 27.32 -6.81
C GLU A 365 -16.01 27.61 -7.59
N GLU A 366 -17.12 26.93 -7.26
CA GLU A 366 -18.34 27.07 -8.04
C GLU A 366 -19.12 28.32 -7.64
N ASN A 367 -19.58 28.38 -6.39
CA ASN A 367 -20.48 29.44 -5.98
C ASN A 367 -19.76 30.78 -5.84
N ASN A 368 -18.82 30.84 -4.89
CA ASN A 368 -18.10 32.08 -4.64
C ASN A 368 -17.06 32.31 -5.72
N GLY A 369 -16.78 33.59 -5.97
CA GLY A 369 -15.85 33.96 -7.03
C GLY A 369 -14.40 33.91 -6.58
N VAL A 370 -13.96 32.72 -6.16
CA VAL A 370 -12.57 32.50 -5.73
C VAL A 370 -11.84 31.85 -6.89
N ALA A 371 -10.58 32.21 -7.05
CA ALA A 371 -9.81 31.74 -8.19
C ALA A 371 -9.52 30.25 -8.05
N LYS A 372 -9.51 29.56 -9.18
CA LYS A 372 -9.37 28.12 -9.20
C LYS A 372 -8.00 27.69 -8.66
N HIS A 373 -6.94 28.29 -9.18
CA HIS A 373 -5.59 27.94 -8.75
C HIS A 373 -5.34 28.30 -7.29
N ILE A 374 -5.82 29.46 -6.85
CA ILE A 374 -5.63 29.86 -5.46
C ILE A 374 -6.36 28.90 -4.53
N SER A 375 -7.59 28.53 -4.91
CA SER A 375 -8.35 27.55 -4.15
C SER A 375 -7.60 26.23 -4.03
N ARG A 376 -7.11 25.73 -5.17
CA ARG A 376 -6.39 24.46 -5.21
C ARG A 376 -5.17 24.48 -4.31
N PHE A 377 -4.40 25.57 -4.35
CA PHE A 377 -3.18 25.60 -3.57
C PHE A 377 -3.45 25.79 -2.08
N ILE A 378 -4.44 26.62 -1.74
CA ILE A 378 -4.59 27.04 -0.35
C ILE A 378 -5.40 26.05 0.45
N LEU A 379 -6.59 25.69 -0.03
CA LEU A 379 -7.54 24.96 0.80
C LEU A 379 -7.04 23.61 1.30
N PRO A 380 -6.36 22.78 0.51
CA PRO A 380 -5.75 21.58 1.08
C PRO A 380 -4.75 21.88 2.17
N ILE A 381 -3.90 22.89 1.97
CA ILE A 381 -2.93 23.27 2.99
C ILE A 381 -3.65 23.79 4.22
N GLY A 382 -4.80 24.42 4.03
CA GLY A 382 -5.59 24.85 5.17
C GLY A 382 -6.10 23.68 5.98
N ALA A 383 -6.41 22.57 5.32
CA ALA A 383 -7.00 21.44 6.02
C ALA A 383 -5.98 20.74 6.90
N THR A 384 -4.73 20.67 6.47
CA THR A 384 -3.69 19.91 7.15
C THR A 384 -2.86 20.76 8.12
N VAL A 385 -3.07 22.07 8.18
CA VAL A 385 -2.25 22.96 9.00
C VAL A 385 -3.14 23.80 9.89
N ASN A 386 -4.03 24.56 9.27
CA ASN A 386 -4.96 25.38 10.03
C ASN A 386 -5.96 24.51 10.77
N MET A 387 -5.85 24.50 12.09
CA MET A 387 -6.90 23.98 12.96
C MET A 387 -7.14 25.01 14.08
N ASP A 388 -7.92 26.04 13.73
CA ASP A 388 -8.25 27.08 14.69
C ASP A 388 -9.05 26.51 15.85
N GLY A 389 -10.09 25.74 15.52
CA GLY A 389 -10.93 25.18 16.55
C GLY A 389 -10.20 24.17 17.42
N ALA A 390 -9.32 23.39 16.80
CA ALA A 390 -8.57 22.40 17.57
C ALA A 390 -7.66 23.08 18.58
N ALA A 391 -6.94 24.12 18.14
CA ALA A 391 -6.12 24.87 19.07
C ALA A 391 -6.96 25.51 20.14
N LEU A 392 -8.14 26.02 19.75
CA LEU A 392 -9.05 26.67 20.67
C LEU A 392 -9.49 25.72 21.79
N PHE A 393 -10.15 24.61 21.43
CA PHE A 393 -10.68 23.78 22.49
C PHE A 393 -9.59 22.98 23.19
N GLN A 394 -8.43 22.77 22.58
CA GLN A 394 -7.31 22.20 23.32
C GLN A 394 -6.88 23.14 24.43
N CYS A 395 -6.72 24.43 24.10
CA CYS A 395 -6.32 25.39 25.11
C CYS A 395 -7.40 25.56 26.17
N VAL A 396 -8.67 25.55 25.76
CA VAL A 396 -9.77 25.70 26.71
C VAL A 396 -9.84 24.49 27.63
N ALA A 397 -9.60 23.29 27.09
CA ALA A 397 -9.60 22.09 27.92
C ALA A 397 -8.47 22.15 28.93
N ALA A 398 -7.29 22.59 28.50
CA ALA A 398 -6.16 22.74 29.41
C ALA A 398 -6.49 23.72 30.52
N VAL A 399 -7.08 24.87 30.16
CA VAL A 399 -7.40 25.88 31.15
C VAL A 399 -8.50 25.38 32.08
N PHE A 400 -9.44 24.57 31.59
CA PHE A 400 -10.49 24.03 32.45
C PHE A 400 -9.92 23.07 33.48
N ILE A 401 -9.10 22.11 33.03
CA ILE A 401 -8.52 21.15 33.97
C ILE A 401 -7.56 21.84 34.93
N ALA A 402 -6.95 22.94 34.51
CA ALA A 402 -6.13 23.72 35.44
C ALA A 402 -7.00 24.51 36.41
N GLN A 403 -8.15 25.00 35.94
CA GLN A 403 -9.03 25.78 36.80
C GLN A 403 -9.57 24.93 37.94
N LEU A 404 -10.03 23.71 37.64
CA LEU A 404 -10.23 22.77 38.73
C LEU A 404 -8.87 22.38 39.29
N SER A 405 -8.80 22.24 40.61
CA SER A 405 -7.60 22.10 41.44
C SER A 405 -6.88 23.42 41.65
N GLN A 406 -7.33 24.53 41.07
CA GLN A 406 -6.86 25.88 41.36
C GLN A 406 -5.36 26.03 41.08
N GLN A 407 -5.00 25.87 39.80
CA GLN A 407 -3.64 26.14 39.35
C GLN A 407 -3.49 27.62 39.02
N SER A 408 -2.23 28.07 38.92
CA SER A 408 -1.97 29.51 38.79
C SER A 408 -2.13 29.99 37.35
N LEU A 409 -1.24 29.54 36.46
CA LEU A 409 -1.23 29.90 35.04
C LEU A 409 -1.25 31.42 34.84
N ASP A 410 -0.16 32.07 35.28
CA ASP A 410 -0.18 33.53 35.34
C ASP A 410 0.09 34.17 33.97
N PHE A 411 1.30 34.04 33.44
CA PHE A 411 1.65 34.59 32.12
C PHE A 411 2.50 33.64 31.30
N VAL A 412 3.51 33.04 31.94
CA VAL A 412 4.47 32.22 31.21
C VAL A 412 3.79 30.93 30.75
N LYS A 413 3.03 30.30 31.65
CA LYS A 413 2.32 29.08 31.27
C LYS A 413 1.25 29.38 30.24
N ILE A 414 0.65 30.57 30.29
CA ILE A 414 -0.33 30.95 29.28
C ILE A 414 0.33 31.01 27.90
N ILE A 415 1.51 31.64 27.83
CA ILE A 415 2.23 31.72 26.57
C ILE A 415 2.64 30.33 26.11
N THR A 416 3.01 29.46 27.06
CA THR A 416 3.41 28.11 26.71
C THR A 416 2.27 27.31 26.10
N ILE A 417 1.08 27.39 26.71
CA ILE A 417 -0.08 26.69 26.16
C ILE A 417 -0.45 27.27 24.80
N LEU A 418 -0.33 28.58 24.63
CA LEU A 418 -0.59 29.19 23.32
C LEU A 418 0.33 28.62 22.25
N VAL A 419 1.63 28.62 22.52
CA VAL A 419 2.59 28.22 21.48
C VAL A 419 2.48 26.73 21.19
N THR A 420 2.33 25.91 22.23
CA THR A 420 2.24 24.48 21.98
C THR A 420 0.91 24.11 21.35
N ALA A 421 -0.17 24.86 21.62
CA ALA A 421 -1.41 24.64 20.90
C ALA A 421 -1.25 25.02 19.43
N THR A 422 -0.56 26.13 19.16
CA THR A 422 -0.36 26.57 17.78
C THR A 422 0.45 25.54 16.99
N ALA A 423 1.46 24.95 17.61
CA ALA A 423 2.22 23.91 16.94
C ALA A 423 1.44 22.60 16.85
N SER A 424 0.64 22.28 17.86
CA SER A 424 -0.14 21.06 17.83
C SER A 424 -1.31 21.13 16.87
N SER A 425 -1.66 22.33 16.39
CA SER A 425 -2.62 22.45 15.29
C SER A 425 -2.21 21.60 14.10
N VAL A 426 -0.93 21.62 13.76
CA VAL A 426 -0.38 20.74 12.74
C VAL A 426 0.09 19.41 13.33
N GLY A 427 0.46 19.40 14.62
CA GLY A 427 0.87 18.15 15.26
C GLY A 427 -0.21 17.09 15.24
N ALA A 428 -1.44 17.48 15.54
CA ALA A 428 -2.58 16.58 15.47
C ALA A 428 -3.05 16.33 14.04
N ALA A 429 -2.55 17.08 13.06
CA ALA A 429 -3.11 17.02 11.72
C ALA A 429 -2.69 15.74 10.99
N GLY A 430 -1.42 15.35 11.13
CA GLY A 430 -0.94 14.16 10.43
C GLY A 430 -1.62 12.89 10.90
N ILE A 431 -1.91 12.80 12.19
CA ILE A 431 -2.53 11.62 12.80
C ILE A 431 -4.04 11.84 12.86
N PRO A 432 -4.86 11.01 12.20
CA PRO A 432 -6.32 11.16 12.40
C PRO A 432 -6.84 10.60 13.71
N ALA A 433 -6.15 9.65 14.34
CA ALA A 433 -6.66 9.05 15.56
C ALA A 433 -6.65 10.03 16.72
N GLY A 434 -5.67 10.94 16.76
CA GLY A 434 -5.55 11.87 17.86
C GLY A 434 -6.54 13.01 17.80
N GLY A 435 -7.81 12.71 18.04
CA GLY A 435 -8.81 13.77 18.06
C GLY A 435 -8.58 14.77 19.17
N VAL A 436 -8.33 14.27 20.38
CA VAL A 436 -7.94 15.09 21.53
C VAL A 436 -6.76 14.46 22.26
N LEU A 437 -6.08 13.49 21.63
CA LEU A 437 -4.98 12.81 22.30
C LEU A 437 -3.80 13.75 22.55
N THR A 438 -3.68 14.81 21.74
CA THR A 438 -2.51 15.67 21.82
C THR A 438 -2.50 16.53 23.09
N LEU A 439 -3.61 16.60 23.81
CA LEU A 439 -3.60 17.38 25.05
C LEU A 439 -2.69 16.75 26.10
N ALA A 440 -2.54 15.43 26.07
CA ALA A 440 -1.69 14.75 27.03
C ALA A 440 -0.23 15.19 26.90
N ILE A 441 0.26 15.31 25.66
CA ILE A 441 1.66 15.70 25.49
C ILE A 441 1.86 17.17 25.86
N ILE A 442 0.84 18.01 25.67
CA ILE A 442 0.89 19.40 26.14
C ILE A 442 1.05 19.42 27.66
N LEU A 443 0.20 18.66 28.35
CA LEU A 443 0.27 18.64 29.80
C LEU A 443 1.53 17.95 30.30
N GLU A 444 2.13 17.09 29.49
CA GLU A 444 3.46 16.57 29.81
C GLU A 444 4.51 17.66 29.69
N ALA A 445 4.38 18.52 28.67
CA ALA A 445 5.32 19.63 28.51
C ALA A 445 5.28 20.58 29.69
N VAL A 446 4.06 20.90 30.16
CA VAL A 446 3.85 21.91 31.19
C VAL A 446 3.42 21.31 32.54
N ASN A 447 3.30 19.98 32.64
CA ASN A 447 3.22 19.26 33.91
C ASN A 447 2.01 19.66 34.74
N LEU A 448 0.84 19.34 34.21
CA LEU A 448 -0.47 19.52 34.84
C LEU A 448 -1.11 18.18 35.17
N PRO A 449 -2.21 18.18 35.94
CA PRO A 449 -2.89 16.90 36.20
C PRO A 449 -3.58 16.33 34.97
N VAL A 450 -3.03 15.23 34.45
CA VAL A 450 -3.63 14.45 33.38
C VAL A 450 -4.54 13.37 33.96
N ASP A 451 -4.82 13.43 35.27
CA ASP A 451 -5.53 12.33 35.93
C ASP A 451 -6.99 12.22 35.49
N HIS A 452 -7.54 13.25 34.84
CA HIS A 452 -8.95 13.30 34.45
C HIS A 452 -9.10 13.78 33.01
N ILE A 453 -8.11 13.49 32.16
CA ILE A 453 -8.23 13.78 30.73
C ILE A 453 -9.35 13.00 30.08
N SER A 454 -9.75 11.87 30.66
CA SER A 454 -10.83 11.06 30.08
C SER A 454 -12.20 11.70 30.20
N LEU A 455 -12.33 12.81 30.95
CA LEU A 455 -13.61 13.51 31.07
C LEU A 455 -14.11 13.97 29.70
N ILE A 456 -13.21 14.53 28.89
CA ILE A 456 -13.59 15.11 27.61
C ILE A 456 -13.94 14.05 26.58
N LEU A 457 -13.45 12.82 26.72
CA LEU A 457 -13.70 11.78 25.73
C LEU A 457 -15.17 11.44 25.63
N ALA A 458 -15.93 11.62 26.71
CA ALA A 458 -17.37 11.42 26.64
C ALA A 458 -18.05 12.48 25.78
N VAL A 459 -17.49 13.70 25.76
CA VAL A 459 -18.05 14.83 25.04
C VAL A 459 -17.12 15.31 23.92
N ASP A 460 -16.15 14.50 23.52
CA ASP A 460 -15.31 14.88 22.39
C ASP A 460 -16.11 14.90 21.09
N TRP A 461 -17.11 14.04 20.97
CA TRP A 461 -17.90 13.92 19.75
C TRP A 461 -18.74 15.14 19.43
N LEU A 462 -18.92 16.06 20.38
CA LEU A 462 -19.71 17.28 20.20
C LEU A 462 -18.87 18.51 19.95
N VAL A 463 -17.90 18.78 20.83
CA VAL A 463 -17.09 19.98 20.71
C VAL A 463 -16.20 19.92 19.49
N ASP A 464 -15.74 18.72 19.12
CA ASP A 464 -14.85 18.53 17.97
C ASP A 464 -15.54 18.75 16.63
N ARG A 465 -16.86 18.90 16.60
CA ARG A 465 -17.57 19.14 15.35
C ARG A 465 -17.56 20.61 14.98
N SER A 466 -17.85 21.48 15.96
CA SER A 466 -17.71 22.92 15.75
C SER A 466 -16.27 23.29 15.43
N CYS A 467 -15.32 22.53 15.98
CA CYS A 467 -13.92 22.68 15.58
C CYS A 467 -13.75 22.50 14.08
N THR A 468 -14.29 21.42 13.53
CA THR A 468 -14.17 21.16 12.10
C THR A 468 -14.80 22.28 11.28
N VAL A 469 -15.96 22.77 11.76
CA VAL A 469 -16.64 23.88 11.09
C VAL A 469 -15.71 25.08 11.03
N LEU A 470 -15.09 25.42 12.15
CA LEU A 470 -14.25 26.61 12.18
C LEU A 470 -12.98 26.43 11.37
N ASN A 471 -12.45 25.21 11.34
CA ASN A 471 -11.22 24.96 10.60
C ASN A 471 -11.44 25.18 9.10
N VAL A 472 -12.49 24.59 8.56
CA VAL A 472 -12.75 24.78 7.13
C VAL A 472 -13.12 26.22 6.84
N GLU A 473 -13.80 26.88 7.79
CA GLU A 473 -14.12 28.29 7.62
C GLU A 473 -12.86 29.14 7.54
N GLY A 474 -11.89 28.89 8.42
CA GLY A 474 -10.64 29.64 8.38
C GLY A 474 -9.87 29.40 7.11
N ASP A 475 -9.92 28.15 6.61
CA ASP A 475 -9.27 27.84 5.34
C ASP A 475 -9.87 28.66 4.20
N ALA A 476 -11.20 28.67 4.12
CA ALA A 476 -11.86 29.41 3.03
C ALA A 476 -11.60 30.91 3.14
N LEU A 477 -11.62 31.44 4.35
CA LEU A 477 -11.37 32.87 4.50
C LEU A 477 -9.95 33.24 4.13
N GLY A 478 -8.98 32.39 4.48
CA GLY A 478 -7.62 32.62 4.02
C GLY A 478 -7.53 32.57 2.51
N ALA A 479 -8.26 31.66 1.89
CA ALA A 479 -8.26 31.57 0.44
C ALA A 479 -8.82 32.83 -0.20
N GLY A 480 -9.91 33.35 0.35
CA GLY A 480 -10.50 34.56 -0.19
C GLY A 480 -9.57 35.76 -0.05
N LEU A 481 -8.97 35.91 1.14
CA LEU A 481 -8.05 37.01 1.37
C LEU A 481 -6.87 36.95 0.42
N LEU A 482 -6.30 35.76 0.24
CA LEU A 482 -5.13 35.66 -0.62
C LEU A 482 -5.50 35.76 -2.09
N GLN A 483 -6.72 35.38 -2.46
CA GLN A 483 -7.20 35.63 -3.81
C GLN A 483 -7.24 37.12 -4.09
N ASN A 484 -7.78 37.89 -3.15
CA ASN A 484 -7.83 39.33 -3.34
C ASN A 484 -6.43 39.94 -3.33
N TYR A 485 -5.54 39.41 -2.52
CA TYR A 485 -4.17 39.91 -2.47
C TYR A 485 -3.44 39.66 -3.78
N VAL A 486 -3.58 38.46 -4.35
CA VAL A 486 -2.98 38.17 -5.65
C VAL A 486 -3.64 38.99 -6.75
N ASP A 487 -4.95 39.23 -6.63
CA ASP A 487 -5.65 40.05 -7.62
C ASP A 487 -5.13 41.48 -7.61
N ARG A 488 -4.90 42.04 -6.43
CA ARG A 488 -4.35 43.38 -6.32
C ARG A 488 -2.92 43.41 -6.86
N ARG B 47 33.87 26.76 -15.69
CA ARG B 47 33.62 27.37 -14.39
C ARG B 47 33.97 26.40 -13.27
N CYS B 48 35.26 26.31 -12.94
CA CYS B 48 35.72 25.34 -11.95
C CYS B 48 35.19 25.66 -10.56
N LEU B 49 35.15 26.94 -10.19
CA LEU B 49 34.75 27.34 -8.83
C LEU B 49 33.31 26.92 -8.54
N ARG B 50 32.41 27.13 -9.49
CA ARG B 50 31.01 26.73 -9.31
C ARG B 50 30.80 25.24 -9.58
N ALA B 51 31.56 24.67 -10.52
CA ALA B 51 31.37 23.26 -10.85
C ALA B 51 31.73 22.35 -9.69
N ASN B 52 32.85 22.66 -9.02
CA ASN B 52 33.41 21.77 -8.01
C ASN B 52 32.94 22.08 -6.60
N LEU B 53 32.00 23.02 -6.46
CA LEU B 53 31.50 23.43 -5.15
C LEU B 53 30.86 22.27 -4.43
N LEU B 54 30.06 21.47 -5.14
CA LEU B 54 29.36 20.37 -4.52
C LEU B 54 30.32 19.29 -4.02
N VAL B 55 31.33 18.97 -4.83
CA VAL B 55 32.30 17.96 -4.45
C VAL B 55 33.07 18.41 -3.22
N LEU B 56 33.49 19.68 -3.21
CA LEU B 56 34.13 20.25 -2.05
C LEU B 56 33.21 20.18 -0.83
N LEU B 57 31.92 20.45 -1.04
CA LEU B 57 30.99 20.56 0.07
C LEU B 57 30.74 19.20 0.69
N THR B 58 30.58 18.15 -0.12
CA THR B 58 30.31 16.84 0.45
C THR B 58 31.56 16.22 1.06
N VAL B 59 32.74 16.47 0.49
CA VAL B 59 33.96 15.98 1.14
C VAL B 59 34.17 16.67 2.47
N VAL B 60 33.95 17.98 2.51
CA VAL B 60 34.03 18.73 3.76
C VAL B 60 32.97 18.24 4.73
N ALA B 61 31.80 17.85 4.22
CA ALA B 61 30.75 17.35 5.09
C ALA B 61 31.16 16.05 5.76
N VAL B 62 31.74 15.13 4.99
CA VAL B 62 32.18 13.86 5.56
C VAL B 62 33.29 14.09 6.59
N VAL B 63 34.26 14.93 6.25
CA VAL B 63 35.39 15.17 7.14
C VAL B 63 34.91 15.86 8.42
N ALA B 64 34.07 16.88 8.28
CA ALA B 64 33.58 17.60 9.44
C ALA B 64 32.65 16.74 10.28
N GLY B 65 31.91 15.83 9.65
CA GLY B 65 31.09 14.92 10.41
C GLY B 65 31.91 13.95 11.24
N VAL B 66 33.00 13.45 10.64
CA VAL B 66 33.93 12.60 11.39
C VAL B 66 34.52 13.37 12.56
N ALA B 67 34.95 14.61 12.32
CA ALA B 67 35.55 15.41 13.37
C ALA B 67 34.54 15.72 14.48
N LEU B 68 33.31 16.07 14.09
CA LEU B 68 32.27 16.37 15.05
C LEU B 68 31.94 15.16 15.92
N GLY B 69 31.81 14.00 15.30
CA GLY B 69 31.48 12.80 16.05
C GLY B 69 32.59 12.37 16.98
N LEU B 70 33.84 12.44 16.50
CA LEU B 70 34.97 12.08 17.36
C LEU B 70 35.10 13.06 18.52
N GLY B 71 34.92 14.35 18.26
CA GLY B 71 34.99 15.33 19.32
C GLY B 71 33.88 15.16 20.35
N VAL B 72 32.68 14.83 19.89
CA VAL B 72 31.57 14.63 20.80
C VAL B 72 31.80 13.38 21.64
N SER B 73 32.27 12.30 21.01
CA SER B 73 32.50 11.06 21.74
C SER B 73 33.63 11.22 22.75
N GLY B 74 34.68 11.95 22.38
CA GLY B 74 35.76 12.19 23.31
C GLY B 74 35.36 13.11 24.45
N ALA B 75 34.55 14.13 24.16
CA ALA B 75 34.11 15.10 25.16
C ALA B 75 33.01 14.57 26.07
N GLY B 76 32.52 13.33 25.85
CA GLY B 76 31.53 12.71 26.70
C GLY B 76 30.52 11.92 25.90
N GLY B 77 30.21 12.39 24.70
CA GLY B 77 29.30 11.65 23.83
C GLY B 77 27.91 11.52 24.42
N ALA B 78 27.45 10.27 24.51
CA ALA B 78 26.10 9.96 24.97
C ALA B 78 25.84 10.53 26.36
N LEU B 79 26.85 10.51 27.23
CA LEU B 79 26.73 11.05 28.58
C LEU B 79 26.33 12.52 28.56
N ALA B 80 26.90 13.29 27.64
CA ALA B 80 26.53 14.69 27.47
C ALA B 80 25.35 14.88 26.54
N LEU B 81 24.92 13.84 25.82
CA LEU B 81 23.93 13.97 24.75
C LEU B 81 22.55 13.49 25.17
N GLY B 82 22.44 12.24 25.58
CA GLY B 82 21.17 11.62 25.87
C GLY B 82 20.54 11.04 24.60
N PRO B 83 19.64 10.06 24.74
CA PRO B 83 19.04 9.47 23.53
C PRO B 83 18.19 10.44 22.74
N GLU B 84 17.52 11.38 23.40
CA GLU B 84 16.67 12.33 22.69
C GLU B 84 17.50 13.23 21.78
N ARG B 85 18.61 13.75 22.29
CA ARG B 85 19.48 14.57 21.46
C ARG B 85 20.23 13.72 20.46
N LEU B 86 20.47 12.44 20.76
CA LEU B 86 21.02 11.54 19.74
C LEU B 86 20.07 11.41 18.57
N SER B 87 18.78 11.24 18.86
CA SER B 87 17.80 11.15 17.79
C SER B 87 17.73 12.44 16.99
N ALA B 88 17.76 13.58 17.67
CA ALA B 88 17.74 14.85 16.95
C ALA B 88 19.03 15.09 16.16
N PHE B 89 20.15 14.50 16.62
CA PHE B 89 21.42 14.67 15.95
C PHE B 89 21.53 13.78 14.72
N VAL B 90 20.99 12.57 14.79
CA VAL B 90 20.95 11.67 13.65
C VAL B 90 19.83 12.04 12.68
N PHE B 91 18.82 12.77 13.14
CA PHE B 91 17.60 12.98 12.34
C PHE B 91 17.83 13.61 10.97
N PRO B 92 18.74 14.56 10.78
CA PRO B 92 19.03 14.98 9.40
C PRO B 92 19.50 13.85 8.49
N GLY B 93 20.24 12.89 9.03
CA GLY B 93 20.62 11.73 8.23
C GLY B 93 19.41 10.91 7.83
N GLU B 94 18.53 10.63 8.80
CA GLU B 94 17.29 9.92 8.52
C GLU B 94 16.43 10.71 7.55
N LEU B 95 16.51 12.03 7.59
CA LEU B 95 15.70 12.85 6.71
C LEU B 95 16.21 12.78 5.28
N LEU B 96 17.53 12.76 5.12
CA LEU B 96 18.11 12.61 3.79
C LEU B 96 17.77 11.25 3.23
N LEU B 97 17.84 10.21 4.06
CA LEU B 97 17.49 8.89 3.58
C LEU B 97 16.00 8.75 3.31
N ARG B 98 15.17 9.51 4.01
CA ARG B 98 13.75 9.52 3.70
C ARG B 98 13.48 10.24 2.40
N LEU B 99 14.23 11.30 2.12
CA LEU B 99 14.08 12.02 0.87
C LEU B 99 14.53 11.18 -0.32
N LEU B 100 15.64 10.47 -0.18
CA LEU B 100 16.18 9.73 -1.31
C LEU B 100 15.51 8.40 -1.54
N ARG B 101 14.82 7.85 -0.54
CA ARG B 101 13.99 6.69 -0.71
C ARG B 101 12.58 7.04 -1.20
N MET B 102 12.22 8.31 -1.19
CA MET B 102 10.93 8.74 -1.71
C MET B 102 10.88 8.70 -3.23
N ILE B 103 12.02 8.94 -3.87
CA ILE B 103 12.08 9.20 -5.31
C ILE B 103 12.69 8.05 -6.08
N ILE B 104 13.26 7.04 -5.43
CA ILE B 104 13.84 5.94 -6.19
C ILE B 104 12.74 5.19 -6.92
N LEU B 105 11.55 5.10 -6.34
CA LEU B 105 10.44 4.44 -7.03
C LEU B 105 10.06 5.19 -8.30
N PRO B 106 9.71 6.50 -8.25
CA PRO B 106 9.45 7.24 -9.49
C PRO B 106 10.58 7.20 -10.48
N LEU B 107 11.80 7.38 -9.98
CA LEU B 107 12.92 7.56 -10.88
C LEU B 107 13.25 6.26 -11.56
N VAL B 108 13.29 5.17 -10.80
CA VAL B 108 13.60 3.85 -11.36
C VAL B 108 12.53 3.44 -12.36
N VAL B 109 11.27 3.51 -11.95
CA VAL B 109 10.17 3.02 -12.79
C VAL B 109 10.10 3.83 -14.08
N CYS B 110 10.04 5.15 -13.96
CA CYS B 110 9.88 5.98 -15.13
C CYS B 110 11.14 6.04 -15.97
N SER B 111 12.32 5.91 -15.37
CA SER B 111 13.54 5.91 -16.16
C SER B 111 13.65 4.63 -16.98
N LEU B 112 13.32 3.49 -16.39
CA LEU B 112 13.40 2.25 -17.14
C LEU B 112 12.35 2.22 -18.24
N ILE B 113 11.17 2.78 -17.98
CA ILE B 113 10.16 2.82 -19.01
C ILE B 113 10.57 3.78 -20.13
N GLY B 114 11.23 4.88 -19.80
CA GLY B 114 11.70 5.81 -20.80
C GLY B 114 12.98 5.42 -21.50
N GLY B 115 13.70 4.45 -20.97
CA GLY B 115 14.96 4.01 -21.53
C GLY B 115 14.82 2.74 -22.34
N ALA B 116 13.99 1.83 -21.86
CA ALA B 116 13.76 0.58 -22.58
C ALA B 116 13.10 0.84 -23.92
N ALA B 117 12.16 1.78 -23.97
CA ALA B 117 11.41 2.12 -25.17
C ALA B 117 12.05 3.24 -25.98
N SER B 118 13.38 3.35 -25.90
CA SER B 118 14.16 4.26 -26.74
C SER B 118 15.00 3.53 -27.77
N LEU B 119 15.17 2.22 -27.64
CA LEU B 119 15.91 1.40 -28.59
C LEU B 119 15.12 0.12 -28.81
N ASP B 120 15.29 -0.47 -29.98
CA ASP B 120 14.47 -1.61 -30.37
C ASP B 120 14.80 -2.81 -29.50
N PRO B 121 13.86 -3.78 -29.38
CA PRO B 121 14.10 -4.90 -28.45
C PRO B 121 15.31 -5.76 -28.78
N GLY B 122 15.74 -5.83 -30.03
CA GLY B 122 16.94 -6.59 -30.33
C GLY B 122 18.18 -5.97 -29.70
N ALA B 123 18.38 -4.68 -29.92
CA ALA B 123 19.49 -3.99 -29.30
C ALA B 123 19.34 -3.96 -27.79
N LEU B 124 18.10 -3.88 -27.30
CA LEU B 124 17.89 -3.91 -25.85
C LEU B 124 18.29 -5.25 -25.27
N GLY B 125 17.95 -6.34 -25.96
CA GLY B 125 18.31 -7.65 -25.46
C GLY B 125 19.82 -7.84 -25.46
N ARG B 126 20.49 -7.37 -26.51
CA ARG B 126 21.95 -7.45 -26.52
C ARG B 126 22.55 -6.61 -25.40
N LEU B 127 22.06 -5.37 -25.23
CA LEU B 127 22.60 -4.50 -24.19
C LEU B 127 22.36 -5.08 -22.81
N GLY B 128 21.18 -5.63 -22.56
CA GLY B 128 20.91 -6.24 -21.27
C GLY B 128 21.78 -7.46 -21.02
N ALA B 129 22.00 -8.27 -22.05
CA ALA B 129 22.83 -9.46 -21.89
C ALA B 129 24.28 -9.09 -21.61
N TRP B 130 24.84 -8.16 -22.39
CA TRP B 130 26.21 -7.76 -22.14
C TRP B 130 26.35 -7.04 -20.81
N ALA B 131 25.29 -6.34 -20.36
CA ALA B 131 25.35 -5.71 -19.06
C ALA B 131 25.35 -6.73 -17.94
N LEU B 132 24.48 -7.75 -18.03
CA LEU B 132 24.46 -8.78 -17.01
C LEU B 132 25.77 -9.56 -16.98
N LEU B 133 26.33 -9.81 -18.16
CA LEU B 133 27.62 -10.47 -18.22
C LEU B 133 28.69 -9.63 -17.55
N PHE B 134 28.67 -8.32 -17.80
CA PHE B 134 29.64 -7.42 -17.18
C PHE B 134 29.49 -7.41 -15.67
N PHE B 135 28.25 -7.32 -15.17
CA PHE B 135 28.03 -7.29 -13.74
C PHE B 135 28.47 -8.59 -13.09
N LEU B 136 28.16 -9.71 -13.74
CA LEU B 136 28.55 -11.01 -13.23
C LEU B 136 30.07 -11.14 -13.15
N VAL B 137 30.76 -10.70 -14.20
CA VAL B 137 32.21 -10.82 -14.25
C VAL B 137 32.85 -9.92 -13.20
N THR B 138 32.33 -8.70 -13.04
CA THR B 138 32.92 -7.79 -12.07
C THR B 138 32.70 -8.28 -10.65
N THR B 139 31.50 -8.80 -10.36
CA THR B 139 31.25 -9.34 -9.03
C THR B 139 32.12 -10.55 -8.75
N LEU B 140 32.30 -11.41 -9.75
CA LEU B 140 33.16 -12.58 -9.60
C LEU B 140 34.61 -12.19 -9.37
N LEU B 141 35.10 -11.21 -10.13
CA LEU B 141 36.46 -10.73 -9.94
C LEU B 141 36.62 -10.12 -8.55
N ALA B 142 35.60 -9.43 -8.06
CA ALA B 142 35.65 -8.88 -6.72
C ALA B 142 35.77 -9.98 -5.68
N SER B 143 34.97 -11.03 -5.82
CA SER B 143 35.01 -12.13 -4.86
C SER B 143 36.36 -12.85 -4.90
N ALA B 144 36.90 -13.06 -6.10
CA ALA B 144 38.21 -13.68 -6.22
C ALA B 144 39.29 -12.82 -5.60
N LEU B 145 39.18 -11.50 -5.75
CA LEU B 145 40.12 -10.58 -5.11
C LEU B 145 40.01 -10.68 -3.60
N GLY B 146 38.78 -10.83 -3.09
CA GLY B 146 38.60 -11.02 -1.66
C GLY B 146 39.28 -12.27 -1.15
N VAL B 147 39.14 -13.39 -1.89
CA VAL B 147 39.83 -14.62 -1.52
C VAL B 147 41.34 -14.41 -1.52
N GLY B 148 41.84 -13.77 -2.59
CA GLY B 148 43.27 -13.62 -2.73
C GLY B 148 43.87 -12.75 -1.65
N LEU B 149 43.11 -11.76 -1.17
CA LEU B 149 43.60 -10.90 -0.11
C LEU B 149 43.51 -11.59 1.25
N ALA B 150 42.33 -12.13 1.58
CA ALA B 150 42.14 -12.73 2.89
C ALA B 150 43.00 -13.97 3.08
N LEU B 151 43.30 -14.68 1.99
CA LEU B 151 44.18 -15.83 2.09
C LEU B 151 45.61 -15.40 2.38
N ALA B 152 46.04 -14.26 1.83
CA ALA B 152 47.42 -13.81 1.97
C ALA B 152 47.64 -13.08 3.29
N LEU B 153 46.87 -12.02 3.54
CA LEU B 153 47.07 -11.23 4.76
C LEU B 153 46.73 -12.03 6.01
N GLN B 154 45.85 -13.03 5.90
CA GLN B 154 45.45 -13.93 6.98
C GLN B 154 44.88 -13.13 8.15
N PRO B 155 43.74 -12.46 7.98
CA PRO B 155 43.17 -11.72 9.11
C PRO B 155 42.68 -12.61 10.24
N GLY B 156 42.45 -13.89 9.98
CA GLY B 156 42.02 -14.82 11.01
C GLY B 156 43.17 -15.46 11.78
N ALA B 157 44.30 -14.79 11.86
CA ALA B 157 45.39 -15.24 12.71
C ALA B 157 44.99 -15.15 14.18
N ALA B 158 45.75 -15.83 15.02
CA ALA B 158 45.47 -15.84 16.45
C ALA B 158 45.64 -14.44 17.04
N SER B 159 44.55 -13.89 17.56
CA SER B 159 44.56 -12.53 18.09
C SER B 159 43.33 -12.38 18.99
N ALA B 160 43.04 -11.13 19.39
CA ALA B 160 41.87 -10.84 20.20
C ALA B 160 40.58 -11.30 19.53
N ALA B 161 40.52 -11.23 18.20
CA ALA B 161 39.36 -11.69 17.44
C ALA B 161 39.07 -13.17 17.63
N ILE B 162 39.96 -13.95 18.22
CA ILE B 162 39.65 -15.35 18.50
C ILE B 162 38.48 -15.44 19.48
N ASN B 163 38.39 -14.51 20.43
CA ASN B 163 37.29 -14.59 21.40
C ASN B 163 35.99 -14.16 20.74
N ALA B 164 34.91 -14.87 21.09
CA ALA B 164 33.59 -14.58 20.52
C ALA B 164 32.46 -14.74 21.52
N SER B 165 32.73 -15.01 22.80
CA SER B 165 31.65 -15.14 23.77
C SER B 165 30.91 -13.82 23.96
N VAL B 166 31.65 -12.71 24.01
CA VAL B 166 31.03 -11.41 24.20
C VAL B 166 30.15 -11.05 23.00
N GLY B 167 30.65 -11.29 21.80
CA GLY B 167 29.90 -10.98 20.59
C GLY B 167 28.68 -11.87 20.39
N ALA B 168 28.88 -13.18 20.48
CA ALA B 168 27.79 -14.12 20.20
C ALA B 168 26.86 -14.26 21.40
N ALA B 169 27.38 -14.78 22.51
CA ALA B 169 26.61 -15.03 23.73
C ALA B 169 25.41 -15.95 23.46
N GLY B 170 25.56 -16.89 22.52
CA GLY B 170 24.52 -17.86 22.23
C GLY B 170 23.44 -17.38 21.28
N SER B 171 23.35 -16.09 20.98
CA SER B 171 22.32 -15.57 20.09
C SER B 171 22.65 -15.74 18.62
N ALA B 172 23.91 -16.06 18.27
CA ALA B 172 24.29 -16.18 16.86
C ALA B 172 23.59 -17.36 16.20
N GLU B 173 23.55 -18.52 16.87
CA GLU B 173 22.95 -19.70 16.28
C GLU B 173 21.46 -19.52 16.05
N ASN B 174 20.77 -18.90 17.01
CA ASN B 174 19.35 -18.62 16.89
C ASN B 174 19.11 -17.62 15.76
N ALA B 175 18.47 -18.06 14.69
CA ALA B 175 18.20 -17.21 13.54
C ALA B 175 17.13 -17.89 12.69
N PRO B 176 16.56 -17.19 11.70
CA PRO B 176 15.62 -17.87 10.79
C PRO B 176 16.25 -19.02 10.02
N SER B 177 17.53 -18.92 9.68
CA SER B 177 18.27 -19.96 8.97
C SER B 177 17.61 -20.29 7.64
N LYS B 178 17.44 -19.26 6.81
CA LYS B 178 16.76 -19.42 5.54
C LYS B 178 17.55 -20.32 4.61
N GLU B 179 16.85 -21.26 3.99
CA GLU B 179 17.52 -22.16 3.06
C GLU B 179 17.89 -21.42 1.78
N VAL B 180 18.86 -21.99 1.06
CA VAL B 180 19.31 -21.38 -0.18
C VAL B 180 18.23 -21.48 -1.25
N LEU B 181 17.57 -22.64 -1.33
CA LEU B 181 16.49 -22.81 -2.29
C LEU B 181 15.36 -21.84 -1.99
N ASP B 182 15.02 -21.68 -0.71
CA ASP B 182 13.95 -20.78 -0.35
C ASP B 182 14.33 -19.34 -0.64
N SER B 183 15.61 -19.00 -0.48
CA SER B 183 16.06 -17.66 -0.84
C SER B 183 15.94 -17.42 -2.34
N PHE B 184 16.32 -18.41 -3.14
CA PHE B 184 16.19 -18.25 -4.59
C PHE B 184 14.74 -18.18 -5.02
N LEU B 185 13.87 -18.93 -4.36
CA LEU B 185 12.46 -18.86 -4.68
C LEU B 185 11.88 -17.51 -4.30
N ASP B 186 12.27 -16.97 -3.14
CA ASP B 186 11.81 -15.63 -2.79
C ASP B 186 12.37 -14.59 -3.74
N LEU B 187 13.57 -14.82 -4.27
CA LEU B 187 14.10 -13.92 -5.29
C LEU B 187 13.23 -13.95 -6.54
N ALA B 188 12.89 -15.15 -7.01
CA ALA B 188 12.09 -15.27 -8.22
C ALA B 188 10.61 -14.98 -8.01
N ARG B 189 10.18 -14.81 -6.76
CA ARG B 189 8.83 -14.35 -6.45
C ARG B 189 8.78 -12.85 -6.20
N ASN B 190 9.90 -12.24 -5.81
CA ASN B 190 9.99 -10.80 -5.80
C ASN B 190 10.19 -10.27 -7.21
N ILE B 191 10.90 -11.02 -8.05
CA ILE B 191 10.70 -10.91 -9.48
C ILE B 191 9.32 -11.46 -9.78
N PHE B 192 8.62 -10.83 -10.70
CA PHE B 192 7.25 -11.20 -11.04
C PHE B 192 6.37 -11.05 -9.80
N PRO B 193 6.18 -9.83 -9.31
CA PRO B 193 5.41 -9.66 -8.08
C PRO B 193 3.95 -10.00 -8.27
N SER B 194 3.29 -10.26 -7.14
CA SER B 194 1.88 -10.57 -7.17
C SER B 194 1.05 -9.32 -7.37
N ASN B 195 1.49 -8.21 -6.78
CA ASN B 195 0.84 -6.93 -6.93
C ASN B 195 1.89 -5.84 -7.01
N LEU B 196 1.66 -4.90 -7.93
CA LEU B 196 2.63 -3.85 -8.17
C LEU B 196 2.64 -2.84 -7.04
N VAL B 197 1.46 -2.47 -6.57
CA VAL B 197 1.34 -1.47 -5.51
C VAL B 197 2.00 -1.98 -4.23
N SER B 198 1.70 -3.22 -3.84
CA SER B 198 2.33 -3.81 -2.69
C SER B 198 3.84 -3.93 -2.89
N ALA B 199 4.24 -4.25 -4.11
CA ALA B 199 5.65 -4.28 -4.46
C ALA B 199 6.32 -2.93 -4.38
N ALA B 200 5.57 -1.83 -4.33
CA ALA B 200 6.17 -0.54 -4.11
C ALA B 200 6.60 -0.34 -2.67
N PHE B 201 6.16 -1.17 -1.74
CA PHE B 201 6.73 -1.11 -0.40
C PHE B 201 6.81 -2.45 0.33
N ARG B 202 6.60 -3.59 -0.34
CA ARG B 202 6.64 -4.88 0.32
C ARG B 202 7.32 -5.89 -0.57
N SER B 203 7.92 -6.88 0.08
CA SER B 203 8.63 -7.96 -0.57
C SER B 203 8.30 -9.25 0.12
N TYR B 204 8.50 -10.35 -0.60
CA TYR B 204 8.11 -11.67 -0.15
C TYR B 204 9.26 -12.29 0.63
N SER B 205 8.97 -12.71 1.86
CA SER B 205 9.94 -13.36 2.73
C SER B 205 9.30 -14.63 3.26
N THR B 206 9.98 -15.75 3.06
CA THR B 206 9.47 -17.05 3.47
C THR B 206 9.91 -17.34 4.89
N THR B 207 9.01 -17.11 5.85
CA THR B 207 9.26 -17.53 7.21
C THR B 207 9.05 -19.04 7.31
N TYR B 208 9.35 -19.59 8.48
CA TYR B 208 9.28 -21.03 8.72
C TYR B 208 8.47 -21.31 9.97
N GLU B 209 7.35 -22.03 9.79
CA GLU B 209 6.51 -22.45 10.89
C GLU B 209 6.85 -23.90 11.23
N GLU B 210 6.12 -24.47 12.19
CA GLU B 210 6.34 -25.82 12.71
C GLU B 210 5.10 -26.67 12.51
N ARG B 211 4.52 -26.60 11.32
CA ARG B 211 3.29 -27.32 11.01
C ARG B 211 3.55 -28.77 10.61
N ASN B 212 4.25 -29.51 11.47
CA ASN B 212 4.52 -30.93 11.27
C ASN B 212 4.38 -31.66 12.60
N ILE B 213 3.28 -31.38 13.31
CA ILE B 213 3.04 -31.98 14.62
C ILE B 213 2.76 -33.48 14.52
N THR B 214 2.46 -34.00 13.33
CA THR B 214 2.17 -35.42 13.16
C THR B 214 3.33 -36.30 13.59
N GLY B 215 4.56 -35.82 13.47
CA GLY B 215 5.73 -36.55 13.92
C GLY B 215 7.01 -36.06 13.29
N THR B 216 8.09 -36.00 14.07
CA THR B 216 9.39 -35.53 13.61
C THR B 216 9.27 -34.09 13.10
N ARG B 217 9.05 -33.19 14.06
CA ARG B 217 8.82 -31.77 13.79
C ARG B 217 9.91 -31.17 12.91
N VAL B 218 9.51 -30.78 11.69
CA VAL B 218 10.39 -30.19 10.70
C VAL B 218 9.79 -28.83 10.33
N LYS B 219 10.64 -27.81 10.28
CA LYS B 219 10.14 -26.49 9.96
C LYS B 219 9.75 -26.42 8.49
N VAL B 220 8.54 -25.93 8.22
CA VAL B 220 7.97 -25.86 6.87
C VAL B 220 7.88 -24.40 6.43
N PRO B 221 8.06 -24.08 5.14
CA PRO B 221 7.97 -22.67 4.75
C PRO B 221 6.54 -22.18 4.70
N VAL B 222 6.35 -20.92 5.08
CA VAL B 222 5.15 -20.17 4.77
C VAL B 222 5.58 -18.83 4.21
N GLY B 223 4.79 -18.32 3.27
CA GLY B 223 5.01 -17.01 2.68
C GLY B 223 4.14 -15.96 3.36
N GLN B 224 4.79 -14.86 3.72
CA GLN B 224 4.06 -13.69 4.20
C GLN B 224 4.85 -12.46 3.80
N GLU B 225 4.17 -11.55 3.08
CA GLU B 225 4.80 -10.33 2.64
C GLU B 225 5.24 -9.48 3.81
N VAL B 226 6.44 -8.93 3.71
CA VAL B 226 7.06 -8.12 4.77
C VAL B 226 7.37 -6.76 4.18
N GLU B 227 8.00 -5.91 4.97
CA GLU B 227 8.30 -4.55 4.57
C GLU B 227 9.63 -4.49 3.84
N GLY B 228 9.75 -3.50 2.96
CA GLY B 228 10.87 -3.35 2.06
C GLY B 228 10.42 -3.32 0.63
N MET B 229 10.99 -2.42 -0.16
CA MET B 229 10.59 -2.30 -1.55
C MET B 229 11.01 -3.51 -2.36
N ASN B 230 10.18 -3.85 -3.35
CA ASN B 230 10.46 -4.89 -4.32
C ASN B 230 10.99 -4.25 -5.60
N ILE B 231 12.15 -3.63 -5.44
CA ILE B 231 12.71 -2.83 -6.52
C ILE B 231 13.10 -3.71 -7.69
N LEU B 232 13.48 -4.96 -7.43
CA LEU B 232 13.78 -5.87 -8.53
C LEU B 232 12.54 -6.18 -9.35
N GLY B 233 11.42 -6.42 -8.68
CA GLY B 233 10.18 -6.68 -9.38
C GLY B 233 9.70 -5.48 -10.16
N LEU B 234 9.87 -4.29 -9.58
CA LEU B 234 9.47 -3.09 -10.29
C LEU B 234 10.37 -2.83 -11.49
N VAL B 235 11.66 -3.15 -11.35
CA VAL B 235 12.59 -3.00 -12.46
C VAL B 235 12.17 -3.90 -13.61
N VAL B 236 11.87 -5.16 -13.32
CA VAL B 236 11.52 -6.10 -14.37
C VAL B 236 10.21 -5.71 -15.03
N PHE B 237 9.21 -5.35 -14.21
CA PHE B 237 7.94 -4.91 -14.76
C PHE B 237 8.11 -3.68 -15.63
N ALA B 238 8.94 -2.73 -15.19
CA ALA B 238 9.13 -1.51 -15.94
C ALA B 238 9.82 -1.76 -17.27
N ILE B 239 10.84 -2.61 -17.28
CA ILE B 239 11.54 -2.94 -18.52
C ILE B 239 10.57 -3.60 -19.48
N VAL B 240 9.81 -4.56 -18.98
CA VAL B 240 8.85 -5.27 -19.81
C VAL B 240 7.80 -4.32 -20.34
N PHE B 241 7.38 -3.35 -19.52
CA PHE B 241 6.43 -2.36 -19.97
C PHE B 241 6.98 -1.52 -21.10
N GLY B 242 8.22 -1.05 -20.95
CA GLY B 242 8.82 -0.23 -21.98
C GLY B 242 8.99 -0.98 -23.28
N VAL B 243 9.30 -2.28 -23.18
CA VAL B 243 9.36 -3.10 -24.38
C VAL B 243 7.99 -3.20 -25.02
N ALA B 244 6.94 -3.28 -24.21
CA ALA B 244 5.60 -3.34 -24.75
C ALA B 244 5.24 -2.03 -25.47
N LEU B 245 5.66 -0.91 -24.92
CA LEU B 245 5.33 0.36 -25.54
C LEU B 245 6.12 0.54 -26.84
N ARG B 246 7.35 0.04 -26.89
CA ARG B 246 8.07 0.07 -28.16
C ARG B 246 7.45 -0.89 -29.16
N LYS B 247 6.88 -1.99 -28.68
CA LYS B 247 6.13 -2.89 -29.57
C LYS B 247 4.94 -2.17 -30.17
N LEU B 248 4.22 -1.40 -29.36
CA LEU B 248 3.27 -0.45 -29.91
C LEU B 248 4.01 0.71 -30.57
N GLY B 249 3.25 1.52 -31.31
CA GLY B 249 3.77 2.66 -32.01
C GLY B 249 3.12 3.96 -31.56
N PRO B 250 2.23 4.57 -32.35
CA PRO B 250 1.64 5.85 -31.93
C PRO B 250 0.83 5.79 -30.65
N GLU B 251 0.32 4.62 -30.27
CA GLU B 251 -0.45 4.54 -29.04
C GLU B 251 0.41 4.81 -27.81
N GLY B 252 1.71 4.52 -27.89
CA GLY B 252 2.59 4.65 -26.76
C GLY B 252 3.36 5.96 -26.64
N GLU B 253 3.27 6.82 -27.65
CA GLU B 253 4.04 8.06 -27.62
C GLU B 253 3.61 8.95 -26.47
N LEU B 254 2.30 9.01 -26.23
CA LEU B 254 1.77 9.78 -25.09
C LEU B 254 2.37 9.28 -23.79
N LEU B 255 2.38 7.97 -23.62
CA LEU B 255 2.75 7.39 -22.34
C LEU B 255 4.25 7.50 -22.11
N ILE B 256 5.04 7.39 -23.18
CA ILE B 256 6.47 7.64 -23.06
C ILE B 256 6.73 9.09 -22.71
N ARG B 257 5.98 10.01 -23.33
CA ARG B 257 6.15 11.43 -23.02
C ARG B 257 5.79 11.70 -21.56
N PHE B 258 4.76 11.02 -21.06
CA PHE B 258 4.35 11.12 -19.67
C PHE B 258 5.50 10.69 -18.77
N PHE B 259 6.06 9.51 -19.01
CA PHE B 259 7.04 8.98 -18.08
C PHE B 259 8.35 9.74 -18.15
N ASN B 260 8.76 10.19 -19.35
CA ASN B 260 9.96 11.02 -19.44
C ASN B 260 9.78 12.34 -18.72
N SER B 261 8.60 12.97 -18.86
CA SER B 261 8.33 14.21 -18.13
C SER B 261 8.36 13.97 -16.64
N PHE B 262 7.82 12.85 -16.20
CA PHE B 262 7.74 12.54 -14.78
C PHE B 262 9.13 12.35 -14.21
N ASN B 263 9.99 11.64 -14.94
CA ASN B 263 11.36 11.44 -14.49
C ASN B 263 12.14 12.74 -14.49
N GLU B 264 11.91 13.61 -15.46
CA GLU B 264 12.60 14.90 -15.46
C GLU B 264 12.19 15.74 -14.27
N ALA B 265 10.91 15.71 -13.91
CA ALA B 265 10.45 16.38 -12.69
C ALA B 265 11.14 15.81 -11.46
N THR B 266 11.24 14.49 -11.39
CA THR B 266 11.91 13.86 -10.26
C THR B 266 13.40 14.22 -10.23
N MET B 267 14.02 14.39 -11.39
CA MET B 267 15.40 14.84 -11.45
C MET B 267 15.54 16.26 -10.92
N VAL B 268 14.55 17.09 -11.21
CA VAL B 268 14.55 18.45 -10.71
C VAL B 268 14.45 18.44 -9.18
N LEU B 269 13.68 17.49 -8.63
CA LEU B 269 13.70 17.32 -7.18
C LEU B 269 15.07 16.87 -6.70
N VAL B 270 15.72 16.01 -7.49
CA VAL B 270 17.02 15.46 -7.10
C VAL B 270 18.05 16.55 -6.97
N SER B 271 17.96 17.59 -7.78
CA SER B 271 18.91 18.68 -7.68
C SER B 271 18.88 19.32 -6.30
N TRP B 272 17.68 19.53 -5.78
CA TRP B 272 17.53 20.21 -4.51
C TRP B 272 17.89 19.28 -3.35
N ILE B 273 17.54 18.00 -3.49
CA ILE B 273 17.99 17.01 -2.52
C ILE B 273 19.51 16.94 -2.50
N MET B 274 20.13 17.07 -3.66
CA MET B 274 21.58 17.07 -3.75
C MET B 274 22.17 18.26 -3.01
N TRP B 275 21.55 19.43 -3.15
CA TRP B 275 22.07 20.59 -2.45
C TRP B 275 21.87 20.47 -0.95
N TYR B 276 20.85 19.73 -0.50
CA TYR B 276 20.70 19.48 0.93
C TYR B 276 21.68 18.43 1.45
N ALA B 277 22.06 17.47 0.60
CA ALA B 277 22.74 16.25 1.04
C ALA B 277 23.95 16.39 1.96
N PRO B 278 24.85 17.38 1.79
CA PRO B 278 26.03 17.44 2.69
C PRO B 278 25.70 17.55 4.16
N VAL B 279 24.65 18.29 4.51
CA VAL B 279 24.27 18.41 5.91
C VAL B 279 23.83 17.06 6.46
N GLY B 280 23.02 16.34 5.68
CA GLY B 280 22.58 15.03 6.08
C GLY B 280 23.74 14.06 6.23
N ILE B 281 24.70 14.12 5.31
CA ILE B 281 25.86 13.24 5.38
C ILE B 281 26.68 13.55 6.62
N MET B 282 26.89 14.83 6.90
CA MET B 282 27.68 15.22 8.06
C MET B 282 27.04 14.73 9.36
N PHE B 283 25.76 15.02 9.54
CA PHE B 283 25.08 14.60 10.76
C PHE B 283 24.97 13.09 10.85
N LEU B 284 24.80 12.42 9.72
CA LEU B 284 24.68 10.96 9.73
C LEU B 284 25.98 10.31 10.14
N VAL B 285 27.09 10.76 9.57
CA VAL B 285 28.39 10.20 9.92
C VAL B 285 28.73 10.47 11.37
N ALA B 286 28.46 11.70 11.83
CA ALA B 286 28.70 12.04 13.23
C ALA B 286 27.87 11.17 14.15
N GLY B 287 26.61 10.94 13.80
CA GLY B 287 25.77 10.09 14.61
C GLY B 287 26.21 8.65 14.62
N LYS B 288 26.71 8.15 13.49
CA LYS B 288 27.05 6.73 13.40
C LYS B 288 28.42 6.42 13.95
N ILE B 289 29.27 7.43 14.21
CA ILE B 289 30.46 7.22 15.05
C ILE B 289 30.26 7.66 16.50
N VAL B 290 29.18 8.38 16.80
CA VAL B 290 28.83 8.62 18.20
C VAL B 290 28.05 7.43 18.77
N GLU B 291 27.33 6.70 17.92
CA GLU B 291 26.56 5.55 18.38
C GLU B 291 27.45 4.43 18.89
N MET B 292 28.71 4.38 18.48
CA MET B 292 29.70 3.48 19.09
C MET B 292 31.06 4.15 19.11
N GLU B 293 31.79 3.91 20.19
CA GLU B 293 33.12 4.46 20.36
C GLU B 293 34.05 3.89 19.30
N ASP B 294 34.86 4.76 18.69
CA ASP B 294 35.78 4.40 17.62
C ASP B 294 37.15 5.04 17.87
N VAL B 295 37.59 5.03 19.12
CA VAL B 295 38.95 5.46 19.45
C VAL B 295 39.98 4.53 18.81
N GLY B 296 39.62 3.28 18.53
CA GLY B 296 40.51 2.29 17.96
C GLY B 296 40.38 0.90 18.57
N LEU B 297 39.42 0.70 19.48
CA LEU B 297 39.26 -0.61 20.10
C LEU B 297 38.84 -1.67 19.08
N LEU B 298 37.77 -1.39 18.31
CA LEU B 298 37.35 -2.37 17.31
C LEU B 298 38.31 -2.39 16.13
N PHE B 299 38.93 -1.26 15.81
CA PHE B 299 39.98 -1.27 14.80
C PHE B 299 41.17 -2.10 15.29
N ALA B 300 41.57 -1.93 16.55
CA ALA B 300 42.64 -2.78 17.08
C ALA B 300 42.24 -4.24 17.12
N ARG B 301 40.95 -4.55 17.19
CA ARG B 301 40.48 -5.92 17.19
C ARG B 301 40.51 -6.53 15.79
N LEU B 302 40.00 -5.81 14.79
CA LEU B 302 39.75 -6.34 13.45
C LEU B 302 40.44 -5.51 12.37
N GLY B 303 41.65 -5.02 12.67
CA GLY B 303 42.35 -4.19 11.72
C GLY B 303 42.72 -4.91 10.44
N LYS B 304 43.14 -6.16 10.56
CA LYS B 304 43.50 -6.92 9.36
C LYS B 304 42.28 -7.16 8.47
N TYR B 305 41.15 -7.51 9.07
CA TYR B 305 39.95 -7.78 8.29
C TYR B 305 39.43 -6.51 7.62
N ILE B 306 39.36 -5.40 8.36
CA ILE B 306 38.88 -4.16 7.77
C ILE B 306 39.85 -3.64 6.72
N LEU B 307 41.16 -3.77 6.96
CA LEU B 307 42.13 -3.36 5.95
C LEU B 307 42.00 -4.21 4.71
N CYS B 308 41.75 -5.51 4.87
CA CYS B 308 41.56 -6.39 3.74
C CYS B 308 40.35 -5.97 2.92
N CYS B 309 39.25 -5.65 3.59
CA CYS B 309 38.04 -5.27 2.88
C CYS B 309 38.22 -3.93 2.16
N LEU B 310 38.79 -2.93 2.85
CA LEU B 310 38.98 -1.63 2.21
C LEU B 310 39.99 -1.70 1.08
N LEU B 311 41.05 -2.48 1.24
CA LEU B 311 42.03 -2.63 0.17
C LEU B 311 41.43 -3.36 -1.02
N GLY B 312 40.61 -4.38 -0.76
CA GLY B 312 39.92 -5.03 -1.86
C GLY B 312 38.99 -4.10 -2.59
N HIS B 313 38.27 -3.25 -1.85
CA HIS B 313 37.36 -2.31 -2.49
C HIS B 313 38.13 -1.29 -3.33
N ALA B 314 39.23 -0.78 -2.79
CA ALA B 314 40.01 0.22 -3.54
C ALA B 314 40.65 -0.39 -4.76
N ILE B 315 41.17 -1.62 -4.64
CA ILE B 315 41.80 -2.26 -5.78
C ILE B 315 40.77 -2.59 -6.84
N HIS B 316 39.56 -3.00 -6.43
CA HIS B 316 38.51 -3.22 -7.40
C HIS B 316 38.08 -1.91 -8.04
N GLY B 317 37.99 -0.84 -7.26
CA GLY B 317 37.50 0.44 -7.73
C GLY B 317 38.52 1.35 -8.37
N LEU B 318 39.82 1.06 -8.24
CA LEU B 318 40.88 1.92 -8.74
C LEU B 318 41.88 1.23 -9.66
N LEU B 319 41.88 -0.10 -9.74
CA LEU B 319 42.71 -0.83 -10.70
C LEU B 319 41.86 -1.64 -11.68
N VAL B 320 40.98 -2.51 -11.20
CA VAL B 320 40.34 -3.50 -12.07
C VAL B 320 39.37 -2.83 -13.04
N LEU B 321 38.40 -2.12 -12.50
CA LEU B 321 37.37 -1.52 -13.34
C LEU B 321 37.89 -0.33 -14.14
N PRO B 322 38.77 0.53 -13.60
CA PRO B 322 39.43 1.51 -14.48
C PRO B 322 40.25 0.87 -15.59
N LEU B 323 40.89 -0.26 -15.30
CA LEU B 323 41.64 -0.96 -16.34
C LEU B 323 40.69 -1.45 -17.43
N ILE B 324 39.54 -1.98 -17.03
CA ILE B 324 38.56 -2.47 -18.00
C ILE B 324 38.03 -1.33 -18.85
N TYR B 325 37.72 -0.19 -18.21
CA TYR B 325 37.24 0.98 -18.93
C TYR B 325 38.26 1.48 -19.93
N PHE B 326 39.52 1.60 -19.50
CA PHE B 326 40.56 2.06 -20.40
C PHE B 326 40.74 1.11 -21.57
N LEU B 327 40.73 -0.20 -21.27
CA LEU B 327 40.88 -1.22 -22.31
C LEU B 327 39.78 -1.11 -23.35
N PHE B 328 38.54 -0.91 -22.91
CA PHE B 328 37.41 -0.96 -23.83
C PHE B 328 37.16 0.38 -24.53
N THR B 329 36.88 1.44 -23.76
CA THR B 329 36.52 2.73 -24.36
C THR B 329 37.73 3.63 -24.61
N ARG B 330 38.87 3.40 -23.94
CA ARG B 330 40.09 4.16 -24.18
C ARG B 330 39.90 5.63 -23.85
N LYS B 331 39.40 5.89 -22.64
CA LYS B 331 39.10 7.22 -22.15
C LYS B 331 39.45 7.23 -20.66
N ASN B 332 39.88 8.41 -20.16
CA ASN B 332 40.46 8.54 -18.83
C ASN B 332 39.51 8.06 -17.72
N PRO B 333 39.73 6.85 -17.17
CA PRO B 333 38.77 6.35 -16.18
C PRO B 333 38.84 7.11 -14.89
N TYR B 334 40.03 7.54 -14.47
CA TYR B 334 40.13 8.29 -13.24
C TYR B 334 39.52 9.68 -13.38
N ARG B 335 39.53 10.23 -14.61
CA ARG B 335 38.84 11.49 -14.81
C ARG B 335 37.36 11.26 -14.54
N PHE B 336 36.84 10.17 -15.12
CA PHE B 336 35.43 9.83 -14.97
C PHE B 336 35.07 9.59 -13.51
N LEU B 337 35.98 8.93 -12.78
CA LEU B 337 35.76 8.69 -11.36
C LEU B 337 35.67 9.99 -10.59
N TRP B 338 36.47 10.99 -10.98
CA TRP B 338 36.33 12.28 -10.32
C TRP B 338 35.00 12.94 -10.68
N GLY B 339 34.46 12.60 -11.85
CA GLY B 339 33.17 13.17 -12.23
C GLY B 339 32.00 12.81 -11.33
N ILE B 340 32.15 11.78 -10.48
CA ILE B 340 31.05 11.21 -9.71
C ILE B 340 31.37 11.14 -8.22
N VAL B 341 32.20 12.06 -7.72
CA VAL B 341 32.62 11.98 -6.34
C VAL B 341 31.46 12.20 -5.39
N THR B 342 30.52 13.06 -5.75
CA THR B 342 29.42 13.37 -4.83
C THR B 342 28.54 12.16 -4.57
N PRO B 343 28.09 11.39 -5.57
CA PRO B 343 27.40 10.14 -5.25
C PRO B 343 28.24 9.13 -4.48
N LEU B 344 29.56 9.08 -4.72
CA LEU B 344 30.39 8.15 -3.96
C LEU B 344 30.44 8.54 -2.49
N ALA B 345 30.63 9.83 -2.22
CA ALA B 345 30.61 10.31 -0.84
C ALA B 345 29.25 10.10 -0.21
N THR B 346 28.18 10.28 -0.99
CA THR B 346 26.85 10.02 -0.46
C THR B 346 26.66 8.55 -0.15
N ALA B 347 27.25 7.67 -0.97
CA ALA B 347 27.17 6.25 -0.69
C ALA B 347 27.92 5.90 0.59
N PHE B 348 29.10 6.50 0.78
CA PHE B 348 29.85 6.28 2.01
C PHE B 348 29.06 6.77 3.22
N GLY B 349 28.46 7.95 3.13
CA GLY B 349 27.69 8.46 4.24
C GLY B 349 26.41 7.69 4.52
N THR B 350 25.72 7.27 3.47
CA THR B 350 24.39 6.67 3.61
C THR B 350 24.42 5.18 3.87
N SER B 351 25.39 4.46 3.30
CA SER B 351 25.43 3.00 3.33
C SER B 351 24.17 2.42 2.71
N SER B 352 23.83 2.94 1.53
CA SER B 352 22.64 2.49 0.81
C SER B 352 22.82 2.79 -0.67
N SER B 353 22.86 1.74 -1.49
CA SER B 353 23.11 1.93 -2.92
C SER B 353 21.91 2.53 -3.62
N SER B 354 20.71 2.06 -3.27
CA SER B 354 19.50 2.55 -3.92
C SER B 354 19.27 4.02 -3.61
N ALA B 355 19.63 4.46 -2.41
CA ALA B 355 19.35 5.84 -2.03
C ALA B 355 20.26 6.83 -2.75
N THR B 356 21.52 6.47 -2.99
CA THR B 356 22.42 7.35 -3.72
C THR B 356 22.13 7.41 -5.22
N LEU B 357 21.30 6.51 -5.72
CA LEU B 357 21.12 6.36 -7.16
C LEU B 357 20.56 7.59 -7.86
N PRO B 358 19.55 8.30 -7.32
CA PRO B 358 19.11 9.52 -7.99
C PRO B 358 20.21 10.56 -8.17
N LEU B 359 21.01 10.78 -7.14
CA LEU B 359 22.15 11.68 -7.24
C LEU B 359 23.13 11.18 -8.29
N MET B 360 23.36 9.88 -8.34
CA MET B 360 24.27 9.32 -9.34
C MET B 360 23.76 9.52 -10.75
N MET B 361 22.48 9.24 -11.00
CA MET B 361 21.97 9.35 -12.36
C MET B 361 21.96 10.80 -12.80
N LYS B 362 21.65 11.72 -11.88
CA LYS B 362 21.79 13.14 -12.19
C LYS B 362 23.21 13.50 -12.56
N CYS B 363 24.19 13.09 -11.74
CA CYS B 363 25.57 13.48 -11.98
C CYS B 363 26.12 12.85 -13.26
N VAL B 364 25.76 11.61 -13.53
CA VAL B 364 26.29 10.93 -14.71
C VAL B 364 25.71 11.52 -15.98
N GLU B 365 24.39 11.75 -16.01
CA GLU B 365 23.80 12.36 -17.20
C GLU B 365 24.26 13.81 -17.38
N GLU B 366 24.48 14.54 -16.29
CA GLU B 366 24.80 15.95 -16.39
C GLU B 366 26.28 16.16 -16.68
N ASN B 367 27.16 15.74 -15.77
CA ASN B 367 28.57 16.06 -15.88
C ASN B 367 29.24 15.25 -16.97
N ASN B 368 29.29 13.93 -16.80
CA ASN B 368 29.95 13.07 -17.76
C ASN B 368 29.09 12.90 -19.00
N GLY B 369 29.75 12.68 -20.13
CA GLY B 369 29.06 12.57 -21.39
C GLY B 369 28.53 11.18 -21.65
N VAL B 370 27.65 10.71 -20.77
CA VAL B 370 27.01 9.40 -20.88
C VAL B 370 25.62 9.62 -21.45
N ALA B 371 25.18 8.70 -22.30
CA ALA B 371 23.91 8.86 -22.98
C ALA B 371 22.76 8.72 -22.00
N LYS B 372 21.71 9.50 -22.24
CA LYS B 372 20.59 9.57 -21.33
C LYS B 372 19.86 8.23 -21.23
N HIS B 373 19.53 7.65 -22.38
CA HIS B 373 18.80 6.37 -22.40
C HIS B 373 19.65 5.24 -21.83
N ILE B 374 20.93 5.19 -22.16
CA ILE B 374 21.80 4.14 -21.64
C ILE B 374 21.91 4.25 -20.13
N SER B 375 22.06 5.48 -19.63
CA SER B 375 22.10 5.73 -18.20
C SER B 375 20.83 5.23 -17.52
N ARG B 376 19.67 5.61 -18.08
CA ARG B 376 18.38 5.22 -17.53
C ARG B 376 18.23 3.72 -17.45
N PHE B 377 18.63 3.02 -18.52
CA PHE B 377 18.42 1.57 -18.55
C PHE B 377 19.40 0.85 -17.63
N ILE B 378 20.65 1.30 -17.58
CA ILE B 378 21.70 0.51 -16.96
C ILE B 378 21.76 0.77 -15.46
N LEU B 379 21.86 2.04 -15.07
CA LEU B 379 22.20 2.35 -13.67
C LEU B 379 21.21 1.82 -12.64
N PRO B 380 19.89 1.87 -12.84
CA PRO B 380 19.00 1.19 -11.90
C PRO B 380 19.24 -0.30 -11.82
N ILE B 381 19.45 -0.95 -12.97
CA ILE B 381 19.74 -2.38 -12.96
C ILE B 381 21.07 -2.64 -12.26
N GLY B 382 22.02 -1.71 -12.37
CA GLY B 382 23.25 -1.85 -11.64
C GLY B 382 23.05 -1.82 -10.14
N ALA B 383 22.08 -1.03 -9.69
CA ALA B 383 21.89 -0.87 -8.24
C ALA B 383 21.30 -2.13 -7.61
N THR B 384 20.42 -2.83 -8.33
CA THR B 384 19.70 -3.97 -7.80
C THR B 384 20.35 -5.30 -8.09
N VAL B 385 21.44 -5.34 -8.87
CA VAL B 385 22.08 -6.59 -9.27
C VAL B 385 23.56 -6.53 -8.95
N ASN B 386 24.25 -5.55 -9.49
CA ASN B 386 25.67 -5.40 -9.22
C ASN B 386 25.87 -4.98 -7.78
N MET B 387 26.46 -5.88 -6.99
CA MET B 387 27.02 -5.54 -5.68
C MET B 387 28.41 -6.16 -5.59
N ASP B 388 29.38 -5.46 -6.20
CA ASP B 388 30.76 -5.93 -6.17
C ASP B 388 31.30 -5.94 -4.76
N GLY B 389 31.09 -4.85 -4.03
CA GLY B 389 31.59 -4.77 -2.68
C GLY B 389 30.91 -5.74 -1.74
N ALA B 390 29.61 -5.95 -1.94
CA ALA B 390 28.90 -6.89 -1.09
C ALA B 390 29.43 -8.30 -1.28
N ALA B 391 29.62 -8.71 -2.54
CA ALA B 391 30.20 -10.03 -2.79
C ALA B 391 31.61 -10.11 -2.22
N LEU B 392 32.37 -9.01 -2.35
CA LEU B 392 33.73 -8.95 -1.86
C LEU B 392 33.79 -9.18 -0.36
N PHE B 393 33.14 -8.31 0.44
CA PHE B 393 33.31 -8.46 1.87
C PHE B 393 32.53 -9.64 2.43
N GLN B 394 31.51 -10.14 1.72
CA GLN B 394 30.90 -11.40 2.14
C GLN B 394 31.90 -12.53 2.03
N CYS B 395 32.59 -12.61 0.89
CA CYS B 395 33.59 -13.65 0.70
C CYS B 395 34.75 -13.49 1.68
N VAL B 396 35.17 -12.25 1.92
CA VAL B 396 36.27 -12.00 2.85
C VAL B 396 35.87 -12.37 4.26
N ALA B 397 34.64 -12.07 4.65
CA ALA B 397 34.16 -12.45 5.97
C ALA B 397 34.13 -13.96 6.12
N ALA B 398 33.66 -14.66 5.09
CA ALA B 398 33.65 -16.12 5.12
C ALA B 398 35.06 -16.67 5.27
N VAL B 399 36.00 -16.12 4.50
CA VAL B 399 37.38 -16.60 4.57
C VAL B 399 38.01 -16.27 5.91
N PHE B 400 37.64 -15.14 6.51
CA PHE B 400 38.18 -14.78 7.82
C PHE B 400 37.69 -15.74 8.89
N ILE B 401 36.38 -16.00 8.94
CA ILE B 401 35.85 -16.90 9.95
C ILE B 401 36.34 -18.33 9.72
N ALA B 402 36.64 -18.68 8.47
CA ALA B 402 37.24 -19.98 8.20
C ALA B 402 38.71 -20.00 8.60
N GLN B 403 39.41 -18.87 8.43
CA GLN B 403 40.83 -18.81 8.78
C GLN B 403 41.02 -19.00 10.28
N LEU B 404 40.22 -18.31 11.10
CA LEU B 404 40.15 -18.71 12.50
C LEU B 404 39.47 -20.07 12.57
N SER B 405 39.96 -20.92 13.46
CA SER B 405 39.67 -22.35 13.61
C SER B 405 40.39 -23.21 12.56
N GLN B 406 41.13 -22.62 11.62
CA GLN B 406 42.01 -23.33 10.70
C GLN B 406 41.25 -24.34 9.84
N GLN B 407 40.34 -23.81 9.02
CA GLN B 407 39.65 -24.63 8.02
C GLN B 407 40.49 -24.71 6.75
N SER B 408 40.16 -25.68 5.90
CA SER B 408 41.00 -25.97 4.74
C SER B 408 40.74 -25.02 3.58
N LEU B 409 39.54 -25.11 2.98
CA LEU B 409 39.13 -24.28 1.84
C LEU B 409 40.14 -24.33 0.70
N ASP B 410 40.28 -25.53 0.11
CA ASP B 410 41.38 -25.72 -0.84
C ASP B 410 41.06 -25.16 -2.22
N PHE B 411 40.11 -25.76 -2.95
CA PHE B 411 39.71 -25.28 -4.27
C PHE B 411 38.21 -25.33 -4.48
N VAL B 412 37.57 -26.43 -4.06
CA VAL B 412 36.16 -26.62 -4.33
C VAL B 412 35.33 -25.67 -3.47
N LYS B 413 35.67 -25.55 -2.20
CA LYS B 413 34.97 -24.62 -1.34
C LYS B 413 35.21 -23.18 -1.76
N ILE B 414 36.39 -22.89 -2.30
CA ILE B 414 36.67 -21.55 -2.80
C ILE B 414 35.73 -21.23 -3.96
N ILE B 415 35.58 -22.17 -4.89
CA ILE B 415 34.67 -21.96 -6.02
C ILE B 415 33.23 -21.83 -5.52
N THR B 416 32.88 -22.60 -4.49
CA THR B 416 31.54 -22.54 -3.94
C THR B 416 31.23 -21.17 -3.34
N ILE B 417 32.16 -20.64 -2.55
CA ILE B 417 31.96 -19.32 -1.96
C ILE B 417 31.90 -18.26 -3.05
N LEU B 418 32.72 -18.40 -4.09
CA LEU B 418 32.66 -17.46 -5.23
C LEU B 418 31.28 -17.45 -5.87
N VAL B 419 30.77 -18.62 -6.21
CA VAL B 419 29.51 -18.69 -6.95
C VAL B 419 28.35 -18.23 -6.08
N THR B 420 28.32 -18.67 -4.82
CA THR B 420 27.21 -18.27 -3.96
C THR B 420 27.28 -16.80 -3.60
N ALA B 421 28.49 -16.22 -3.51
CA ALA B 421 28.60 -14.78 -3.33
C ALA B 421 28.09 -14.04 -4.57
N THR B 422 28.42 -14.55 -5.75
CA THR B 422 27.98 -13.91 -6.99
C THR B 422 26.46 -13.92 -7.10
N ALA B 423 25.83 -15.03 -6.71
CA ALA B 423 24.38 -15.09 -6.72
C ALA B 423 23.77 -14.25 -5.58
N SER B 424 24.43 -14.22 -4.42
CA SER B 424 23.90 -13.45 -3.31
C SER B 424 24.07 -11.95 -3.50
N SER B 425 24.88 -11.52 -4.47
CA SER B 425 24.92 -10.13 -4.87
C SER B 425 23.53 -9.60 -5.19
N VAL B 426 22.75 -10.40 -5.92
CA VAL B 426 21.34 -10.08 -6.18
C VAL B 426 20.43 -10.66 -5.08
N GLY B 427 20.87 -11.74 -4.42
CA GLY B 427 20.06 -12.30 -3.34
C GLY B 427 19.81 -11.33 -2.21
N ALA B 428 20.85 -10.60 -1.80
CA ALA B 428 20.72 -9.56 -0.79
C ALA B 428 20.09 -8.28 -1.33
N ALA B 429 19.91 -8.16 -2.65
CA ALA B 429 19.50 -6.89 -3.22
C ALA B 429 18.02 -6.61 -2.97
N GLY B 430 17.17 -7.63 -3.12
CA GLY B 430 15.74 -7.43 -2.94
C GLY B 430 15.38 -7.04 -1.51
N ILE B 431 16.07 -7.61 -0.53
CA ILE B 431 15.81 -7.36 0.89
C ILE B 431 16.75 -6.26 1.36
N PRO B 432 16.24 -5.10 1.85
CA PRO B 432 17.15 -4.11 2.43
C PRO B 432 17.64 -4.45 3.82
N ALA B 433 16.91 -5.26 4.59
CA ALA B 433 17.30 -5.54 5.96
C ALA B 433 18.57 -6.39 6.02
N GLY B 434 18.76 -7.27 5.04
CA GLY B 434 19.91 -8.17 5.05
C GLY B 434 21.20 -7.50 4.63
N GLY B 435 21.72 -6.61 5.47
CA GLY B 435 23.00 -5.97 5.16
C GLY B 435 24.14 -6.96 5.09
N VAL B 436 24.23 -7.84 6.08
CA VAL B 436 25.18 -8.96 6.08
C VAL B 436 24.50 -10.25 6.52
N LEU B 437 23.16 -10.28 6.50
CA LEU B 437 22.45 -11.46 6.95
C LEU B 437 22.66 -12.64 6.01
N THR B 438 22.99 -12.37 4.75
CA THR B 438 23.08 -13.43 3.75
C THR B 438 24.31 -14.32 3.95
N LEU B 439 25.25 -13.91 4.80
CA LEU B 439 26.41 -14.77 5.04
C LEU B 439 26.01 -16.05 5.76
N ALA B 440 24.95 -16.00 6.58
CA ALA B 440 24.51 -17.18 7.31
C ALA B 440 24.05 -18.27 6.36
N ILE B 441 23.30 -17.91 5.31
CA ILE B 441 22.81 -18.94 4.38
C ILE B 441 23.95 -19.50 3.54
N ILE B 442 24.98 -18.69 3.26
CA ILE B 442 26.19 -19.18 2.60
C ILE B 442 26.84 -20.25 3.46
N LEU B 443 27.06 -19.93 4.74
CA LEU B 443 27.70 -20.87 5.63
C LEU B 443 26.82 -22.08 5.91
N GLU B 444 25.50 -21.95 5.76
CA GLU B 444 24.62 -23.10 5.79
C GLU B 444 24.84 -23.99 4.57
N ALA B 445 25.04 -23.37 3.40
CA ALA B 445 25.29 -24.12 2.18
C ALA B 445 26.58 -24.93 2.29
N VAL B 446 27.63 -24.31 2.84
CA VAL B 446 28.97 -24.91 2.87
C VAL B 446 29.39 -25.34 4.29
N ASN B 447 28.54 -25.13 5.30
CA ASN B 447 28.66 -25.78 6.61
C ASN B 447 29.96 -25.39 7.33
N LEU B 448 30.04 -24.12 7.68
CA LEU B 448 31.12 -23.52 8.45
C LEU B 448 30.62 -23.05 9.82
N PRO B 449 31.54 -22.68 10.73
CA PRO B 449 31.07 -22.15 12.02
C PRO B 449 30.40 -20.79 11.90
N VAL B 450 29.08 -20.76 12.13
CA VAL B 450 28.30 -19.54 12.21
C VAL B 450 28.24 -19.06 13.67
N ASP B 451 29.04 -19.67 14.55
CA ASP B 451 28.92 -19.40 15.98
C ASP B 451 29.34 -17.98 16.36
N HIS B 452 30.06 -17.27 15.47
CA HIS B 452 30.60 -15.94 15.74
C HIS B 452 30.33 -14.99 14.58
N ILE B 453 29.22 -15.19 13.87
CA ILE B 453 28.80 -14.26 12.82
C ILE B 453 28.47 -12.89 13.38
N SER B 454 28.13 -12.79 14.67
CA SER B 454 27.80 -11.51 15.28
C SER B 454 29.00 -10.59 15.45
N LEU B 455 30.23 -11.09 15.23
CA LEU B 455 31.41 -10.24 15.31
C LEU B 455 31.34 -9.08 14.35
N ILE B 456 30.91 -9.34 13.11
CA ILE B 456 30.91 -8.33 12.07
C ILE B 456 29.82 -7.28 12.28
N LEU B 457 28.76 -7.61 13.01
CA LEU B 457 27.65 -6.68 13.19
C LEU B 457 28.07 -5.43 13.93
N ALA B 458 29.10 -5.53 14.78
CA ALA B 458 29.64 -4.34 15.44
C ALA B 458 30.33 -3.42 14.46
N VAL B 459 30.92 -3.97 13.39
CA VAL B 459 31.68 -3.23 12.40
C VAL B 459 31.03 -3.32 11.02
N ASP B 460 29.76 -3.74 10.94
CA ASP B 460 29.07 -3.73 9.64
C ASP B 460 28.87 -2.32 9.13
N TRP B 461 28.67 -1.36 10.04
CA TRP B 461 28.38 0.02 9.65
C TRP B 461 29.55 0.73 8.96
N LEU B 462 30.75 0.18 9.00
CA LEU B 462 31.94 0.76 8.38
C LEU B 462 32.30 0.10 7.06
N VAL B 463 32.44 -1.22 7.05
CA VAL B 463 32.86 -1.93 5.84
C VAL B 463 31.78 -1.85 4.76
N ASP B 464 30.51 -1.85 5.16
CA ASP B 464 29.39 -1.81 4.24
C ASP B 464 29.24 -0.46 3.52
N ARG B 465 29.98 0.57 3.91
CA ARG B 465 29.91 1.87 3.26
C ARG B 465 30.80 1.91 2.02
N SER B 466 32.03 1.43 2.15
CA SER B 466 32.91 1.28 1.01
C SER B 466 32.32 0.30 -0.01
N CYS B 467 31.56 -0.68 0.46
CA CYS B 467 30.78 -1.54 -0.42
C CYS B 467 29.85 -0.73 -1.31
N THR B 468 29.07 0.17 -0.71
CA THR B 468 28.13 0.99 -1.46
C THR B 468 28.86 1.85 -2.48
N VAL B 469 30.02 2.39 -2.07
CA VAL B 469 30.85 3.20 -2.98
C VAL B 469 31.23 2.38 -4.20
N LEU B 470 31.70 1.16 -3.97
CA LEU B 470 32.17 0.35 -5.08
C LEU B 470 31.02 -0.11 -5.95
N ASN B 471 29.86 -0.36 -5.35
CA ASN B 471 28.72 -0.83 -6.13
C ASN B 471 28.27 0.23 -7.13
N VAL B 472 28.09 1.46 -6.65
CA VAL B 472 27.67 2.52 -7.57
C VAL B 472 28.76 2.82 -8.58
N GLU B 473 30.03 2.68 -8.17
CA GLU B 473 31.13 2.86 -9.11
C GLU B 473 31.09 1.83 -10.23
N GLY B 474 30.86 0.56 -9.89
CA GLY B 474 30.77 -0.47 -10.91
C GLY B 474 29.59 -0.26 -11.84
N ASP B 475 28.47 0.23 -11.29
CA ASP B 475 27.32 0.56 -12.12
C ASP B 475 27.66 1.62 -13.15
N ALA B 476 28.29 2.70 -12.70
CA ALA B 476 28.62 3.80 -13.60
C ALA B 476 29.64 3.37 -14.65
N LEU B 477 30.62 2.56 -14.26
CA LEU B 477 31.61 2.10 -15.23
C LEU B 477 30.99 1.19 -16.27
N GLY B 478 30.08 0.31 -15.85
CA GLY B 478 29.34 -0.49 -16.82
C GLY B 478 28.53 0.37 -17.78
N ALA B 479 27.94 1.44 -17.25
CA ALA B 479 27.17 2.35 -18.09
C ALA B 479 28.05 3.03 -19.13
N GLY B 480 29.23 3.48 -18.70
CA GLY B 480 30.14 4.12 -19.65
C GLY B 480 30.63 3.17 -20.72
N LEU B 481 31.02 1.95 -20.32
CA LEU B 481 31.46 0.96 -21.29
C LEU B 481 30.39 0.64 -22.30
N LEU B 482 29.16 0.45 -21.83
CA LEU B 482 28.08 0.08 -22.75
C LEU B 482 27.64 1.26 -23.59
N GLN B 483 27.79 2.48 -23.08
CA GLN B 483 27.55 3.66 -23.91
C GLN B 483 28.52 3.68 -25.08
N ASN B 484 29.80 3.44 -24.79
CA ASN B 484 30.77 3.42 -25.89
C ASN B 484 30.54 2.26 -26.83
N TYR B 485 30.10 1.11 -26.31
CA TYR B 485 29.81 -0.04 -27.17
C TYR B 485 28.64 0.24 -28.10
N VAL B 486 27.57 0.85 -27.58
CA VAL B 486 26.43 1.21 -28.43
C VAL B 486 26.83 2.30 -29.41
N ASP B 487 27.71 3.23 -28.99
CA ASP B 487 28.16 4.27 -29.88
C ASP B 487 28.95 3.70 -31.05
N ARG B 488 29.82 2.72 -30.78
CA ARG B 488 30.57 2.06 -31.85
C ARG B 488 29.64 1.28 -32.75
N ARG C 47 -5.22 -19.82 -41.00
CA ARG C 47 -4.02 -20.52 -40.53
C ARG C 47 -4.36 -21.37 -39.30
N CYS C 48 -4.91 -22.56 -39.55
CA CYS C 48 -5.35 -23.42 -38.45
C CYS C 48 -4.19 -23.90 -37.59
N LEU C 49 -3.07 -24.26 -38.23
CA LEU C 49 -1.94 -24.84 -37.51
C LEU C 49 -1.36 -23.86 -36.49
N ARG C 50 -1.23 -22.58 -36.87
CA ARG C 50 -0.74 -21.57 -35.94
C ARG C 50 -1.82 -21.06 -35.00
N ALA C 51 -3.07 -21.00 -35.49
CA ALA C 51 -4.15 -20.47 -34.66
C ALA C 51 -4.42 -21.38 -33.47
N ASN C 52 -4.43 -22.69 -33.69
CA ASN C 52 -4.87 -23.65 -32.68
C ASN C 52 -3.73 -24.19 -31.83
N LEU C 53 -2.51 -23.66 -32.02
CA LEU C 53 -1.35 -24.15 -31.31
C LEU C 53 -1.51 -23.95 -29.81
N LEU C 54 -2.02 -22.80 -29.40
CA LEU C 54 -2.17 -22.50 -27.98
C LEU C 54 -3.19 -23.42 -27.31
N VAL C 55 -4.32 -23.66 -27.99
CA VAL C 55 -5.35 -24.54 -27.44
C VAL C 55 -4.81 -25.95 -27.28
N LEU C 56 -4.11 -26.43 -28.31
CA LEU C 56 -3.45 -27.72 -28.23
C LEU C 56 -2.46 -27.75 -27.08
N LEU C 57 -1.72 -26.66 -26.89
CA LEU C 57 -0.64 -26.64 -25.92
C LEU C 57 -1.19 -26.66 -24.50
N THR C 58 -2.25 -25.92 -24.23
CA THR C 58 -2.79 -25.90 -22.88
C THR C 58 -3.57 -27.17 -22.56
N VAL C 59 -4.26 -27.77 -23.53
CA VAL C 59 -4.91 -29.05 -23.28
C VAL C 59 -3.86 -30.13 -23.00
N VAL C 60 -2.79 -30.14 -23.80
CA VAL C 60 -1.69 -31.06 -23.57
C VAL C 60 -1.04 -30.78 -22.23
N ALA C 61 -0.97 -29.52 -21.81
CA ALA C 61 -0.40 -29.19 -20.52
C ALA C 61 -1.22 -29.77 -19.39
N VAL C 62 -2.54 -29.63 -19.46
CA VAL C 62 -3.42 -30.16 -18.41
C VAL C 62 -3.29 -31.69 -18.36
N VAL C 63 -3.35 -32.33 -19.52
CA VAL C 63 -3.30 -33.79 -19.57
C VAL C 63 -1.96 -34.30 -19.07
N ALA C 64 -0.86 -33.68 -19.53
CA ALA C 64 0.46 -34.12 -19.12
C ALA C 64 0.70 -33.81 -17.65
N GLY C 65 0.12 -32.74 -17.13
CA GLY C 65 0.25 -32.46 -15.71
C GLY C 65 -0.46 -33.50 -14.87
N VAL C 66 -1.65 -33.92 -15.31
CA VAL C 66 -2.37 -34.98 -14.63
C VAL C 66 -1.55 -36.27 -14.66
N ALA C 67 -0.99 -36.60 -15.83
CA ALA C 67 -0.20 -37.81 -15.96
C ALA C 67 1.05 -37.75 -15.09
N LEU C 68 1.73 -36.60 -15.09
CA LEU C 68 2.94 -36.43 -14.30
C LEU C 68 2.64 -36.57 -12.81
N GLY C 69 1.57 -35.93 -12.35
CA GLY C 69 1.25 -36.01 -10.93
C GLY C 69 0.82 -37.40 -10.50
N LEU C 70 0.02 -38.08 -11.33
CA LEU C 70 -0.39 -39.43 -10.99
C LEU C 70 0.81 -40.38 -10.99
N GLY C 71 1.71 -40.23 -11.98
CA GLY C 71 2.89 -41.07 -12.01
C GLY C 71 3.81 -40.83 -10.82
N VAL C 72 3.95 -39.56 -10.43
CA VAL C 72 4.80 -39.26 -9.28
C VAL C 72 4.19 -39.79 -8.00
N SER C 73 2.88 -39.64 -7.83
CA SER C 73 2.22 -40.12 -6.62
C SER C 73 2.26 -41.65 -6.55
N GLY C 74 2.08 -42.32 -7.69
CA GLY C 74 2.17 -43.77 -7.70
C GLY C 74 3.58 -44.27 -7.46
N ALA C 75 4.57 -43.58 -8.02
CA ALA C 75 5.97 -43.98 -7.90
C ALA C 75 6.57 -43.64 -6.54
N GLY C 76 5.83 -42.98 -5.66
CA GLY C 76 6.29 -42.66 -4.31
C GLY C 76 5.85 -41.28 -3.87
N GLY C 77 5.75 -40.35 -4.81
CA GLY C 77 5.25 -39.02 -4.49
C GLY C 77 6.14 -38.30 -3.50
N ALA C 78 5.51 -37.84 -2.41
CA ALA C 78 6.19 -37.04 -1.40
C ALA C 78 7.40 -37.78 -0.81
N LEU C 79 7.29 -39.10 -0.67
CA LEU C 79 8.40 -39.91 -0.15
C LEU C 79 9.64 -39.76 -1.01
N ALA C 80 9.47 -39.72 -2.33
CA ALA C 80 10.58 -39.50 -3.25
C ALA C 80 10.86 -38.03 -3.50
N LEU C 81 9.97 -37.12 -3.06
CA LEU C 81 10.05 -35.72 -3.43
C LEU C 81 10.60 -34.86 -2.31
N GLY C 82 9.95 -34.87 -1.15
CA GLY C 82 10.28 -33.98 -0.05
C GLY C 82 9.56 -32.65 -0.19
N PRO C 83 9.37 -31.92 0.91
CA PRO C 83 8.67 -30.63 0.80
C PRO C 83 9.41 -29.59 -0.02
N GLU C 84 10.74 -29.60 0.01
CA GLU C 84 11.50 -28.62 -0.75
C GLU C 84 11.30 -28.80 -2.26
N ARG C 85 11.37 -30.05 -2.72
CA ARG C 85 11.12 -30.30 -4.14
C ARG C 85 9.65 -30.16 -4.46
N LEU C 86 8.75 -30.38 -3.50
CA LEU C 86 7.35 -30.06 -3.73
C LEU C 86 7.15 -28.57 -3.99
N SER C 87 7.81 -27.74 -3.20
CA SER C 87 7.74 -26.30 -3.41
C SER C 87 8.30 -25.92 -4.76
N ALA C 88 9.44 -26.49 -5.13
CA ALA C 88 10.02 -26.19 -6.44
C ALA C 88 9.17 -26.72 -7.59
N PHE C 89 8.41 -27.79 -7.35
CA PHE C 89 7.56 -28.39 -8.37
C PHE C 89 6.28 -27.60 -8.56
N VAL C 90 5.71 -27.08 -7.47
CA VAL C 90 4.53 -26.23 -7.55
C VAL C 90 4.89 -24.81 -7.96
N PHE C 91 6.14 -24.40 -7.79
CA PHE C 91 6.51 -22.99 -7.95
C PHE C 91 6.19 -22.39 -9.31
N PRO C 92 6.32 -23.08 -10.44
CA PRO C 92 5.82 -22.50 -11.69
C PRO C 92 4.34 -22.17 -11.66
N GLY C 93 3.54 -22.96 -10.97
CA GLY C 93 2.14 -22.61 -10.81
C GLY C 93 1.95 -21.34 -10.02
N GLU C 94 2.66 -21.23 -8.89
CA GLU C 94 2.64 -20.01 -8.11
C GLU C 94 3.16 -18.82 -8.89
N LEU C 95 4.09 -19.07 -9.82
CA LEU C 95 4.65 -17.99 -10.61
C LEU C 95 3.67 -17.50 -11.64
N LEU C 96 2.92 -18.42 -12.24
CA LEU C 96 1.88 -18.02 -13.18
C LEU C 96 0.78 -17.25 -12.46
N LEU C 97 0.41 -17.68 -11.26
CA LEU C 97 -0.60 -16.96 -10.52
C LEU C 97 -0.08 -15.62 -10.02
N ARG C 98 1.22 -15.51 -9.78
CA ARG C 98 1.78 -14.22 -9.42
C ARG C 98 1.81 -13.29 -10.62
N LEU C 99 2.06 -13.83 -11.81
CA LEU C 99 2.06 -13.02 -13.01
C LEU C 99 0.66 -12.52 -13.34
N LEU C 100 -0.35 -13.38 -13.21
CA LEU C 100 -1.69 -13.02 -13.61
C LEU C 100 -2.43 -12.18 -12.58
N ARG C 101 -1.99 -12.21 -11.32
CA ARG C 101 -2.49 -11.32 -10.30
C ARG C 101 -1.78 -9.97 -10.30
N MET C 102 -0.68 -9.84 -11.03
CA MET C 102 0.03 -8.58 -11.14
C MET C 102 -0.71 -7.60 -12.03
N ILE C 103 -1.42 -8.09 -13.03
CA ILE C 103 -1.96 -7.30 -14.12
C ILE C 103 -3.46 -7.14 -14.05
N ILE C 104 -4.16 -7.86 -13.17
CA ILE C 104 -5.60 -7.70 -13.12
C ILE C 104 -5.95 -6.31 -12.62
N LEU C 105 -5.13 -5.74 -11.75
CA LEU C 105 -5.39 -4.37 -11.30
C LEU C 105 -5.26 -3.37 -12.44
N PRO C 106 -4.14 -3.29 -13.16
CA PRO C 106 -4.06 -2.42 -14.34
C PRO C 106 -5.14 -2.68 -15.36
N LEU C 107 -5.37 -3.94 -15.65
CA LEU C 107 -6.24 -4.28 -16.77
C LEU C 107 -7.67 -3.96 -16.42
N VAL C 108 -8.11 -4.32 -15.22
CA VAL C 108 -9.48 -4.06 -14.79
C VAL C 108 -9.73 -2.55 -14.71
N VAL C 109 -8.84 -1.84 -14.01
CA VAL C 109 -9.06 -0.41 -13.77
C VAL C 109 -9.06 0.35 -15.09
N CYS C 110 -8.02 0.16 -15.89
CA CYS C 110 -7.90 0.91 -17.13
C CYS C 110 -8.90 0.44 -18.18
N SER C 111 -9.30 -0.82 -18.18
CA SER C 111 -10.28 -1.28 -19.13
C SER C 111 -11.65 -0.70 -18.82
N LEU C 112 -12.02 -0.67 -17.54
CA LEU C 112 -13.31 -0.11 -17.19
C LEU C 112 -13.34 1.39 -17.43
N ILE C 113 -12.23 2.07 -17.20
CA ILE C 113 -12.19 3.49 -17.47
C ILE C 113 -12.25 3.76 -18.97
N GLY C 114 -11.62 2.90 -19.78
CA GLY C 114 -11.67 3.05 -21.22
C GLY C 114 -12.93 2.54 -21.88
N GLY C 115 -13.74 1.77 -21.17
CA GLY C 115 -14.96 1.19 -21.71
C GLY C 115 -16.18 1.96 -21.29
N ALA C 116 -16.20 2.42 -20.04
CA ALA C 116 -17.32 3.19 -19.55
C ALA C 116 -17.46 4.51 -20.29
N ALA C 117 -16.33 5.15 -20.60
CA ALA C 117 -16.30 6.43 -21.28
C ALA C 117 -16.20 6.30 -22.80
N SER C 118 -16.74 5.21 -23.35
CA SER C 118 -16.88 5.02 -24.77
C SER C 118 -18.33 5.11 -25.24
N LEU C 119 -19.29 5.04 -24.33
CA LEU C 119 -20.70 5.17 -24.65
C LEU C 119 -21.34 6.07 -23.60
N ASP C 120 -22.42 6.75 -23.99
CA ASP C 120 -23.01 7.75 -23.14
C ASP C 120 -23.62 7.11 -21.90
N PRO C 121 -23.78 7.85 -20.80
CA PRO C 121 -24.26 7.24 -19.56
C PRO C 121 -25.65 6.61 -19.64
N GLY C 122 -26.52 7.07 -20.53
CA GLY C 122 -27.81 6.41 -20.67
C GLY C 122 -27.68 4.99 -21.17
N ALA C 123 -26.96 4.81 -22.28
CA ALA C 123 -26.71 3.48 -22.80
C ALA C 123 -25.88 2.66 -21.82
N LEU C 124 -24.97 3.31 -21.09
CA LEU C 124 -24.20 2.57 -20.10
C LEU C 124 -25.08 2.07 -18.98
N GLY C 125 -26.03 2.89 -18.53
CA GLY C 125 -26.92 2.45 -17.47
C GLY C 125 -27.79 1.31 -17.91
N ARG C 126 -28.30 1.39 -19.15
CA ARG C 126 -29.10 0.29 -19.67
C ARG C 126 -28.24 -0.98 -19.79
N LEU C 127 -27.04 -0.86 -20.33
CA LEU C 127 -26.17 -2.03 -20.50
C LEU C 127 -25.81 -2.64 -19.15
N GLY C 128 -25.48 -1.81 -18.17
CA GLY C 128 -25.17 -2.33 -16.84
C GLY C 128 -26.37 -3.01 -16.21
N ALA C 129 -27.56 -2.44 -16.36
CA ALA C 129 -28.74 -3.04 -15.77
C ALA C 129 -29.07 -4.38 -16.42
N TRP C 130 -29.05 -4.45 -17.75
CA TRP C 130 -29.34 -5.72 -18.40
C TRP C 130 -28.24 -6.74 -18.13
N ALA C 131 -27.00 -6.28 -17.93
CA ALA C 131 -25.93 -7.21 -17.57
C ALA C 131 -26.13 -7.77 -16.18
N LEU C 132 -26.48 -6.92 -15.21
CA LEU C 132 -26.71 -7.41 -13.85
C LEU C 132 -27.92 -8.34 -13.83
N LEU C 133 -28.96 -8.03 -14.59
CA LEU C 133 -30.11 -8.91 -14.69
C LEU C 133 -29.71 -10.26 -15.27
N PHE C 134 -28.87 -10.24 -16.31
CA PHE C 134 -28.42 -11.50 -16.91
C PHE C 134 -27.60 -12.31 -15.93
N PHE C 135 -26.68 -11.67 -15.20
CA PHE C 135 -25.86 -12.40 -14.25
C PHE C 135 -26.70 -12.98 -13.13
N LEU C 136 -27.66 -12.20 -12.64
CA LEU C 136 -28.56 -12.67 -11.59
C LEU C 136 -29.36 -13.87 -12.05
N VAL C 137 -29.90 -13.80 -13.26
CA VAL C 137 -30.72 -14.89 -13.77
C VAL C 137 -29.90 -16.14 -14.00
N THR C 138 -28.69 -15.98 -14.53
CA THR C 138 -27.85 -17.16 -14.77
C THR C 138 -27.42 -17.81 -13.47
N THR C 139 -27.04 -17.01 -12.48
CA THR C 139 -26.66 -17.56 -11.19
C THR C 139 -27.84 -18.26 -10.54
N LEU C 140 -29.04 -17.68 -10.63
CA LEU C 140 -30.23 -18.29 -10.06
C LEU C 140 -30.57 -19.60 -10.77
N LEU C 141 -30.47 -19.63 -12.09
CA LEU C 141 -30.71 -20.87 -12.83
C LEU C 141 -29.69 -21.93 -12.45
N ALA C 142 -28.44 -21.52 -12.22
CA ALA C 142 -27.42 -22.47 -11.79
C ALA C 142 -27.77 -23.06 -10.44
N SER C 143 -28.20 -22.23 -9.49
CA SER C 143 -28.54 -22.74 -8.17
C SER C 143 -29.75 -23.66 -8.23
N ALA C 144 -30.76 -23.31 -9.04
CA ALA C 144 -31.92 -24.18 -9.19
C ALA C 144 -31.53 -25.51 -9.83
N LEU C 145 -30.61 -25.48 -10.78
CA LEU C 145 -30.11 -26.71 -11.37
C LEU C 145 -29.39 -27.56 -10.32
N GLY C 146 -28.64 -26.90 -9.44
CA GLY C 146 -28.00 -27.63 -8.35
C GLY C 146 -28.99 -28.32 -7.44
N VAL C 147 -30.08 -27.62 -7.09
CA VAL C 147 -31.13 -28.23 -6.27
C VAL C 147 -31.74 -29.42 -7.01
N GLY C 148 -32.05 -29.23 -8.30
CA GLY C 148 -32.72 -30.27 -9.05
C GLY C 148 -31.87 -31.51 -9.21
N LEU C 149 -30.55 -31.34 -9.29
CA LEU C 149 -29.66 -32.49 -9.42
C LEU C 149 -29.46 -33.16 -8.07
N ALA C 150 -29.10 -32.39 -7.05
CA ALA C 150 -28.81 -32.98 -5.75
C ALA C 150 -30.03 -33.62 -5.11
N LEU C 151 -31.21 -33.10 -5.41
CA LEU C 151 -32.44 -33.70 -4.92
C LEU C 151 -32.70 -35.05 -5.59
N ALA C 152 -32.36 -35.16 -6.87
CA ALA C 152 -32.66 -36.37 -7.62
C ALA C 152 -31.62 -37.46 -7.40
N LEU C 153 -30.34 -37.15 -7.67
CA LEU C 153 -29.29 -38.15 -7.53
C LEU C 153 -29.10 -38.57 -6.08
N GLN C 154 -29.43 -37.70 -5.13
CA GLN C 154 -29.35 -37.96 -3.69
C GLN C 154 -27.94 -38.33 -3.29
N PRO C 155 -26.96 -37.43 -3.42
CA PRO C 155 -25.58 -37.77 -3.00
C PRO C 155 -25.43 -37.99 -1.50
N GLY C 156 -26.38 -37.50 -0.69
CA GLY C 156 -26.34 -37.69 0.74
C GLY C 156 -26.99 -38.97 1.22
N ALA C 157 -27.04 -39.99 0.36
CA ALA C 157 -27.51 -41.30 0.78
C ALA C 157 -26.52 -41.91 1.76
N ALA C 158 -26.99 -42.95 2.46
CA ALA C 158 -26.17 -43.62 3.46
C ALA C 158 -24.97 -44.28 2.80
N SER C 159 -23.78 -43.83 3.16
CA SER C 159 -22.54 -44.34 2.57
C SER C 159 -21.39 -43.95 3.49
N ALA C 160 -20.16 -44.13 3.00
CA ALA C 160 -18.96 -43.77 3.76
C ALA C 160 -18.97 -42.31 4.16
N ALA C 161 -19.53 -41.44 3.31
CA ALA C 161 -19.65 -40.02 3.60
C ALA C 161 -20.48 -39.71 4.84
N ILE C 162 -21.22 -40.68 5.40
CA ILE C 162 -21.91 -40.45 6.65
C ILE C 162 -20.93 -40.15 7.77
N ASN C 163 -19.74 -40.77 7.77
CA ASN C 163 -18.80 -40.52 8.85
C ASN C 163 -18.15 -39.15 8.65
N ALA C 164 -17.95 -38.44 9.77
CA ALA C 164 -17.35 -37.11 9.73
C ALA C 164 -16.42 -36.83 10.90
N SER C 165 -16.14 -37.81 11.77
CA SER C 165 -15.22 -37.57 12.87
C SER C 165 -13.82 -37.26 12.37
N VAL C 166 -13.37 -38.00 11.35
CA VAL C 166 -12.02 -37.79 10.82
C VAL C 166 -11.90 -36.42 10.19
N GLY C 167 -12.91 -36.02 9.41
CA GLY C 167 -12.89 -34.73 8.76
C GLY C 167 -13.02 -33.56 9.71
N ALA C 168 -14.02 -33.60 10.58
CA ALA C 168 -14.29 -32.47 11.46
C ALA C 168 -13.34 -32.48 12.66
N ALA C 169 -13.44 -33.52 13.50
CA ALA C 169 -12.65 -33.63 14.73
C ALA C 169 -12.84 -32.44 15.66
N GLY C 170 -14.04 -31.85 15.67
CA GLY C 170 -14.36 -30.75 16.55
C GLY C 170 -13.94 -29.38 16.07
N SER C 171 -13.11 -29.29 15.02
CA SER C 171 -12.65 -27.99 14.52
C SER C 171 -13.65 -27.32 13.59
N ALA C 172 -14.67 -28.03 13.12
CA ALA C 172 -15.63 -27.43 12.19
C ALA C 172 -16.45 -26.34 12.84
N GLU C 173 -16.94 -26.59 14.06
CA GLU C 173 -17.78 -25.61 14.75
C GLU C 173 -17.01 -24.33 15.07
N ASN C 174 -15.75 -24.48 15.49
CA ASN C 174 -14.90 -23.33 15.79
C ASN C 174 -14.60 -22.57 14.49
N ALA C 175 -15.12 -21.35 14.39
CA ALA C 175 -14.93 -20.53 13.20
C ALA C 175 -15.29 -19.10 13.56
N PRO C 176 -14.99 -18.13 12.69
CA PRO C 176 -15.44 -16.75 12.95
C PRO C 176 -16.95 -16.62 13.03
N SER C 177 -17.68 -17.42 12.24
CA SER C 177 -19.15 -17.42 12.23
C SER C 177 -19.69 -16.04 11.90
N LYS C 178 -19.27 -15.52 10.74
CA LYS C 178 -19.65 -14.18 10.33
C LYS C 178 -21.15 -14.11 10.08
N GLU C 179 -21.78 -13.07 10.60
CA GLU C 179 -23.21 -12.89 10.39
C GLU C 179 -23.48 -12.48 8.94
N VAL C 180 -24.72 -12.70 8.51
CA VAL C 180 -25.09 -12.36 7.15
C VAL C 180 -25.15 -10.86 6.98
N LEU C 181 -25.68 -10.16 7.98
CA LEU C 181 -25.72 -8.70 7.92
C LEU C 181 -24.32 -8.12 7.88
N ASP C 182 -23.43 -8.68 8.69
CA ASP C 182 -22.07 -8.18 8.72
C ASP C 182 -21.37 -8.48 7.41
N SER C 183 -21.68 -9.60 6.77
CA SER C 183 -21.11 -9.89 5.47
C SER C 183 -21.60 -8.90 4.42
N PHE C 184 -22.89 -8.56 4.45
CA PHE C 184 -23.42 -7.59 3.49
C PHE C 184 -22.84 -6.21 3.75
N LEU C 185 -22.63 -5.86 5.01
CA LEU C 185 -22.03 -4.57 5.31
C LEU C 185 -20.58 -4.52 4.84
N ASP C 186 -19.84 -5.61 5.04
CA ASP C 186 -18.47 -5.64 4.53
C ASP C 186 -18.46 -5.61 3.01
N LEU C 187 -19.47 -6.17 2.36
CA LEU C 187 -19.60 -6.06 0.92
C LEU C 187 -19.79 -4.61 0.51
N ALA C 188 -20.70 -3.91 1.17
CA ALA C 188 -20.96 -2.52 0.80
C ALA C 188 -19.93 -1.55 1.33
N ARG C 189 -18.97 -2.01 2.14
CA ARG C 189 -17.83 -1.21 2.53
C ARG C 189 -16.59 -1.51 1.69
N ASN C 190 -16.53 -2.69 1.09
CA ASN C 190 -15.53 -2.94 0.06
C ASN C 190 -15.93 -2.28 -1.24
N ILE C 191 -17.23 -2.23 -1.52
CA ILE C 191 -17.75 -1.19 -2.40
C ILE C 191 -17.60 0.13 -1.67
N PHE C 192 -17.24 1.17 -2.40
CA PHE C 192 -16.98 2.48 -1.84
C PHE C 192 -15.84 2.38 -0.83
N PRO C 193 -14.63 2.07 -1.28
CA PRO C 193 -13.52 1.88 -0.34
C PRO C 193 -13.13 3.17 0.35
N SER C 194 -12.45 3.01 1.47
CA SER C 194 -11.97 4.16 2.22
C SER C 194 -10.76 4.77 1.55
N ASN C 195 -9.89 3.94 1.00
CA ASN C 195 -8.71 4.38 0.27
C ASN C 195 -8.50 3.48 -0.93
N LEU C 196 -8.16 4.11 -2.05
CA LEU C 196 -8.00 3.39 -3.29
C LEU C 196 -6.74 2.55 -3.29
N VAL C 197 -5.65 3.13 -2.80
CA VAL C 197 -4.36 2.45 -2.76
C VAL C 197 -4.44 1.21 -1.88
N SER C 198 -5.00 1.35 -0.69
CA SER C 198 -5.18 0.20 0.18
C SER C 198 -6.11 -0.81 -0.45
N ALA C 199 -7.14 -0.33 -1.14
CA ALA C 199 -8.03 -1.21 -1.88
C ALA C 199 -7.36 -1.94 -3.02
N ALA C 200 -6.17 -1.52 -3.44
CA ALA C 200 -5.43 -2.27 -4.42
C ALA C 200 -4.80 -3.53 -3.84
N PHE C 201 -4.74 -3.67 -2.52
CA PHE C 201 -4.33 -4.95 -1.96
C PHE C 201 -4.97 -5.29 -0.63
N ARG C 202 -6.02 -4.58 -0.18
CA ARG C 202 -6.64 -4.87 1.10
C ARG C 202 -8.15 -4.72 0.98
N SER C 203 -8.84 -5.46 1.83
CA SER C 203 -10.29 -5.48 1.87
C SER C 203 -10.73 -5.49 3.33
N TYR C 204 -11.95 -5.08 3.54
CA TYR C 204 -12.50 -4.89 4.88
C TYR C 204 -13.14 -6.19 5.34
N SER C 205 -12.70 -6.69 6.50
CA SER C 205 -13.24 -7.89 7.11
C SER C 205 -13.57 -7.57 8.55
N THR C 206 -14.82 -7.83 8.93
CA THR C 206 -15.31 -7.53 10.27
C THR C 206 -15.04 -8.73 11.17
N THR C 207 -13.97 -8.65 11.95
CA THR C 207 -13.74 -9.65 12.98
C THR C 207 -14.67 -9.36 14.16
N TYR C 208 -14.65 -10.25 15.15
CA TYR C 208 -15.55 -10.17 16.30
C TYR C 208 -14.73 -10.29 17.58
N GLU C 209 -14.78 -9.23 18.40
CA GLU C 209 -14.13 -9.21 19.70
C GLU C 209 -15.18 -9.50 20.76
N GLU C 210 -14.77 -9.48 22.02
CA GLU C 210 -15.59 -9.80 23.18
C GLU C 210 -15.68 -8.62 24.13
N ARG C 211 -15.92 -7.43 23.57
CA ARG C 211 -15.96 -6.19 24.34
C ARG C 211 -17.33 -5.98 24.99
N ASN C 212 -17.80 -6.96 25.75
CA ASN C 212 -19.06 -6.88 26.49
C ASN C 212 -18.87 -7.50 27.88
N ILE C 213 -17.78 -7.13 28.55
CA ILE C 213 -17.46 -7.68 29.86
C ILE C 213 -18.44 -7.23 30.94
N THR C 214 -19.24 -6.18 30.67
CA THR C 214 -20.20 -5.68 31.66
C THR C 214 -21.22 -6.75 32.07
N GLY C 215 -21.54 -7.68 31.18
CA GLY C 215 -22.43 -8.78 31.51
C GLY C 215 -23.02 -9.43 30.29
N THR C 216 -23.14 -10.76 30.31
CA THR C 216 -23.66 -11.54 29.19
C THR C 216 -22.82 -11.31 27.94
N ARG C 217 -21.59 -11.83 28.00
CA ARG C 217 -20.59 -11.66 26.95
C ARG C 217 -21.13 -12.03 25.58
N VAL C 218 -21.23 -11.02 24.71
CA VAL C 218 -21.73 -11.15 23.34
C VAL C 218 -20.64 -10.63 22.43
N LYS C 219 -20.35 -11.37 21.38
CA LYS C 219 -19.30 -10.95 20.46
C LYS C 219 -19.77 -9.74 19.67
N VAL C 220 -18.93 -8.70 19.63
CA VAL C 220 -19.26 -7.43 18.98
C VAL C 220 -18.37 -7.26 17.74
N PRO C 221 -18.85 -6.64 16.66
CA PRO C 221 -17.99 -6.49 15.48
C PRO C 221 -16.94 -5.41 15.68
N VAL C 222 -15.76 -5.65 15.11
CA VAL C 222 -14.76 -4.62 14.89
C VAL C 222 -14.28 -4.77 13.45
N GLY C 223 -13.97 -3.63 12.82
CA GLY C 223 -13.43 -3.61 11.48
C GLY C 223 -11.92 -3.48 11.52
N GLN C 224 -11.26 -4.33 10.74
CA GLN C 224 -9.83 -4.22 10.52
C GLN C 224 -9.53 -4.72 9.12
N GLU C 225 -8.89 -3.87 8.32
CA GLU C 225 -8.54 -4.23 6.97
C GLU C 225 -7.57 -5.39 6.95
N VAL C 226 -7.83 -6.34 6.04
CA VAL C 226 -7.05 -7.56 5.89
C VAL C 226 -6.50 -7.60 4.48
N GLU C 227 -5.83 -8.69 4.14
CA GLU C 227 -5.19 -8.82 2.85
C GLU C 227 -6.17 -9.41 1.84
N GLY C 228 -5.94 -9.08 0.58
CA GLY C 228 -6.82 -9.41 -0.52
C GLY C 228 -7.27 -8.17 -1.25
N MET C 229 -7.28 -8.23 -2.57
CA MET C 229 -7.67 -7.07 -3.36
C MET C 229 -9.14 -6.75 -3.19
N ASN C 230 -9.44 -5.45 -3.25
CA ASN C 230 -10.80 -4.94 -3.24
C ASN C 230 -11.23 -4.63 -4.67
N ILE C 231 -11.28 -5.70 -5.45
CA ILE C 231 -11.51 -5.57 -6.88
C ILE C 231 -12.90 -5.03 -7.15
N LEU C 232 -13.87 -5.33 -6.30
CA LEU C 232 -15.20 -4.78 -6.47
C LEU C 232 -15.19 -3.27 -6.28
N GLY C 233 -14.48 -2.80 -5.26
CA GLY C 233 -14.39 -1.36 -5.03
C GLY C 233 -13.67 -0.65 -6.15
N LEU C 234 -12.61 -1.27 -6.68
CA LEU C 234 -11.89 -0.67 -7.78
C LEU C 234 -12.74 -0.66 -9.04
N VAL C 235 -13.54 -1.70 -9.25
CA VAL C 235 -14.43 -1.76 -10.39
C VAL C 235 -15.43 -0.61 -10.33
N VAL C 236 -16.05 -0.41 -9.16
CA VAL C 236 -17.06 0.63 -9.03
C VAL C 236 -16.43 2.01 -9.20
N PHE C 237 -15.28 2.23 -8.55
CA PHE C 237 -14.59 3.51 -8.69
C PHE C 237 -14.20 3.76 -10.14
N ALA C 238 -13.74 2.73 -10.84
CA ALA C 238 -13.31 2.90 -12.22
C ALA C 238 -14.48 3.22 -13.13
N ILE C 239 -15.60 2.54 -12.95
CA ILE C 239 -16.79 2.81 -13.76
C ILE C 239 -17.25 4.24 -13.53
N VAL C 240 -17.31 4.64 -12.27
CA VAL C 240 -17.75 5.98 -11.91
C VAL C 240 -16.79 7.01 -12.50
N PHE C 241 -15.49 6.70 -12.49
CA PHE C 241 -14.52 7.61 -13.07
C PHE C 241 -14.74 7.77 -14.56
N GLY C 242 -14.93 6.66 -15.27
CA GLY C 242 -15.15 6.74 -16.70
C GLY C 242 -16.40 7.50 -17.05
N VAL C 243 -17.44 7.36 -16.23
CA VAL C 243 -18.64 8.16 -16.43
C VAL C 243 -18.34 9.63 -16.22
N ALA C 244 -17.48 9.95 -15.25
CA ALA C 244 -17.11 11.34 -15.03
C ALA C 244 -16.34 11.90 -16.22
N LEU C 245 -15.47 11.09 -16.81
CA LEU C 245 -14.70 11.58 -17.95
C LEU C 245 -15.59 11.76 -19.18
N ARG C 246 -16.58 10.90 -19.35
CA ARG C 246 -17.54 11.13 -20.43
C ARG C 246 -18.40 12.35 -20.15
N LYS C 247 -18.67 12.63 -18.87
CA LYS C 247 -19.38 13.86 -18.53
C LYS C 247 -18.55 15.06 -18.93
N LEU C 248 -17.25 15.02 -18.68
CA LEU C 248 -16.36 16.00 -19.28
C LEU C 248 -16.22 15.70 -20.78
N GLY C 249 -15.61 16.64 -21.49
CA GLY C 249 -15.37 16.53 -22.91
C GLY C 249 -13.90 16.60 -23.27
N PRO C 250 -13.40 17.71 -23.82
CA PRO C 250 -11.99 17.75 -24.21
C PRO C 250 -11.01 17.58 -23.06
N GLU C 251 -11.40 17.89 -21.84
CA GLU C 251 -10.49 17.72 -20.71
C GLU C 251 -10.13 16.27 -20.47
N GLY C 252 -11.02 15.34 -20.83
CA GLY C 252 -10.82 13.93 -20.57
C GLY C 252 -10.22 13.12 -21.69
N GLU C 253 -10.03 13.71 -22.87
CA GLU C 253 -9.51 12.94 -24.00
C GLU C 253 -8.10 12.46 -23.74
N LEU C 254 -7.28 13.31 -23.11
CA LEU C 254 -5.93 12.91 -22.72
C LEU C 254 -5.96 11.71 -21.81
N LEU C 255 -6.83 11.74 -20.81
CA LEU C 255 -6.80 10.74 -19.77
C LEU C 255 -7.37 9.42 -20.29
N ILE C 256 -8.35 9.49 -21.18
CA ILE C 256 -8.83 8.28 -21.85
C ILE C 256 -7.75 7.69 -22.72
N ARG C 257 -7.01 8.54 -23.44
CA ARG C 257 -5.92 8.04 -24.27
C ARG C 257 -4.84 7.38 -23.42
N PHE C 258 -4.58 7.96 -22.24
CA PHE C 258 -3.64 7.38 -21.29
C PHE C 258 -4.08 5.99 -20.89
N PHE C 259 -5.33 5.86 -20.45
CA PHE C 259 -5.76 4.58 -19.89
C PHE C 259 -5.89 3.51 -20.98
N ASN C 260 -6.36 3.88 -22.18
CA ASN C 260 -6.40 2.91 -23.26
C ASN C 260 -5.00 2.45 -23.65
N SER C 261 -4.03 3.37 -23.71
CA SER C 261 -2.66 2.98 -24.01
C SER C 261 -2.12 2.05 -22.93
N PHE C 262 -2.45 2.34 -21.69
CA PHE C 262 -1.95 1.55 -20.57
C PHE C 262 -2.51 0.14 -20.62
N ASN C 263 -3.80 0.02 -20.92
CA ASN C 263 -4.41 -1.29 -21.04
C ASN C 263 -3.86 -2.06 -22.22
N GLU C 264 -3.59 -1.37 -23.33
CA GLU C 264 -3.01 -2.07 -24.49
C GLU C 264 -1.61 -2.59 -24.17
N ALA C 265 -0.83 -1.82 -23.43
CA ALA C 265 0.47 -2.31 -22.96
C ALA C 265 0.31 -3.54 -22.07
N THR C 266 -0.67 -3.50 -21.16
CA THR C 266 -0.91 -4.64 -20.31
C THR C 266 -1.38 -5.86 -21.10
N MET C 267 -2.13 -5.63 -22.18
CA MET C 267 -2.52 -6.73 -23.05
C MET C 267 -1.31 -7.33 -23.75
N VAL C 268 -0.36 -6.49 -24.12
CA VAL C 268 0.86 -6.96 -24.74
C VAL C 268 1.65 -7.82 -23.76
N LEU C 269 1.61 -7.47 -22.47
CA LEU C 269 2.18 -8.36 -21.46
C LEU C 269 1.40 -9.66 -21.39
N VAL C 270 0.08 -9.58 -21.54
CA VAL C 270 -0.78 -10.75 -21.42
C VAL C 270 -0.45 -11.77 -22.49
N SER C 271 -0.05 -11.31 -23.67
CA SER C 271 0.32 -12.25 -24.73
C SER C 271 1.45 -13.15 -24.29
N TRP C 272 2.45 -12.58 -23.65
CA TRP C 272 3.63 -13.33 -23.27
C TRP C 272 3.34 -14.22 -22.06
N ILE C 273 2.53 -13.71 -21.14
CA ILE C 273 2.05 -14.53 -20.03
C ILE C 273 1.26 -15.72 -20.56
N MET C 274 0.48 -15.49 -21.61
CA MET C 274 -0.28 -16.56 -22.23
C MET C 274 0.63 -17.62 -22.81
N TRP C 275 1.71 -17.19 -23.45
CA TRP C 275 2.62 -18.17 -24.03
C TRP C 275 3.36 -18.95 -22.94
N TYR C 276 3.56 -18.34 -21.76
CA TYR C 276 4.14 -19.08 -20.65
C TYR C 276 3.15 -20.03 -19.99
N ALA C 277 1.86 -19.69 -20.01
CA ALA C 277 0.86 -20.33 -19.16
C ALA C 277 0.79 -21.86 -19.17
N PRO C 278 0.98 -22.57 -20.29
CA PRO C 278 0.86 -24.05 -20.24
C PRO C 278 1.82 -24.72 -19.29
N VAL C 279 3.04 -24.22 -19.16
CA VAL C 279 3.99 -24.81 -18.22
C VAL C 279 3.50 -24.64 -16.80
N GLY C 280 3.02 -23.45 -16.47
CA GLY C 280 2.49 -23.20 -15.15
C GLY C 280 1.29 -24.06 -14.85
N ILE C 281 0.40 -24.24 -15.84
CA ILE C 281 -0.77 -25.08 -15.64
C ILE C 281 -0.37 -26.53 -15.40
N MET C 282 0.58 -27.02 -16.19
CA MET C 282 1.03 -28.40 -16.04
C MET C 282 1.62 -28.65 -14.67
N PHE C 283 2.56 -27.80 -14.25
CA PHE C 283 3.18 -28.00 -12.94
C PHE C 283 2.19 -27.78 -11.81
N LEU C 284 1.25 -26.86 -11.98
CA LEU C 284 0.28 -26.59 -10.94
C LEU C 284 -0.65 -27.78 -10.73
N VAL C 285 -1.16 -28.34 -11.83
CA VAL C 285 -2.05 -29.49 -11.75
C VAL C 285 -1.31 -30.69 -11.16
N ALA C 286 -0.07 -30.92 -11.61
CA ALA C 286 0.72 -32.01 -11.08
C ALA C 286 0.95 -31.84 -9.59
N GLY C 287 1.24 -30.62 -9.16
CA GLY C 287 1.45 -30.36 -7.75
C GLY C 287 0.20 -30.55 -6.93
N LYS C 288 -0.95 -30.16 -7.47
CA LYS C 288 -2.18 -30.20 -6.70
C LYS C 288 -2.84 -31.57 -6.67
N ILE C 289 -2.40 -32.51 -7.53
CA ILE C 289 -2.75 -33.92 -7.34
C ILE C 289 -1.63 -34.72 -6.67
N VAL C 290 -0.43 -34.17 -6.55
CA VAL C 290 0.60 -34.79 -5.72
C VAL C 290 0.41 -34.40 -4.26
N GLU C 291 -0.17 -33.22 -3.99
CA GLU C 291 -0.40 -32.77 -2.63
C GLU C 291 -1.40 -33.64 -1.89
N MET C 292 -2.27 -34.36 -2.60
CA MET C 292 -3.10 -35.38 -2.00
C MET C 292 -3.30 -36.53 -2.97
N GLU C 293 -3.31 -37.74 -2.42
CA GLU C 293 -3.50 -38.95 -3.21
C GLU C 293 -4.90 -38.94 -3.83
N ASP C 294 -4.96 -39.30 -5.11
CA ASP C 294 -6.20 -39.31 -5.89
C ASP C 294 -6.30 -40.59 -6.71
N VAL C 295 -5.93 -41.71 -6.10
CA VAL C 295 -6.14 -43.02 -6.71
C VAL C 295 -7.63 -43.31 -6.88
N GLY C 296 -8.48 -42.69 -6.05
CA GLY C 296 -9.91 -42.92 -6.07
C GLY C 296 -10.56 -43.01 -4.70
N LEU C 297 -9.78 -42.82 -3.62
CA LEU C 297 -10.35 -42.92 -2.28
C LEU C 297 -11.39 -41.84 -2.04
N LEU C 298 -11.03 -40.57 -2.28
CA LEU C 298 -12.00 -39.50 -2.06
C LEU C 298 -13.06 -39.50 -3.15
N PHE C 299 -12.71 -39.92 -4.37
CA PHE C 299 -13.74 -40.12 -5.38
C PHE C 299 -14.69 -41.23 -4.99
N ALA C 300 -14.16 -42.34 -4.48
CA ALA C 300 -15.04 -43.40 -3.98
C ALA C 300 -15.89 -42.94 -2.80
N ARG C 301 -15.42 -41.95 -2.05
CA ARG C 301 -16.18 -41.41 -0.92
C ARG C 301 -17.32 -40.51 -1.39
N LEU C 302 -17.02 -39.57 -2.30
CA LEU C 302 -17.92 -38.47 -2.67
C LEU C 302 -18.19 -38.45 -4.17
N GLY C 303 -18.29 -39.62 -4.78
CA GLY C 303 -18.51 -39.68 -6.22
C GLY C 303 -19.82 -39.08 -6.65
N LYS C 304 -20.89 -39.32 -5.89
CA LYS C 304 -22.18 -38.76 -6.26
C LYS C 304 -22.18 -37.24 -6.17
N TYR C 305 -21.57 -36.70 -5.11
CA TYR C 305 -21.55 -35.25 -4.94
C TYR C 305 -20.70 -34.59 -6.02
N ILE C 306 -19.50 -35.13 -6.29
CA ILE C 306 -18.65 -34.54 -7.32
C ILE C 306 -19.28 -34.70 -8.70
N LEU C 307 -19.91 -35.84 -8.98
CA LEU C 307 -20.58 -36.02 -10.26
C LEU C 307 -21.73 -35.05 -10.40
N CYS C 308 -22.45 -34.80 -9.31
CA CYS C 308 -23.55 -33.83 -9.33
C CYS C 308 -23.03 -32.45 -9.66
N CYS C 309 -21.93 -32.05 -9.03
CA CYS C 309 -21.39 -30.72 -9.27
C CYS C 309 -20.87 -30.58 -10.69
N LEU C 310 -20.10 -31.56 -11.18
CA LEU C 310 -19.56 -31.47 -12.52
C LEU C 310 -20.67 -31.53 -13.57
N LEU C 311 -21.68 -32.37 -13.35
CA LEU C 311 -22.79 -32.44 -14.29
C LEU C 311 -23.59 -31.16 -14.29
N GLY C 312 -23.79 -30.55 -13.11
CA GLY C 312 -24.44 -29.25 -13.08
C GLY C 312 -23.66 -28.19 -13.82
N HIS C 313 -22.34 -28.20 -13.65
CA HIS C 313 -21.52 -27.21 -14.34
C HIS C 313 -21.57 -27.41 -15.84
N ALA C 314 -21.49 -28.66 -16.30
CA ALA C 314 -21.51 -28.92 -17.73
C ALA C 314 -22.88 -28.58 -18.33
N ILE C 315 -23.95 -28.90 -17.61
CA ILE C 315 -25.28 -28.61 -18.12
C ILE C 315 -25.52 -27.11 -18.16
N HIS C 316 -25.00 -26.38 -17.16
CA HIS C 316 -25.10 -24.94 -17.20
C HIS C 316 -24.26 -24.36 -18.32
N GLY C 317 -23.07 -24.91 -18.53
CA GLY C 317 -22.13 -24.39 -19.51
C GLY C 317 -22.29 -24.90 -20.92
N LEU C 318 -23.10 -25.95 -21.14
CA LEU C 318 -23.24 -26.56 -22.46
C LEU C 318 -24.68 -26.69 -22.94
N LEU C 319 -25.68 -26.48 -22.08
CA LEU C 319 -27.08 -26.42 -22.49
C LEU C 319 -27.71 -25.06 -22.22
N VAL C 320 -27.66 -24.57 -20.98
CA VAL C 320 -28.47 -23.42 -20.60
C VAL C 320 -27.97 -22.15 -21.27
N LEU C 321 -26.71 -21.81 -21.05
CA LEU C 321 -26.17 -20.57 -21.58
C LEU C 321 -25.98 -20.62 -23.09
N PRO C 322 -25.53 -21.74 -23.69
CA PRO C 322 -25.58 -21.82 -25.16
C PRO C 322 -26.98 -21.69 -25.72
N LEU C 323 -27.98 -22.23 -25.02
CA LEU C 323 -29.36 -22.08 -25.47
C LEU C 323 -29.77 -20.61 -25.44
N ILE C 324 -29.38 -19.90 -24.38
CA ILE C 324 -29.71 -18.48 -24.26
C ILE C 324 -29.03 -17.68 -25.37
N TYR C 325 -27.75 -17.97 -25.63
CA TYR C 325 -27.01 -17.29 -26.68
C TYR C 325 -27.64 -17.52 -28.05
N PHE C 326 -27.98 -18.78 -28.35
CA PHE C 326 -28.60 -19.09 -29.63
C PHE C 326 -29.94 -18.39 -29.77
N LEU C 327 -30.74 -18.40 -28.69
CA LEU C 327 -32.04 -17.75 -28.69
C LEU C 327 -31.91 -16.26 -28.98
N PHE C 328 -30.94 -15.60 -28.36
CA PHE C 328 -30.86 -14.15 -28.46
C PHE C 328 -30.10 -13.69 -29.71
N THR C 329 -28.82 -14.07 -29.84
CA THR C 329 -28.01 -13.59 -30.96
C THR C 329 -28.08 -14.47 -32.20
N ARG C 330 -28.50 -15.74 -32.07
CA ARG C 330 -28.68 -16.63 -33.22
C ARG C 330 -27.36 -16.87 -33.95
N LYS C 331 -26.35 -17.27 -33.18
CA LYS C 331 -25.00 -17.49 -33.67
C LYS C 331 -24.46 -18.70 -32.90
N ASN C 332 -23.57 -19.48 -33.56
CA ASN C 332 -23.13 -20.77 -33.05
C ASN C 332 -22.47 -20.67 -31.67
N PRO C 333 -23.18 -21.04 -30.59
CA PRO C 333 -22.59 -20.84 -29.26
C PRO C 333 -21.45 -21.79 -29.00
N TYR C 334 -21.53 -23.02 -29.51
CA TYR C 334 -20.45 -23.96 -29.29
C TYR C 334 -19.22 -23.56 -30.09
N ARG C 335 -19.41 -22.88 -31.24
CA ARG C 335 -18.25 -22.38 -31.96
C ARG C 335 -17.56 -21.37 -31.05
N PHE C 336 -18.37 -20.47 -30.46
CA PHE C 336 -17.83 -19.43 -29.60
C PHE C 336 -17.13 -20.04 -28.39
N LEU C 337 -17.69 -21.11 -27.84
CA LEU C 337 -17.08 -21.79 -26.71
C LEU C 337 -15.72 -22.35 -27.10
N TRP C 338 -15.59 -22.86 -28.32
CA TRP C 338 -14.28 -23.31 -28.75
C TRP C 338 -13.31 -22.15 -28.90
N GLY C 339 -13.84 -20.96 -29.19
CA GLY C 339 -12.97 -19.79 -29.31
C GLY C 339 -12.22 -19.40 -28.04
N ILE C 340 -12.61 -19.92 -26.88
CA ILE C 340 -12.12 -19.47 -25.58
C ILE C 340 -11.60 -20.64 -24.74
N VAL C 341 -11.11 -21.70 -25.39
CA VAL C 341 -10.72 -22.89 -24.63
C VAL C 341 -9.52 -22.61 -23.76
N THR C 342 -8.61 -21.75 -24.20
CA THR C 342 -7.40 -21.51 -23.42
C THR C 342 -7.69 -20.84 -22.09
N PRO C 343 -8.50 -19.79 -22.00
CA PRO C 343 -8.91 -19.29 -20.68
C PRO C 343 -9.68 -20.30 -19.85
N LEU C 344 -10.49 -21.16 -20.46
CA LEU C 344 -11.21 -22.17 -19.69
C LEU C 344 -10.25 -23.18 -19.07
N ALA C 345 -9.28 -23.64 -19.85
CA ALA C 345 -8.26 -24.53 -19.32
C ALA C 345 -7.43 -23.85 -18.26
N THR C 346 -7.14 -22.56 -18.45
CA THR C 346 -6.41 -21.82 -17.43
C THR C 346 -7.23 -21.69 -16.16
N ALA C 347 -8.53 -21.54 -16.29
CA ALA C 347 -9.39 -21.48 -15.11
C ALA C 347 -9.40 -22.81 -14.38
N PHE C 348 -9.47 -23.91 -15.13
CA PHE C 348 -9.41 -25.23 -14.51
C PHE C 348 -8.08 -25.43 -13.78
N GLY C 349 -6.98 -25.06 -14.43
CA GLY C 349 -5.68 -25.21 -13.79
C GLY C 349 -5.47 -24.30 -12.60
N THR C 350 -5.92 -23.06 -12.68
CA THR C 350 -5.63 -22.05 -11.67
C THR C 350 -6.59 -22.06 -10.50
N SER C 351 -7.87 -22.35 -10.74
CA SER C 351 -8.92 -22.24 -9.73
C SER C 351 -9.01 -20.80 -9.24
N SER C 352 -9.04 -19.87 -10.17
CA SER C 352 -9.11 -18.44 -9.85
C SER C 352 -9.70 -17.71 -11.04
N SER C 353 -10.87 -17.10 -10.85
CA SER C 353 -11.55 -16.43 -11.96
C SER C 353 -10.85 -15.14 -12.33
N SER C 354 -10.42 -14.37 -11.33
CA SER C 354 -9.77 -13.09 -11.61
C SER C 354 -8.45 -13.29 -12.33
N ALA C 355 -7.74 -14.36 -12.03
CA ALA C 355 -6.42 -14.54 -12.62
C ALA C 355 -6.52 -14.92 -14.09
N THR C 356 -7.52 -15.70 -14.48
CA THR C 356 -7.68 -16.06 -15.90
C THR C 356 -8.23 -14.91 -16.75
N LEU C 357 -8.70 -13.83 -16.11
CA LEU C 357 -9.41 -12.79 -16.83
C LEU C 357 -8.58 -12.07 -17.89
N PRO C 358 -7.31 -11.71 -17.64
CA PRO C 358 -6.52 -11.10 -18.73
C PRO C 358 -6.42 -11.96 -19.98
N LEU C 359 -6.16 -13.25 -19.79
CA LEU C 359 -6.13 -14.18 -20.92
C LEU C 359 -7.48 -14.23 -21.61
N MET C 360 -8.57 -14.21 -20.83
CA MET C 360 -9.90 -14.23 -21.43
C MET C 360 -10.18 -12.98 -22.23
N MET C 361 -9.87 -11.81 -21.70
CA MET C 361 -10.19 -10.58 -22.42
C MET C 361 -9.35 -10.47 -23.69
N LYS C 362 -8.09 -10.92 -23.62
CA LYS C 362 -7.28 -11.00 -24.83
C LYS C 362 -7.92 -11.92 -25.86
N CYS C 363 -8.30 -13.13 -25.45
CA CYS C 363 -8.83 -14.09 -26.41
C CYS C 363 -10.18 -13.65 -26.99
N VAL C 364 -11.03 -13.05 -26.16
CA VAL C 364 -12.35 -12.66 -26.63
C VAL C 364 -12.24 -11.48 -27.59
N GLU C 365 -11.42 -10.47 -27.26
CA GLU C 365 -11.27 -9.35 -28.18
C GLU C 365 -10.55 -9.77 -29.46
N GLU C 366 -9.60 -10.70 -29.37
CA GLU C 366 -8.79 -11.07 -30.53
C GLU C 366 -9.53 -12.05 -31.43
N ASN C 367 -9.83 -13.24 -30.91
CA ASN C 367 -10.36 -14.31 -31.76
C ASN C 367 -11.80 -14.06 -32.13
N ASN C 368 -12.68 -14.03 -31.14
CA ASN C 368 -14.10 -13.85 -31.40
C ASN C 368 -14.39 -12.39 -31.71
N GLY C 369 -15.42 -12.17 -32.53
CA GLY C 369 -15.77 -10.84 -32.96
C GLY C 369 -16.63 -10.10 -31.95
N VAL C 370 -16.10 -9.91 -30.74
CA VAL C 370 -16.79 -9.19 -29.68
C VAL C 370 -16.20 -7.79 -29.63
N ALA C 371 -17.05 -6.81 -29.35
CA ALA C 371 -16.63 -5.42 -29.39
C ALA C 371 -15.68 -5.12 -28.25
N LYS C 372 -14.72 -4.26 -28.52
CA LYS C 372 -13.66 -3.96 -27.57
C LYS C 372 -14.22 -3.30 -26.32
N HIS C 373 -15.03 -2.25 -26.50
CA HIS C 373 -15.59 -1.52 -25.36
C HIS C 373 -16.56 -2.39 -24.55
N ILE C 374 -17.38 -3.18 -25.23
CA ILE C 374 -18.33 -4.05 -24.53
C ILE C 374 -17.57 -5.08 -23.71
N SER C 375 -16.51 -5.66 -24.31
CA SER C 375 -15.67 -6.61 -23.60
C SER C 375 -15.07 -5.98 -22.35
N ARG C 376 -14.49 -4.79 -22.51
CA ARG C 376 -13.85 -4.09 -21.40
C ARG C 376 -14.83 -3.83 -20.27
N PHE C 377 -16.04 -3.40 -20.59
CA PHE C 377 -16.99 -3.05 -19.54
C PHE C 377 -17.57 -4.28 -18.86
N ILE C 378 -17.84 -5.33 -19.63
CA ILE C 378 -18.64 -6.45 -19.11
C ILE C 378 -17.76 -7.45 -18.39
N LEU C 379 -16.69 -7.93 -19.05
CA LEU C 379 -15.97 -9.09 -18.53
C LEU C 379 -15.36 -8.90 -17.15
N PRO C 380 -14.76 -7.77 -16.80
CA PRO C 380 -14.35 -7.58 -15.40
C PRO C 380 -15.51 -7.63 -14.43
N ILE C 381 -16.63 -7.01 -14.77
CA ILE C 381 -17.81 -7.07 -13.91
C ILE C 381 -18.32 -8.49 -13.81
N GLY C 382 -18.17 -9.26 -14.88
CA GLY C 382 -18.54 -10.66 -14.81
C GLY C 382 -17.69 -11.44 -13.83
N ALA C 383 -16.42 -11.07 -13.71
CA ALA C 383 -15.52 -11.83 -12.85
C ALA C 383 -15.82 -11.61 -11.39
N THR C 384 -16.22 -10.41 -11.01
CA THR C 384 -16.43 -10.04 -9.62
C THR C 384 -17.86 -10.21 -9.13
N VAL C 385 -18.81 -10.56 -10.01
CA VAL C 385 -20.21 -10.64 -9.65
C VAL C 385 -20.76 -12.01 -10.07
N ASN C 386 -20.67 -12.32 -11.35
CA ASN C 386 -21.14 -13.61 -11.83
C ASN C 386 -20.24 -14.71 -11.30
N MET C 387 -20.79 -15.55 -10.43
CA MET C 387 -20.20 -16.83 -10.08
C MET C 387 -21.30 -17.89 -10.14
N ASP C 388 -21.58 -18.35 -11.36
CA ASP C 388 -22.60 -19.37 -11.57
C ASP C 388 -22.19 -20.67 -10.89
N GLY C 389 -20.95 -21.09 -11.11
CA GLY C 389 -20.49 -22.33 -10.53
C GLY C 389 -20.40 -22.27 -9.02
N ALA C 390 -20.00 -21.11 -8.49
CA ALA C 390 -19.91 -20.97 -7.05
C ALA C 390 -21.27 -21.10 -6.41
N ALA C 391 -22.26 -20.41 -6.97
CA ALA C 391 -23.63 -20.55 -6.46
C ALA C 391 -24.12 -21.98 -6.60
N LEU C 392 -23.76 -22.62 -7.72
CA LEU C 392 -24.16 -23.99 -7.99
C LEU C 392 -23.64 -24.94 -6.93
N PHE C 393 -22.32 -25.04 -6.78
CA PHE C 393 -21.80 -26.04 -5.86
C PHE C 393 -22.01 -25.64 -4.41
N GLN C 394 -22.19 -24.34 -4.10
CA GLN C 394 -22.59 -23.99 -2.75
C GLN C 394 -23.96 -24.55 -2.43
N CYS C 395 -24.91 -24.38 -3.36
CA CYS C 395 -26.25 -24.90 -3.14
C CYS C 395 -26.24 -26.43 -3.11
N VAL C 396 -25.45 -27.05 -3.97
CA VAL C 396 -25.37 -28.51 -4.00
C VAL C 396 -24.75 -29.03 -2.71
N ALA C 397 -23.73 -28.35 -2.19
CA ALA C 397 -23.13 -28.76 -0.93
C ALA C 397 -24.12 -28.65 0.20
N ALA C 398 -24.89 -27.56 0.23
CA ALA C 398 -25.93 -27.40 1.25
C ALA C 398 -26.95 -28.52 1.16
N VAL C 399 -27.40 -28.84 -0.05
CA VAL C 399 -28.40 -29.87 -0.22
C VAL C 399 -27.82 -31.24 0.14
N PHE C 400 -26.54 -31.47 -0.12
CA PHE C 400 -25.92 -32.74 0.24
C PHE C 400 -25.85 -32.91 1.76
N ILE C 401 -25.36 -31.90 2.47
CA ILE C 401 -25.26 -32.01 3.91
C ILE C 401 -26.64 -32.07 4.56
N ALA C 402 -27.64 -31.48 3.90
CA ALA C 402 -29.01 -31.62 4.39
C ALA C 402 -29.56 -33.00 4.08
N GLN C 403 -29.19 -33.58 2.94
CA GLN C 403 -29.68 -34.90 2.57
C GLN C 403 -29.19 -35.96 3.54
N LEU C 404 -27.90 -35.93 3.89
CA LEU C 404 -27.48 -36.70 5.05
C LEU C 404 -28.08 -36.05 6.29
N SER C 405 -28.51 -36.89 7.22
CA SER C 405 -29.32 -36.58 8.41
C SER C 405 -30.80 -36.38 8.08
N GLN C 406 -31.20 -36.44 6.80
CA GLN C 406 -32.60 -36.47 6.38
C GLN C 406 -33.36 -35.21 6.83
N GLN C 407 -32.92 -34.06 6.32
CA GLN C 407 -33.65 -32.81 6.52
C GLN C 407 -34.74 -32.66 5.47
N SER C 408 -35.68 -31.75 5.74
CA SER C 408 -36.88 -31.65 4.90
C SER C 408 -36.61 -30.84 3.62
N LEU C 409 -36.36 -29.54 3.78
CA LEU C 409 -36.11 -28.61 2.68
C LEU C 409 -37.22 -28.68 1.61
N ASP C 410 -38.42 -28.28 2.01
CA ASP C 410 -39.57 -28.52 1.12
C ASP C 410 -39.67 -27.47 0.02
N PHE C 411 -39.98 -26.21 0.35
CA PHE C 411 -40.08 -25.14 -0.65
C PHE C 411 -39.45 -23.83 -0.15
N VAL C 412 -39.73 -23.48 1.10
CA VAL C 412 -39.29 -22.19 1.63
C VAL C 412 -37.78 -22.19 1.82
N LYS C 413 -37.25 -23.27 2.39
CA LYS C 413 -35.81 -23.37 2.57
C LYS C 413 -35.11 -23.48 1.23
N ILE C 414 -35.74 -24.09 0.23
CA ILE C 414 -35.16 -24.15 -1.10
C ILE C 414 -35.01 -22.74 -1.67
N ILE C 415 -36.06 -21.93 -1.55
CA ILE C 415 -36.00 -20.55 -2.03
C ILE C 415 -34.96 -19.76 -1.25
N THR C 416 -34.83 -20.05 0.05
CA THR C 416 -33.85 -19.35 0.87
C THR C 416 -32.43 -19.66 0.41
N ILE C 417 -32.13 -20.92 0.18
CA ILE C 417 -30.80 -21.31 -0.28
C ILE C 417 -30.53 -20.70 -1.65
N LEU C 418 -31.55 -20.67 -2.52
CA LEU C 418 -31.38 -20.04 -3.84
C LEU C 418 -30.99 -18.57 -3.71
N VAL C 419 -31.75 -17.82 -2.91
CA VAL C 419 -31.52 -16.37 -2.84
C VAL C 419 -30.19 -16.07 -2.16
N THR C 420 -29.89 -16.78 -1.07
CA THR C 420 -28.63 -16.50 -0.38
C THR C 420 -27.44 -16.96 -1.19
N ALA C 421 -27.58 -18.02 -2.00
CA ALA C 421 -26.51 -18.39 -2.92
C ALA C 421 -26.32 -17.32 -3.99
N THR C 422 -27.42 -16.79 -4.51
CA THR C 422 -27.34 -15.75 -5.54
C THR C 422 -26.65 -14.50 -5.00
N ALA C 423 -26.93 -14.13 -3.76
CA ALA C 423 -26.25 -12.99 -3.16
C ALA C 423 -24.80 -13.32 -2.80
N SER C 424 -24.55 -14.55 -2.36
CA SER C 424 -23.19 -14.94 -1.99
C SER C 424 -22.30 -15.12 -3.20
N SER C 425 -22.87 -15.21 -4.41
CA SER C 425 -22.06 -15.16 -5.63
C SER C 425 -21.14 -13.94 -5.64
N VAL C 426 -21.67 -12.79 -5.24
CA VAL C 426 -20.88 -11.58 -5.07
C VAL C 426 -20.31 -11.48 -3.65
N GLY C 427 -20.98 -12.10 -2.67
CA GLY C 427 -20.47 -12.08 -1.30
C GLY C 427 -19.09 -12.71 -1.17
N ALA C 428 -18.89 -13.86 -1.82
CA ALA C 428 -17.59 -14.51 -1.86
C ALA C 428 -16.61 -13.84 -2.82
N ALA C 429 -17.07 -12.90 -3.65
CA ALA C 429 -16.22 -12.37 -4.71
C ALA C 429 -15.17 -11.41 -4.18
N GLY C 430 -15.55 -10.55 -3.23
CA GLY C 430 -14.61 -9.58 -2.71
C GLY C 430 -13.46 -10.22 -1.95
N ILE C 431 -13.74 -11.31 -1.24
CA ILE C 431 -12.75 -12.02 -0.42
C ILE C 431 -12.19 -13.17 -1.25
N PRO C 432 -10.87 -13.22 -1.53
CA PRO C 432 -10.33 -14.41 -2.21
C PRO C 432 -10.14 -15.61 -1.30
N ALA C 433 -9.99 -15.42 0.00
CA ALA C 433 -9.74 -16.54 0.89
C ALA C 433 -10.96 -17.46 1.01
N GLY C 434 -12.16 -16.90 0.95
CA GLY C 434 -13.37 -17.69 1.11
C GLY C 434 -13.74 -18.50 -0.11
N GLY C 435 -12.96 -19.54 -0.40
CA GLY C 435 -13.28 -20.40 -1.53
C GLY C 435 -14.60 -21.12 -1.34
N VAL C 436 -14.80 -21.71 -0.16
CA VAL C 436 -16.08 -22.31 0.24
C VAL C 436 -16.45 -21.89 1.65
N LEU C 437 -15.81 -20.85 2.19
CA LEU C 437 -16.09 -20.43 3.55
C LEU C 437 -17.50 -19.86 3.69
N THR C 438 -18.08 -19.36 2.60
CA THR C 438 -19.37 -18.68 2.68
C THR C 438 -20.52 -19.65 2.93
N LEU C 439 -20.30 -20.97 2.80
CA LEU C 439 -21.37 -21.90 3.09
C LEU C 439 -21.74 -21.89 4.57
N ALA C 440 -20.79 -21.58 5.45
CA ALA C 440 -21.07 -21.55 6.88
C ALA C 440 -22.07 -20.47 7.22
N ILE C 441 -21.95 -19.28 6.61
CA ILE C 441 -22.89 -18.21 6.94
C ILE C 441 -24.27 -18.50 6.36
N ILE C 442 -24.33 -19.21 5.23
CA ILE C 442 -25.61 -19.67 4.68
C ILE C 442 -26.30 -20.60 5.69
N LEU C 443 -25.54 -21.59 6.18
CA LEU C 443 -26.12 -22.53 7.13
C LEU C 443 -26.41 -21.88 8.47
N GLU C 444 -25.74 -20.78 8.79
CA GLU C 444 -26.12 -19.97 9.95
C GLU C 444 -27.45 -19.28 9.71
N ALA C 445 -27.66 -18.78 8.48
CA ALA C 445 -28.93 -18.13 8.15
C ALA C 445 -30.09 -19.10 8.27
N VAL C 446 -29.91 -20.33 7.79
CA VAL C 446 -30.99 -21.32 7.70
C VAL C 446 -30.82 -22.47 8.70
N ASN C 447 -29.76 -22.46 9.51
CA ASN C 447 -29.66 -23.29 10.72
C ASN C 447 -29.69 -24.79 10.39
N LEU C 448 -28.64 -25.23 9.70
CA LEU C 448 -28.37 -26.61 9.34
C LEU C 448 -27.13 -27.13 10.07
N PRO C 449 -26.88 -28.45 10.02
CA PRO C 449 -25.64 -28.95 10.64
C PRO C 449 -24.39 -28.53 9.90
N VAL C 450 -23.61 -27.66 10.54
CA VAL C 450 -22.29 -27.25 10.05
C VAL C 450 -21.21 -28.16 10.65
N ASP C 451 -21.62 -29.27 11.29
CA ASP C 451 -20.68 -30.09 12.04
C ASP C 451 -19.68 -30.82 11.13
N HIS C 452 -19.97 -30.91 9.82
CA HIS C 452 -19.14 -31.66 8.88
C HIS C 452 -18.89 -30.84 7.61
N ILE C 453 -18.83 -29.51 7.74
CA ILE C 453 -18.45 -28.65 6.62
C ILE C 453 -17.02 -28.92 6.15
N SER C 454 -16.17 -29.45 7.02
CA SER C 454 -14.79 -29.73 6.64
C SER C 454 -14.65 -30.88 5.66
N LEU C 455 -15.72 -31.63 5.38
CA LEU C 455 -15.66 -32.71 4.39
C LEU C 455 -15.26 -32.20 3.03
N ILE C 456 -15.83 -31.06 2.61
CA ILE C 456 -15.59 -30.54 1.27
C ILE C 456 -14.20 -29.96 1.12
N LEU C 457 -13.55 -29.54 2.21
CA LEU C 457 -12.24 -28.90 2.12
C LEU C 457 -11.19 -29.86 1.55
N ALA C 458 -11.37 -31.17 1.74
CA ALA C 458 -10.47 -32.14 1.13
C ALA C 458 -10.63 -32.16 -0.38
N VAL C 459 -11.83 -31.89 -0.88
CA VAL C 459 -12.16 -31.95 -2.31
C VAL C 459 -12.56 -30.58 -2.84
N ASP C 460 -12.27 -29.50 -2.12
CA ASP C 460 -12.54 -28.17 -2.65
C ASP C 460 -11.67 -27.86 -3.85
N TRP C 461 -10.44 -28.39 -3.88
CA TRP C 461 -9.49 -28.10 -4.95
C TRP C 461 -9.90 -28.64 -6.31
N LEU C 462 -10.88 -29.54 -6.38
CA LEU C 462 -11.36 -30.14 -7.61
C LEU C 462 -12.65 -29.52 -8.13
N VAL C 463 -13.67 -29.46 -7.28
CA VAL C 463 -14.97 -28.95 -7.71
C VAL C 463 -14.90 -27.46 -8.01
N ASP C 464 -14.07 -26.72 -7.26
CA ASP C 464 -13.91 -25.28 -7.43
C ASP C 464 -13.22 -24.88 -8.73
N ARG C 465 -12.67 -25.83 -9.48
CA ARG C 465 -12.01 -25.52 -10.74
C ARG C 465 -13.03 -25.44 -11.88
N SER C 466 -13.91 -26.43 -11.95
CA SER C 466 -15.03 -26.37 -12.90
C SER C 466 -15.91 -25.17 -12.63
N CYS C 467 -16.02 -24.76 -11.36
CA CYS C 467 -16.68 -23.49 -11.03
C CYS C 467 -16.05 -22.32 -11.77
N THR C 468 -14.73 -22.21 -11.71
CA THR C 468 -14.03 -21.10 -12.38
C THR C 468 -14.26 -21.14 -13.88
N VAL C 469 -14.26 -22.36 -14.44
CA VAL C 469 -14.52 -22.53 -15.87
C VAL C 469 -15.89 -21.97 -16.22
N LEU C 470 -16.90 -22.33 -15.42
CA LEU C 470 -18.24 -21.91 -15.74
C LEU C 470 -18.43 -20.42 -15.51
N ASN C 471 -17.74 -19.86 -14.52
CA ASN C 471 -17.88 -18.43 -14.24
C ASN C 471 -17.38 -17.59 -15.40
N VAL C 472 -16.17 -17.90 -15.88
CA VAL C 472 -15.64 -17.14 -17.00
C VAL C 472 -16.47 -17.39 -18.27
N GLU C 473 -17.00 -18.61 -18.41
CA GLU C 473 -17.87 -18.90 -19.53
C GLU C 473 -19.13 -18.04 -19.50
N GLY C 474 -19.77 -17.93 -18.34
CA GLY C 474 -20.95 -17.10 -18.24
C GLY C 474 -20.66 -15.64 -18.50
N ASP C 475 -19.49 -15.17 -18.05
CA ASP C 475 -19.08 -13.80 -18.34
C ASP C 475 -18.97 -13.56 -19.83
N ALA C 476 -18.29 -14.45 -20.54
CA ALA C 476 -18.11 -14.27 -21.98
C ALA C 476 -19.44 -14.36 -22.72
N LEU C 477 -20.31 -15.27 -22.32
CA LEU C 477 -21.60 -15.37 -22.99
C LEU C 477 -22.46 -14.14 -22.77
N GLY C 478 -22.43 -13.58 -21.55
CA GLY C 478 -23.10 -12.31 -21.32
C GLY C 478 -22.55 -11.20 -22.18
N ALA C 479 -21.22 -11.20 -22.36
CA ALA C 479 -20.59 -10.19 -23.19
C ALA C 479 -21.04 -10.31 -24.64
N GLY C 480 -21.11 -11.54 -25.15
CA GLY C 480 -21.55 -11.74 -26.52
C GLY C 480 -22.99 -11.33 -26.73
N LEU C 481 -23.88 -11.73 -25.79
CA LEU C 481 -25.28 -11.36 -25.89
C LEU C 481 -25.45 -9.86 -25.88
N LEU C 482 -24.75 -9.17 -24.97
CA LEU C 482 -24.93 -7.73 -24.88
C LEU C 482 -24.26 -7.00 -26.02
N GLN C 483 -23.21 -7.59 -26.61
CA GLN C 483 -22.65 -7.03 -27.84
C GLN C 483 -23.67 -7.06 -28.95
N ASN C 484 -24.35 -8.19 -29.11
CA ASN C 484 -25.37 -8.27 -30.14
C ASN C 484 -26.56 -7.36 -29.84
N TYR C 485 -26.91 -7.19 -28.56
CA TYR C 485 -28.00 -6.31 -28.19
C TYR C 485 -27.66 -4.85 -28.50
N VAL C 486 -26.44 -4.42 -28.19
CA VAL C 486 -26.02 -3.06 -28.51
C VAL C 486 -25.91 -2.89 -30.02
N ASP C 487 -25.48 -3.94 -30.73
CA ASP C 487 -25.38 -3.87 -32.18
C ASP C 487 -26.76 -3.68 -32.82
N ARG C 488 -27.76 -4.40 -32.32
CA ARG C 488 -29.12 -4.24 -32.81
C ARG C 488 -29.66 -2.86 -32.47
C10 TG2 D . -7.65 15.81 12.94
C13 TG2 D . -9.45 14.08 9.94
C15 TG2 D . -9.70 12.69 11.96
C17 TG2 D . -10.74 11.98 9.62
C20 TG2 D . -12.22 10.20 8.08
C21 TG2 D . -12.63 10.52 9.37
C22 TG2 D . -11.89 11.40 10.14
C01 TG2 D . -10.27 16.18 14.50
C02 TG2 D . -8.94 16.76 14.72
C03 TG2 D . -9.14 18.13 15.35
C05 TG2 D . -11.16 17.39 14.36
C06 TG2 D . -11.50 17.58 12.88
C11 TG2 D . -8.45 14.82 12.06
C12 TG2 D . -8.65 15.07 10.79
C14 TG2 D . -9.93 12.98 10.48
C16 TG2 D . -9.02 13.54 12.70
C18 TG2 D . -10.32 11.67 8.32
C19 TG2 D . -11.06 10.78 7.56
N04 TG2 D . -10.45 18.57 14.86
O07 TG2 D . -12.14 18.60 12.53
O08 TG2 D . -11.14 16.73 12.04
O09 TG2 D . -8.28 16.96 13.46
O23 TG2 D . -6.51 15.59 13.17
C10 TG2 E . 21.44 -3.97 0.14
C13 TG2 E . 19.64 -0.50 0.14
C15 TG2 E . 19.72 -1.39 2.45
C17 TG2 E . 18.59 0.95 1.87
C20 TG2 E . 17.29 3.25 2.70
C21 TG2 E . 18.34 2.74 3.44
C22 TG2 E . 18.99 1.58 3.03
C01 TG2 E . 23.76 -2.94 1.88
C02 TG2 E . 23.63 -4.18 1.09
C03 TG2 E . 25.03 -4.58 0.65
C05 TG2 E . 25.01 -2.30 1.33
C06 TG2 E . 24.61 -1.15 0.41
C11 TG2 E . 20.70 -2.68 0.58
C12 TG2 E . 20.37 -1.77 -0.32
C14 TG2 E . 19.33 -0.34 1.41
C16 TG2 E . 20.35 -2.48 2.06
C18 TG2 E . 17.54 1.46 1.11
C19 TG2 E . 16.89 2.61 1.53
N04 TG2 E . 25.75 -3.30 0.55
O07 TG2 E . 25.49 -0.55 -0.27
O08 TG2 E . 23.40 -0.81 0.32
O09 TG2 E . 22.84 -3.93 -0.07
O23 TG2 E . 20.84 -4.97 -0.02
C10 TG2 F . -13.48 -16.32 -5.39
C13 TG2 F . -10.09 -15.34 -7.06
C15 TG2 F . -9.66 -16.74 -5.05
C17 TG2 F . -7.69 -15.78 -6.58
C20 TG2 F . -4.98 -15.57 -7.14
C21 TG2 F . -5.51 -16.80 -6.73
C22 TG2 F . -6.86 -16.89 -6.44
C01 TG2 F . -13.06 -19.33 -5.92
C02 TG2 F . -14.26 -18.58 -5.51
C03 TG2 F . -15.47 -19.34 -6.05
C05 TG2 F . -13.48 -20.02 -7.18
C06 TG2 F . -12.90 -19.28 -8.38
C11 TG2 F . -11.98 -16.17 -5.71
C12 TG2 F . -11.58 -15.47 -6.76
C14 TG2 F . -9.20 -15.92 -6.26
C16 TG2 F . -10.95 -16.85 -4.80
C18 TG2 F . -7.16 -14.56 -6.98
C19 TG2 F . -5.80 -14.46 -7.27
N04 TG2 F . -14.95 -20.00 -7.26
O07 TG2 F . -13.24 -19.62 -9.55
O08 TG2 F . -12.11 -18.34 -8.20
O09 TG2 F . -14.25 -17.28 -6.09
O23 TG2 F . -13.97 -15.63 -4.57
#